data_7T60
#
_entry.id   7T60
#
_cell.length_a   80.100
_cell.length_b   82.220
_cell.length_c   222.010
_cell.angle_alpha   90.000
_cell.angle_beta   90.000
_cell.angle_gamma   90.000
#
_symmetry.space_group_name_H-M   'P 21 21 21'
#
loop_
_entity.id
_entity.type
_entity.pdbx_description
1 polymer 'Acyl-[acyl-carrier-protein]--UDP-N-acetylglucosamine O-acyltransferase'
2 non-polymer GLYCEROL
3 non-polymer (3S)-3-(5,5-dimethyl-2-oxo-1,3-oxazolidin-3-yl)-N-(1H-tetrazol-5-yl)-1-[3-(trifluoromethyl)benzoyl]-2,3-dihydro-1H-indole-3-carboxamide
4 non-polymer 2-AMINO-2-HYDROXYMETHYL-PROPANE-1,3-DIOL
5 water water
#
_entity_poly.entity_id   1
_entity_poly.type   'polypeptide(L)'
_entity_poly.pdbx_seq_one_letter_code
;MSLIDPRAIIDPSARLAADVQVGPWSIVGAEVEIGEGTVIGPHVVLKGPTKIGKHNRIYQFSSVGEDTPDLKYKGEPTRL
VIGDHNVIREGVTIHRGTVQDRAETTIGDHNLIMAYAHIGHDSVIGNHCILVNNTALAGHVHVDDWAILSGYTLVHQYCR
IGAHSFSGMGSAIGKDVPAYVTVFGNPAEARSMNFEGMRRRGFSSEAIHALRRAYKVVYRQGHTVEEALAELAESAAQFP
EVAVFRDSIQSATRGITR
;
_entity_poly.pdbx_strand_id   A,B,C,D,E,F
#
loop_
_chem_comp.id
_chem_comp.type
_chem_comp.name
_chem_comp.formula
F9H non-polymer (3S)-3-(5,5-dimethyl-2-oxo-1,3-oxazolidin-3-yl)-N-(1H-tetrazol-5-yl)-1-[3-(trifluoromethyl)benzoyl]-2,3-dihydro-1H-indole-3-carboxamide 'C23 H20 F3 N7 O4'
GOL non-polymer GLYCEROL 'C3 H8 O3'
TRS non-polymer 2-AMINO-2-HYDROXYMETHYL-PROPANE-1,3-DIOL 'C4 H12 N O3 1'
#
# COMPACT_ATOMS: atom_id res chain seq x y z
N SER A 2 14.33 31.71 30.97
CA SER A 2 13.14 31.39 31.83
C SER A 2 11.86 31.77 31.08
N LEU A 3 10.92 30.84 31.00
CA LEU A 3 9.59 31.07 30.39
C LEU A 3 8.58 30.26 31.18
N ILE A 4 7.78 30.91 32.02
CA ILE A 4 6.69 30.23 32.76
C ILE A 4 5.39 30.47 31.99
N ASP A 5 4.80 29.43 31.41
CA ASP A 5 3.59 29.60 30.61
C ASP A 5 2.52 30.04 31.60
N PRO A 6 1.74 31.07 31.24
CA PRO A 6 0.70 31.56 32.13
C PRO A 6 -0.46 30.57 32.29
N ARG A 7 -0.54 29.54 31.45
CA ARG A 7 -1.63 28.52 31.57
C ARG A 7 -1.20 27.43 32.56
N ALA A 8 0.07 27.41 32.95
CA ALA A 8 0.60 26.57 34.05
C ALA A 8 0.03 27.03 35.39
N ILE A 9 -0.11 26.09 36.33
CA ILE A 9 -0.43 26.41 37.75
C ILE A 9 0.85 26.21 38.57
N ILE A 10 1.40 27.31 39.13
CA ILE A 10 2.58 27.27 40.04
C ILE A 10 2.09 27.58 41.47
N ASP A 11 2.15 26.59 42.36
CA ASP A 11 1.86 26.75 43.81
C ASP A 11 2.77 27.84 44.37
N PRO A 12 2.23 28.78 45.17
CA PRO A 12 3.06 29.81 45.80
C PRO A 12 4.24 29.26 46.64
N SER A 13 4.15 28.03 47.19
CA SER A 13 5.30 27.43 47.94
C SER A 13 6.34 26.83 47.00
N ALA A 14 6.08 26.73 45.68
CA ALA A 14 7.06 26.17 44.72
C ALA A 14 8.24 27.13 44.59
N ARG A 15 9.44 26.61 44.38
CA ARG A 15 10.69 27.39 44.16
C ARG A 15 11.31 27.01 42.82
N LEU A 16 11.37 27.96 41.88
CA LEU A 16 11.94 27.79 40.52
C LEU A 16 13.23 28.57 40.49
N ALA A 17 14.33 27.97 40.07
CA ALA A 17 15.62 28.64 39.85
C ALA A 17 15.63 29.33 38.48
N ALA A 18 16.77 29.94 38.15
CA ALA A 18 16.98 30.75 36.93
C ALA A 18 16.83 29.82 35.73
N ASP A 19 16.19 30.29 34.65
CA ASP A 19 16.18 29.61 33.33
C ASP A 19 15.28 28.37 33.36
N VAL A 20 14.43 28.24 34.35
CA VAL A 20 13.43 27.15 34.40
C VAL A 20 12.35 27.51 33.38
N GLN A 21 11.94 26.55 32.55
CA GLN A 21 10.75 26.65 31.66
C GLN A 21 9.68 25.67 32.14
N VAL A 22 8.45 26.15 32.15
CA VAL A 22 7.22 25.38 32.45
C VAL A 22 6.23 25.65 31.32
N GLY A 23 5.83 24.58 30.64
CA GLY A 23 4.89 24.62 29.53
C GLY A 23 3.47 24.80 30.01
N PRO A 24 2.57 25.04 29.04
CA PRO A 24 1.17 25.22 29.33
C PRO A 24 0.53 23.98 29.95
N TRP A 25 -0.42 24.25 30.82
CA TRP A 25 -1.30 23.26 31.50
C TRP A 25 -0.47 22.29 32.35
N SER A 26 0.67 22.73 32.85
CA SER A 26 1.45 21.92 33.81
C SER A 26 1.13 22.42 35.21
N ILE A 27 1.27 21.54 36.20
CA ILE A 27 1.10 21.86 37.64
C ILE A 27 2.45 21.64 38.34
N VAL A 28 3.00 22.71 38.91
CA VAL A 28 4.15 22.61 39.86
C VAL A 28 3.55 22.75 41.26
N GLY A 29 3.31 21.64 41.94
CA GLY A 29 2.59 21.62 43.23
C GLY A 29 3.40 22.23 44.36
N ALA A 30 2.78 22.31 45.53
CA ALA A 30 3.41 22.81 46.76
C ALA A 30 4.65 21.99 47.06
N GLU A 31 5.72 22.66 47.48
CA GLU A 31 6.94 22.04 48.05
C GLU A 31 7.69 21.33 46.93
N VAL A 32 7.52 21.80 45.70
CA VAL A 32 8.36 21.38 44.55
C VAL A 32 9.44 22.42 44.33
N GLU A 33 10.69 22.01 44.39
CA GLU A 33 11.86 22.85 44.06
C GLU A 33 12.41 22.42 42.69
N ILE A 34 12.61 23.38 41.78
CA ILE A 34 13.18 23.10 40.43
C ILE A 34 14.46 23.88 40.20
N GLY A 35 15.51 23.13 39.88
CA GLY A 35 16.87 23.63 39.64
C GLY A 35 17.07 24.26 38.26
N GLU A 36 18.20 24.93 38.12
CA GLU A 36 18.49 25.89 37.03
C GLU A 36 18.45 25.17 35.69
N GLY A 37 17.83 25.80 34.69
CA GLY A 37 17.87 25.28 33.31
C GLY A 37 16.91 24.10 33.10
N THR A 38 16.11 23.71 34.07
CA THR A 38 15.20 22.53 33.95
C THR A 38 14.01 22.94 33.11
N VAL A 39 13.68 22.10 32.13
CA VAL A 39 12.55 22.34 31.22
C VAL A 39 11.46 21.37 31.58
N ILE A 40 10.34 21.90 32.06
CA ILE A 40 9.09 21.16 32.26
C ILE A 40 8.23 21.36 31.01
N GLY A 41 7.85 20.27 30.34
CA GLY A 41 6.95 20.33 29.15
C GLY A 41 5.53 20.78 29.50
N PRO A 42 4.63 20.79 28.51
CA PRO A 42 3.21 20.95 28.76
C PRO A 42 2.61 19.66 29.37
N HIS A 43 1.47 19.79 30.02
CA HIS A 43 0.68 18.65 30.54
C HIS A 43 1.52 17.83 31.54
N VAL A 44 2.40 18.44 32.30
CA VAL A 44 3.17 17.72 33.35
C VAL A 44 2.50 17.99 34.69
N VAL A 45 2.42 16.97 35.55
CA VAL A 45 1.93 17.11 36.95
C VAL A 45 3.12 16.88 37.87
N LEU A 46 3.64 17.92 38.55
CA LEU A 46 4.68 17.72 39.60
C LEU A 46 4.02 17.89 40.96
N LYS A 47 4.26 16.96 41.86
CA LYS A 47 3.69 17.01 43.22
C LYS A 47 4.87 16.89 44.17
N GLY A 48 4.78 17.49 45.35
CA GLY A 48 5.89 17.52 46.32
C GLY A 48 5.54 16.80 47.61
N PRO A 49 6.43 16.82 48.63
CA PRO A 49 7.73 17.48 48.54
C PRO A 49 8.77 16.78 47.65
N THR A 50 9.39 17.54 46.74
CA THR A 50 10.19 17.02 45.61
C THR A 50 11.25 18.07 45.31
N LYS A 51 12.50 17.64 45.15
CA LYS A 51 13.65 18.46 44.69
C LYS A 51 14.15 17.95 43.33
N ILE A 52 14.03 18.77 42.29
CA ILE A 52 14.54 18.48 40.93
C ILE A 52 15.76 19.37 40.72
N GLY A 53 16.86 18.82 40.23
CA GLY A 53 18.13 19.54 40.06
C GLY A 53 18.17 20.38 38.77
N LYS A 54 19.34 20.47 38.16
CA LYS A 54 19.60 21.40 37.03
C LYS A 54 19.55 20.68 35.69
N HIS A 55 19.07 21.36 34.66
CA HIS A 55 19.25 20.92 33.25
C HIS A 55 18.56 19.56 33.05
N ASN A 56 17.47 19.33 33.75
CA ASN A 56 16.53 18.22 33.50
C ASN A 56 15.57 18.61 32.36
N ARG A 57 14.93 17.62 31.77
CA ARG A 57 13.86 17.79 30.76
C ARG A 57 12.77 16.78 31.11
N ILE A 58 11.55 17.26 31.37
CA ILE A 58 10.38 16.40 31.71
C ILE A 58 9.31 16.65 30.64
N TYR A 59 8.95 15.58 29.94
CA TYR A 59 7.99 15.60 28.82
C TYR A 59 6.55 15.48 29.33
N GLN A 60 5.66 15.88 28.46
CA GLN A 60 4.19 15.83 28.59
C GLN A 60 3.70 14.48 29.14
N PHE A 61 2.68 14.58 29.98
CA PHE A 61 1.74 13.57 30.52
C PHE A 61 2.46 12.78 31.62
N SER A 62 3.62 13.23 32.05
CA SER A 62 4.37 12.62 33.17
C SER A 62 3.71 13.05 34.49
N SER A 63 3.67 12.16 35.48
CA SER A 63 3.27 12.45 36.88
C SER A 63 4.46 12.15 37.78
N VAL A 64 5.07 13.22 38.30
CA VAL A 64 6.38 13.13 38.99
C VAL A 64 6.14 13.58 40.44
N GLY A 65 6.26 12.63 41.37
CA GLY A 65 6.11 12.87 42.82
C GLY A 65 4.71 12.57 43.28
N GLU A 66 3.98 11.69 42.63
CA GLU A 66 2.70 11.16 43.15
C GLU A 66 2.95 10.20 44.32
N ASP A 67 1.91 9.97 45.11
CA ASP A 67 1.86 8.99 46.20
C ASP A 67 1.63 7.60 45.59
N THR A 68 2.26 6.59 46.15
CA THR A 68 2.04 5.17 45.78
C THR A 68 0.60 4.78 46.05
N PRO A 69 -0.07 4.05 45.15
CA PRO A 69 -1.42 3.57 45.46
C PRO A 69 -1.39 2.38 46.41
N ASP A 70 -0.20 1.89 46.73
CA ASP A 70 0.06 0.62 47.44
C ASP A 70 -0.35 0.79 48.91
N LEU A 71 -0.37 2.04 49.41
CA LEU A 71 -0.82 2.41 50.79
C LEU A 71 -2.19 3.11 50.67
N LYS A 72 -3.20 2.69 51.42
CA LYS A 72 -4.48 3.44 51.32
C LYS A 72 -4.35 4.76 52.05
N TYR A 73 -3.72 4.71 53.24
CA TYR A 73 -3.55 5.83 54.20
C TYR A 73 -2.11 6.32 54.07
N LYS A 74 -1.93 7.40 53.30
CA LYS A 74 -0.59 7.93 52.96
C LYS A 74 0.03 8.52 54.23
N GLY A 75 1.37 8.40 54.34
CA GLY A 75 2.20 9.11 55.33
C GLY A 75 2.89 10.29 54.68
N GLU A 76 3.12 11.36 55.42
CA GLU A 76 3.96 12.46 54.95
C GLU A 76 4.76 12.95 56.15
N PRO A 77 5.91 13.61 55.93
CA PRO A 77 6.36 13.92 54.58
C PRO A 77 7.15 12.75 53.99
N THR A 78 6.91 12.39 52.72
CA THR A 78 7.84 11.53 51.96
C THR A 78 8.28 12.32 50.73
N ARG A 79 9.52 12.08 50.28
CA ARG A 79 10.24 12.97 49.33
C ARG A 79 10.56 12.26 48.01
N LEU A 80 10.80 13.06 46.99
CA LEU A 80 11.42 12.60 45.74
C LEU A 80 12.57 13.56 45.45
N VAL A 81 13.72 13.03 45.14
CA VAL A 81 14.95 13.79 44.80
C VAL A 81 15.41 13.29 43.44
N ILE A 82 15.48 14.22 42.49
CA ILE A 82 16.08 14.05 41.15
C ILE A 82 17.28 14.98 41.06
N GLY A 83 18.39 14.50 40.54
CA GLY A 83 19.59 15.30 40.34
C GLY A 83 19.54 16.03 38.99
N ASP A 84 20.65 15.95 38.25
CA ASP A 84 20.93 16.90 37.15
C ASP A 84 20.95 16.15 35.81
N HIS A 85 20.60 16.86 34.73
CA HIS A 85 20.84 16.38 33.33
C HIS A 85 20.12 15.04 33.07
N ASN A 86 18.96 14.82 33.70
CA ASN A 86 18.06 13.66 33.43
C ASN A 86 17.06 14.03 32.34
N VAL A 87 16.69 13.04 31.55
CA VAL A 87 15.60 13.17 30.57
C VAL A 87 14.51 12.21 31.01
N ILE A 88 13.33 12.75 31.29
CA ILE A 88 12.13 11.96 31.66
C ILE A 88 11.12 12.17 30.52
N ARG A 89 10.83 11.11 29.75
CA ARG A 89 10.06 11.18 28.48
C ARG A 89 8.57 11.10 28.81
N GLU A 90 7.75 10.94 27.80
CA GLU A 90 6.29 11.08 27.87
C GLU A 90 5.69 10.05 28.82
N GLY A 91 4.72 10.46 29.61
CA GLY A 91 3.90 9.54 30.41
C GLY A 91 4.65 8.84 31.53
N VAL A 92 5.83 9.28 31.94
CA VAL A 92 6.56 8.58 33.02
C VAL A 92 5.86 8.80 34.37
N THR A 93 5.80 7.79 35.24
CA THR A 93 5.26 7.91 36.62
C THR A 93 6.40 7.65 37.61
N ILE A 94 6.58 8.56 38.53
CA ILE A 94 7.64 8.48 39.58
C ILE A 94 6.95 8.80 40.89
N HIS A 95 6.94 7.83 41.79
CA HIS A 95 6.26 7.93 43.10
C HIS A 95 7.29 8.34 44.15
N ARG A 96 6.83 9.10 45.15
CA ARG A 96 7.73 9.50 46.26
C ARG A 96 7.89 8.29 47.16
N GLY A 97 8.75 8.39 48.17
CA GLY A 97 9.01 7.32 49.14
C GLY A 97 7.84 7.08 50.10
N THR A 98 7.96 6.06 50.94
CA THR A 98 6.98 5.77 52.02
C THR A 98 7.61 5.90 53.41
N VAL A 99 6.80 6.23 54.40
CA VAL A 99 7.30 6.49 55.79
C VAL A 99 7.87 5.19 56.36
N GLN A 100 7.24 4.07 56.05
CA GLN A 100 7.67 2.72 56.50
C GLN A 100 9.20 2.67 56.39
N ASP A 101 9.71 3.01 55.20
CA ASP A 101 11.06 2.61 54.68
C ASP A 101 12.01 3.82 54.54
N ARG A 102 12.37 4.20 53.30
CA ARG A 102 13.42 5.24 53.04
C ARG A 102 12.79 6.61 53.23
N ALA A 103 11.48 6.73 53.04
CA ALA A 103 10.76 8.02 52.95
C ALA A 103 11.23 8.85 51.74
N GLU A 104 12.00 8.27 50.81
CA GLU A 104 12.60 9.04 49.67
C GLU A 104 12.82 8.08 48.49
N THR A 105 12.38 8.49 47.31
CA THR A 105 12.75 7.91 46.00
C THR A 105 13.82 8.85 45.45
N THR A 106 14.91 8.30 44.93
CA THR A 106 16.14 9.06 44.61
C THR A 106 16.58 8.67 43.21
N ILE A 107 16.76 9.68 42.36
CA ILE A 107 17.38 9.55 41.01
C ILE A 107 18.60 10.46 40.99
N GLY A 108 19.71 9.97 40.45
CA GLY A 108 20.95 10.73 40.27
C GLY A 108 20.92 11.58 39.00
N ASP A 109 22.00 11.51 38.26
CA ASP A 109 22.34 12.42 37.15
C ASP A 109 22.44 11.63 35.85
N HIS A 110 22.20 12.32 34.74
CA HIS A 110 22.50 11.81 33.37
C HIS A 110 21.68 10.52 33.08
N ASN A 111 20.51 10.37 33.68
CA ASN A 111 19.61 9.23 33.39
C ASN A 111 18.69 9.56 32.21
N LEU A 112 18.24 8.50 31.56
CA LEU A 112 17.24 8.59 30.49
C LEU A 112 16.14 7.64 30.89
N ILE A 113 15.00 8.19 31.24
CA ILE A 113 13.79 7.42 31.56
C ILE A 113 12.80 7.62 30.41
N MET A 114 12.56 6.54 29.69
CA MET A 114 11.81 6.61 28.42
C MET A 114 10.34 6.41 28.72
N ALA A 115 9.57 6.61 27.68
CA ALA A 115 8.12 6.82 27.77
C ALA A 115 7.42 5.71 28.56
N TYR A 116 6.49 6.13 29.43
CA TYR A 116 5.61 5.25 30.21
C TYR A 116 6.36 4.35 31.20
N ALA A 117 7.63 4.58 31.42
CA ALA A 117 8.36 3.91 32.51
C ALA A 117 7.71 4.28 33.84
N HIS A 118 7.92 3.41 34.82
CA HIS A 118 7.40 3.58 36.18
C HIS A 118 8.51 3.36 37.21
N ILE A 119 8.74 4.36 38.07
CA ILE A 119 9.69 4.24 39.20
C ILE A 119 8.91 4.25 40.50
N GLY A 120 8.82 3.10 41.14
CA GLY A 120 8.00 2.93 42.34
C GLY A 120 8.70 3.48 43.57
N HIS A 121 7.93 3.66 44.63
CA HIS A 121 8.30 4.24 45.93
C HIS A 121 9.57 3.61 46.46
N ASP A 122 10.44 4.46 46.97
CA ASP A 122 11.68 4.12 47.70
C ASP A 122 12.73 3.53 46.76
N SER A 123 12.55 3.62 45.45
CA SER A 123 13.58 3.13 44.50
C SER A 123 14.73 4.11 44.47
N VAL A 124 15.89 3.63 44.05
CA VAL A 124 17.10 4.49 44.01
C VAL A 124 17.73 4.24 42.66
N ILE A 125 17.78 5.25 41.80
CA ILE A 125 18.50 5.15 40.52
C ILE A 125 19.81 5.93 40.65
N GLY A 126 20.89 5.36 40.15
CA GLY A 126 22.19 6.04 40.16
C GLY A 126 22.31 7.02 39.00
N ASN A 127 23.41 6.92 38.28
CA ASN A 127 23.85 7.87 37.23
C ASN A 127 23.96 7.12 35.90
N HIS A 128 23.65 7.80 34.78
CA HIS A 128 23.91 7.29 33.41
C HIS A 128 23.15 5.97 33.16
N CYS A 129 22.02 5.76 33.82
CA CYS A 129 21.15 4.58 33.56
C CYS A 129 20.18 4.88 32.41
N ILE A 130 19.70 3.83 31.75
CA ILE A 130 18.62 3.96 30.73
C ILE A 130 17.51 2.97 31.11
N LEU A 131 16.35 3.51 31.43
CA LEU A 131 15.10 2.74 31.56
C LEU A 131 14.29 2.95 30.28
N VAL A 132 14.19 1.90 29.48
CA VAL A 132 13.52 1.91 28.15
C VAL A 132 11.99 1.95 28.38
N ASN A 133 11.21 2.22 27.35
CA ASN A 133 9.74 2.41 27.45
C ASN A 133 9.06 1.30 28.23
N ASN A 134 8.21 1.70 29.16
CA ASN A 134 7.36 0.76 29.91
C ASN A 134 8.14 -0.10 30.91
N THR A 135 9.40 0.24 31.22
CA THR A 135 10.09 -0.43 32.33
C THR A 135 9.32 -0.06 33.59
N ALA A 136 9.17 -1.01 34.50
CA ALA A 136 8.40 -0.80 35.75
C ALA A 136 9.21 -1.31 36.95
N LEU A 137 9.61 -0.42 37.83
CA LEU A 137 10.26 -0.81 39.11
C LEU A 137 9.18 -0.80 40.20
N ALA A 138 8.88 -1.96 40.81
CA ALA A 138 7.71 -2.09 41.71
C ALA A 138 7.88 -1.21 42.95
N GLY A 139 9.10 -1.01 43.44
CA GLY A 139 9.36 -0.29 44.69
C GLY A 139 10.60 -0.86 45.32
N HIS A 140 11.33 -0.02 46.08
CA HIS A 140 12.58 -0.40 46.79
C HIS A 140 13.57 -1.04 45.83
N VAL A 141 13.60 -0.58 44.59
CA VAL A 141 14.53 -1.16 43.58
C VAL A 141 15.75 -0.25 43.55
N HIS A 142 16.93 -0.83 43.52
CA HIS A 142 18.20 -0.06 43.45
C HIS A 142 18.81 -0.34 42.08
N VAL A 143 18.91 0.69 41.24
CA VAL A 143 19.56 0.58 39.92
C VAL A 143 20.88 1.34 39.99
N ASP A 144 21.98 0.62 39.85
CA ASP A 144 23.35 1.19 39.96
C ASP A 144 23.78 1.74 38.60
N ASP A 145 24.88 2.47 38.57
CA ASP A 145 25.33 3.31 37.43
C ASP A 145 25.42 2.51 36.12
N TRP A 146 24.93 3.11 35.02
CA TRP A 146 25.15 2.62 33.63
C TRP A 146 24.28 1.38 33.35
N ALA A 147 23.43 0.93 34.28
CA ALA A 147 22.48 -0.17 34.01
C ALA A 147 21.51 0.23 32.89
N ILE A 148 21.17 -0.71 32.02
CA ILE A 148 20.15 -0.57 30.95
C ILE A 148 19.05 -1.60 31.23
N LEU A 149 17.83 -1.11 31.49
CA LEU A 149 16.66 -2.02 31.53
C LEU A 149 15.94 -1.83 30.18
N SER A 150 15.85 -2.88 29.36
CA SER A 150 15.17 -2.74 28.05
C SER A 150 13.64 -2.66 28.19
N GLY A 151 12.95 -2.44 27.07
CA GLY A 151 11.52 -2.12 27.07
C GLY A 151 10.72 -3.14 27.87
N TYR A 152 9.79 -2.67 28.67
CA TYR A 152 8.81 -3.56 29.29
C TYR A 152 9.51 -4.49 30.27
N THR A 153 10.66 -4.08 30.82
CA THR A 153 11.30 -4.81 31.94
C THR A 153 10.47 -4.56 33.19
N LEU A 154 10.18 -5.62 33.94
CA LEU A 154 9.40 -5.57 35.20
C LEU A 154 10.36 -5.97 36.32
N VAL A 155 10.48 -5.20 37.40
CA VAL A 155 11.40 -5.52 38.54
C VAL A 155 10.60 -5.58 39.83
N HIS A 156 10.56 -6.76 40.43
CA HIS A 156 9.98 -7.04 41.77
C HIS A 156 10.58 -6.10 42.81
N GLN A 157 9.82 -5.83 43.87
CA GLN A 157 10.35 -4.99 44.97
C GLN A 157 11.61 -5.64 45.57
N TYR A 158 12.54 -4.78 46.00
CA TYR A 158 13.74 -5.12 46.80
C TYR A 158 14.88 -5.60 45.90
N CYS A 159 14.69 -5.70 44.58
CA CYS A 159 15.77 -6.16 43.68
C CYS A 159 16.82 -5.07 43.50
N ARG A 160 18.10 -5.49 43.38
CA ARG A 160 19.25 -4.65 43.00
C ARG A 160 19.63 -5.00 41.56
N ILE A 161 19.70 -3.97 40.73
CA ILE A 161 20.13 -4.04 39.32
C ILE A 161 21.57 -3.51 39.27
N GLY A 162 22.54 -4.38 38.99
CA GLY A 162 23.98 -4.08 39.08
C GLY A 162 24.45 -3.05 38.08
N ALA A 163 25.54 -2.36 38.42
CA ALA A 163 26.20 -1.39 37.50
C ALA A 163 26.48 -2.06 36.16
N HIS A 164 26.19 -1.37 35.04
CA HIS A 164 26.54 -1.79 33.67
C HIS A 164 25.78 -3.07 33.28
N SER A 165 24.74 -3.47 34.03
CA SER A 165 23.95 -4.70 33.68
C SER A 165 23.04 -4.34 32.51
N PHE A 166 22.42 -5.36 31.92
CA PHE A 166 21.46 -5.23 30.80
C PHE A 166 20.37 -6.27 30.95
N SER A 167 19.12 -5.80 30.98
N SER A 167 19.12 -5.81 30.95
CA SER A 167 17.91 -6.65 30.92
CA SER A 167 17.91 -6.68 30.95
C SER A 167 17.29 -6.58 29.52
C SER A 167 17.17 -6.59 29.60
N GLY A 168 16.98 -7.72 28.93
CA GLY A 168 16.32 -7.81 27.61
C GLY A 168 14.86 -7.43 27.68
N MET A 169 14.32 -7.04 26.54
CA MET A 169 12.94 -6.54 26.44
C MET A 169 11.98 -7.58 27.02
N GLY A 170 11.00 -7.13 27.79
CA GLY A 170 10.02 -8.06 28.37
C GLY A 170 10.54 -8.93 29.49
N SER A 171 11.71 -8.69 30.05
CA SER A 171 12.28 -9.46 31.17
C SER A 171 11.45 -9.20 32.45
N ALA A 172 11.34 -10.20 33.30
CA ALA A 172 10.77 -9.99 34.63
C ALA A 172 11.79 -10.46 35.64
N ILE A 173 12.32 -9.53 36.41
CA ILE A 173 13.45 -9.72 37.36
C ILE A 173 12.86 -9.92 38.75
N GLY A 174 13.13 -11.07 39.38
CA GLY A 174 12.69 -11.44 40.74
C GLY A 174 13.85 -11.56 41.71
N LYS A 175 15.10 -11.60 41.21
CA LYS A 175 16.35 -11.68 42.02
C LYS A 175 17.34 -10.58 41.61
N ASP A 176 18.34 -10.33 42.43
CA ASP A 176 19.40 -9.33 42.10
C ASP A 176 20.09 -9.66 40.78
N VAL A 177 20.39 -8.63 40.01
CA VAL A 177 21.15 -8.78 38.76
C VAL A 177 22.56 -8.29 39.09
N PRO A 178 23.59 -9.15 39.09
CA PRO A 178 24.95 -8.70 39.36
C PRO A 178 25.41 -7.67 38.33
N ALA A 179 26.37 -6.88 38.75
CA ALA A 179 26.96 -5.87 37.86
C ALA A 179 27.45 -6.58 36.59
N TYR A 180 27.26 -5.92 35.43
CA TYR A 180 27.72 -6.37 34.09
C TYR A 180 26.89 -7.53 33.51
N VAL A 181 25.96 -8.13 34.22
CA VAL A 181 25.33 -9.38 33.73
C VAL A 181 24.16 -9.01 32.79
N THR A 182 23.98 -9.81 31.76
CA THR A 182 22.86 -9.75 30.80
C THR A 182 21.83 -10.78 31.24
N VAL A 183 20.57 -10.34 31.42
CA VAL A 183 19.45 -11.25 31.79
C VAL A 183 18.29 -11.12 30.80
N PHE A 184 17.59 -12.24 30.58
CA PHE A 184 16.50 -12.39 29.60
C PHE A 184 15.42 -13.31 30.19
N GLY A 185 14.17 -13.04 29.83
CA GLY A 185 13.03 -13.94 30.05
C GLY A 185 12.12 -13.47 31.19
N ASN A 186 10.98 -14.13 31.32
CA ASN A 186 10.08 -14.04 32.49
C ASN A 186 9.89 -15.48 32.96
N PRO A 187 10.54 -15.97 34.03
CA PRO A 187 11.41 -15.20 34.89
C PRO A 187 12.80 -15.02 34.28
N ALA A 188 13.51 -13.94 34.65
CA ALA A 188 14.82 -13.56 34.08
C ALA A 188 15.84 -14.68 34.33
N GLU A 189 16.66 -14.98 33.33
CA GLU A 189 17.85 -15.87 33.46
C GLU A 189 19.08 -15.10 33.03
N ALA A 190 20.19 -15.34 33.71
CA ALA A 190 21.52 -14.79 33.38
C ALA A 190 21.99 -15.46 32.09
N ARG A 191 22.44 -14.68 31.12
CA ARG A 191 22.91 -15.24 29.83
C ARG A 191 24.41 -15.03 29.64
N SER A 192 24.89 -13.81 29.84
CA SER A 192 26.32 -13.49 29.63
C SER A 192 26.65 -12.17 30.34
N MET A 193 27.68 -11.46 29.85
CA MET A 193 28.07 -10.15 30.40
C MET A 193 27.90 -9.07 29.31
N ASN A 194 27.81 -7.81 29.71
CA ASN A 194 27.57 -6.69 28.78
C ASN A 194 28.92 -6.23 28.20
N PHE A 195 29.61 -7.11 27.45
CA PHE A 195 30.96 -6.85 26.87
C PHE A 195 30.91 -5.58 26.01
N GLU A 196 29.81 -5.43 25.26
CA GLU A 196 29.48 -4.26 24.41
C GLU A 196 29.53 -2.98 25.26
N GLY A 197 28.83 -2.93 26.38
CA GLY A 197 28.90 -1.78 27.30
C GLY A 197 30.30 -1.61 27.85
N MET A 198 30.99 -2.69 28.21
CA MET A 198 32.37 -2.50 28.75
C MET A 198 33.23 -1.78 27.71
N ARG A 199 33.16 -2.18 26.43
CA ARG A 199 33.96 -1.59 25.32
C ARG A 199 33.51 -0.14 25.12
N ARG A 200 32.18 0.10 25.05
CA ARG A 200 31.59 1.43 24.81
C ARG A 200 32.04 2.39 25.91
N ARG A 201 32.34 1.88 27.10
CA ARG A 201 32.73 2.69 28.28
C ARG A 201 34.26 2.69 28.44
N GLY A 202 34.98 2.12 27.48
CA GLY A 202 36.46 2.22 27.39
C GLY A 202 37.14 1.43 28.50
N PHE A 203 36.64 0.26 28.86
CA PHE A 203 37.34 -0.73 29.74
C PHE A 203 38.46 -1.38 28.95
N SER A 204 39.56 -1.73 29.61
CA SER A 204 40.75 -2.36 28.99
C SER A 204 40.44 -3.82 28.67
N SER A 205 41.04 -4.36 27.62
CA SER A 205 40.85 -5.79 27.25
C SER A 205 41.21 -6.71 28.44
N GLU A 206 42.14 -6.31 29.30
CA GLU A 206 42.57 -7.17 30.45
C GLU A 206 41.45 -7.20 31.49
N ALA A 207 40.76 -6.07 31.71
CA ALA A 207 39.62 -5.96 32.65
C ALA A 207 38.44 -6.76 32.09
N ILE A 208 38.19 -6.64 30.78
CA ILE A 208 37.14 -7.39 30.04
C ILE A 208 37.40 -8.89 30.19
N HIS A 209 38.62 -9.37 29.92
CA HIS A 209 39.02 -10.80 30.07
C HIS A 209 38.82 -11.28 31.51
N ALA A 210 39.23 -10.46 32.48
CA ALA A 210 39.09 -10.76 33.92
C ALA A 210 37.59 -10.90 34.28
N LEU A 211 36.72 -10.11 33.66
CA LEU A 211 35.26 -10.15 33.95
C LEU A 211 34.64 -11.37 33.25
N ARG A 212 35.11 -11.73 32.04
CA ARG A 212 34.69 -13.00 31.35
C ARG A 212 34.98 -14.18 32.28
N ARG A 213 36.08 -14.18 33.03
CA ARG A 213 36.45 -15.34 33.88
C ARG A 213 35.62 -15.26 35.17
N ALA A 214 35.46 -14.06 35.72
CA ALA A 214 34.64 -13.81 36.93
C ALA A 214 33.24 -14.41 36.74
N TYR A 215 32.64 -14.27 35.55
CA TYR A 215 31.30 -14.81 35.22
C TYR A 215 31.32 -16.34 35.34
N LYS A 216 32.27 -16.98 34.63
CA LYS A 216 32.47 -18.47 34.72
C LYS A 216 32.62 -18.93 36.17
N VAL A 217 33.42 -18.24 36.98
CA VAL A 217 33.60 -18.60 38.42
C VAL A 217 32.25 -18.63 39.12
N VAL A 218 31.38 -17.65 38.88
CA VAL A 218 30.15 -17.52 39.70
C VAL A 218 29.07 -18.47 39.20
N TYR A 219 28.94 -18.56 37.87
CA TYR A 219 27.77 -19.20 37.21
C TYR A 219 28.07 -20.63 36.74
N ARG A 220 29.30 -21.00 36.39
CA ARG A 220 29.52 -22.27 35.64
C ARG A 220 30.46 -23.27 36.33
N GLN A 221 30.58 -23.30 37.67
CA GLN A 221 31.59 -24.19 38.31
C GLN A 221 31.08 -24.77 39.63
N GLY A 222 29.79 -24.58 39.93
CA GLY A 222 29.07 -25.26 41.03
C GLY A 222 29.56 -24.83 42.38
N HIS A 223 30.12 -23.62 42.47
CA HIS A 223 30.61 -23.03 43.75
C HIS A 223 29.43 -22.48 44.54
N THR A 224 29.48 -22.58 45.88
CA THR A 224 28.67 -21.70 46.75
C THR A 224 29.09 -20.26 46.39
N VAL A 225 28.21 -19.29 46.68
CA VAL A 225 28.55 -17.85 46.55
C VAL A 225 29.74 -17.56 47.47
N GLU A 226 29.85 -18.23 48.63
CA GLU A 226 30.95 -18.01 49.60
C GLU A 226 32.26 -18.37 48.87
N GLU A 227 32.23 -19.45 48.09
CA GLU A 227 33.41 -20.01 47.43
C GLU A 227 33.74 -19.21 46.16
N ALA A 228 32.74 -18.78 45.39
CA ALA A 228 32.91 -17.86 44.23
C ALA A 228 33.62 -16.57 44.71
N LEU A 229 33.12 -15.94 45.78
CA LEU A 229 33.68 -14.70 46.37
C LEU A 229 35.17 -14.90 46.72
N ALA A 230 35.54 -16.05 47.29
CA ALA A 230 36.94 -16.34 47.69
C ALA A 230 37.81 -16.51 46.44
N GLU A 231 37.31 -17.27 45.45
CA GLU A 231 37.95 -17.49 44.13
C GLU A 231 38.18 -16.14 43.40
N LEU A 232 37.35 -15.12 43.62
CA LEU A 232 37.44 -13.83 42.86
C LEU A 232 38.35 -12.82 43.57
N ALA A 233 38.74 -13.08 44.82
CA ALA A 233 39.35 -12.07 45.71
C ALA A 233 40.65 -11.54 45.06
N GLU A 234 41.44 -12.41 44.43
CA GLU A 234 42.70 -12.01 43.74
C GLU A 234 42.37 -11.11 42.54
N SER A 235 41.39 -11.51 41.71
CA SER A 235 40.97 -10.74 40.52
C SER A 235 40.39 -9.39 40.96
N ALA A 236 39.57 -9.39 42.01
CA ALA A 236 38.90 -8.19 42.56
C ALA A 236 39.94 -7.16 43.04
N ALA A 237 41.05 -7.63 43.64
CA ALA A 237 42.18 -6.82 44.15
C ALA A 237 42.95 -6.20 42.97
N GLN A 238 43.17 -6.96 41.91
CA GLN A 238 43.89 -6.52 40.68
C GLN A 238 43.03 -5.55 39.86
N PHE A 239 41.72 -5.79 39.71
CA PHE A 239 40.81 -5.00 38.81
C PHE A 239 39.65 -4.40 39.61
N PRO A 240 39.55 -3.05 39.73
CA PRO A 240 38.41 -2.44 40.42
C PRO A 240 37.08 -2.81 39.72
N GLU A 241 37.10 -3.07 38.41
CA GLU A 241 35.93 -3.51 37.61
C GLU A 241 35.45 -4.89 38.10
N VAL A 242 36.38 -5.77 38.47
CA VAL A 242 36.02 -7.10 39.04
C VAL A 242 35.53 -6.93 40.48
N ALA A 243 36.04 -5.98 41.25
CA ALA A 243 35.56 -5.72 42.63
C ALA A 243 34.09 -5.25 42.58
N VAL A 244 33.70 -4.50 41.55
CA VAL A 244 32.29 -4.06 41.40
C VAL A 244 31.42 -5.32 41.24
N PHE A 245 31.85 -6.26 40.40
CA PHE A 245 31.16 -7.55 40.17
C PHE A 245 31.01 -8.30 41.51
N ARG A 246 32.16 -8.57 42.15
N ARG A 246 32.15 -8.57 42.16
CA ARG A 246 32.30 -9.29 43.45
CA ARG A 246 32.24 -9.32 43.44
C ARG A 246 31.38 -8.65 44.50
C ARG A 246 31.36 -8.66 44.51
N ASP A 247 31.42 -7.32 44.65
CA ASP A 247 30.58 -6.55 45.59
C ASP A 247 29.08 -6.76 45.34
N SER A 248 28.65 -6.71 44.09
CA SER A 248 27.21 -6.86 43.73
C SER A 248 26.80 -8.30 44.11
N ILE A 249 27.72 -9.26 44.05
CA ILE A 249 27.37 -10.66 44.39
C ILE A 249 27.33 -10.80 45.91
N GLN A 250 28.30 -10.22 46.61
CA GLN A 250 28.39 -10.26 48.09
C GLN A 250 27.18 -9.53 48.71
N SER A 251 26.67 -8.46 48.09
CA SER A 251 25.56 -7.65 48.67
C SER A 251 24.20 -8.30 48.39
N ALA A 252 24.15 -9.44 47.68
CA ALA A 252 22.86 -10.07 47.30
C ALA A 252 22.45 -11.14 48.33
N THR A 253 22.02 -10.76 49.53
CA THR A 253 21.65 -11.70 50.62
C THR A 253 20.53 -12.64 50.14
N ARG A 254 19.65 -12.18 49.22
CA ARG A 254 18.42 -12.89 48.76
C ARG A 254 18.67 -13.57 47.40
N GLY A 255 19.93 -13.74 47.01
CA GLY A 255 20.30 -14.57 45.84
C GLY A 255 20.39 -13.78 44.56
N ILE A 256 21.08 -14.32 43.58
CA ILE A 256 21.34 -13.66 42.27
C ILE A 256 20.55 -14.41 41.22
N THR A 257 20.07 -13.69 40.21
CA THR A 257 19.52 -14.25 38.96
C THR A 257 20.49 -15.28 38.38
N ARG A 258 20.06 -16.54 38.25
CA ARG A 258 20.91 -17.59 37.62
C ARG A 258 20.41 -17.84 36.20
N SER B 2 -15.43 27.45 16.99
CA SER B 2 -15.74 26.85 15.65
C SER B 2 -15.18 25.42 15.54
N LEU B 3 -14.24 25.17 14.62
CA LEU B 3 -13.61 23.85 14.39
C LEU B 3 -12.25 23.80 15.10
N ILE B 4 -11.50 24.90 15.15
CA ILE B 4 -10.28 25.01 16.02
C ILE B 4 -10.79 25.46 17.39
N ASP B 5 -10.64 24.65 18.44
CA ASP B 5 -11.03 25.08 19.80
C ASP B 5 -10.18 26.29 20.14
N PRO B 6 -10.76 27.36 20.75
CA PRO B 6 -9.99 28.53 21.15
C PRO B 6 -8.89 28.22 22.18
N ARG B 7 -9.03 27.14 22.95
CA ARG B 7 -8.04 26.76 24.01
C ARG B 7 -6.86 25.98 23.43
N ALA B 8 -6.91 25.60 22.14
CA ALA B 8 -5.83 24.92 21.41
C ALA B 8 -4.76 25.94 21.03
N ILE B 9 -3.53 25.51 20.78
CA ILE B 9 -2.40 26.36 20.29
C ILE B 9 -2.08 25.93 18.88
N ILE B 10 -2.27 26.82 17.90
CA ILE B 10 -1.91 26.57 16.47
C ILE B 10 -0.71 27.45 16.12
N ASP B 11 0.45 26.89 15.81
CA ASP B 11 1.64 27.66 15.34
C ASP B 11 1.31 28.36 14.02
N PRO B 12 1.75 29.61 13.83
CA PRO B 12 1.48 30.32 12.58
C PRO B 12 1.90 29.52 11.33
N SER B 13 3.02 28.82 11.41
CA SER B 13 3.59 28.02 10.28
C SER B 13 2.89 26.65 10.15
N ALA B 14 1.81 26.42 10.90
CA ALA B 14 0.96 25.23 10.74
C ALA B 14 0.05 25.49 9.55
N ARG B 15 -0.17 24.49 8.69
CA ARG B 15 -1.11 24.48 7.55
C ARG B 15 -2.22 23.48 7.86
N LEU B 16 -3.41 23.93 8.23
CA LEU B 16 -4.62 23.09 8.44
C LEU B 16 -5.62 23.28 7.27
N ALA B 17 -6.12 22.20 6.70
CA ALA B 17 -7.28 22.22 5.76
C ALA B 17 -8.47 22.85 6.49
N ALA B 18 -9.51 23.21 5.73
CA ALA B 18 -10.54 24.17 6.20
C ALA B 18 -11.44 23.52 7.25
N ASP B 19 -11.73 22.21 7.13
CA ASP B 19 -12.75 21.49 7.94
C ASP B 19 -12.07 20.70 9.08
N VAL B 20 -10.76 20.92 9.28
CA VAL B 20 -9.95 20.24 10.34
C VAL B 20 -10.40 20.70 11.73
N GLN B 21 -10.83 19.73 12.57
CA GLN B 21 -11.20 19.93 14.00
C GLN B 21 -9.95 19.75 14.88
N VAL B 22 -9.76 20.66 15.84
CA VAL B 22 -8.69 20.58 16.88
C VAL B 22 -9.37 20.85 18.22
N GLY B 23 -9.32 19.91 19.16
CA GLY B 23 -10.04 20.01 20.43
C GLY B 23 -9.25 20.84 21.43
N PRO B 24 -9.78 21.11 22.64
CA PRO B 24 -9.11 21.99 23.59
C PRO B 24 -7.78 21.44 24.15
N TRP B 25 -6.85 22.34 24.42
CA TRP B 25 -5.55 22.11 25.10
C TRP B 25 -4.66 21.20 24.23
N SER B 26 -4.92 21.22 22.93
CA SER B 26 -4.05 20.54 21.97
C SER B 26 -3.07 21.55 21.41
N ILE B 27 -1.90 21.08 21.03
CA ILE B 27 -0.83 21.89 20.39
C ILE B 27 -0.62 21.41 18.96
N VAL B 28 -0.70 22.31 17.98
CA VAL B 28 -0.24 22.02 16.58
C VAL B 28 1.02 22.87 16.35
N GLY B 29 2.18 22.24 16.40
CA GLY B 29 3.48 22.92 16.41
C GLY B 29 3.84 23.40 15.03
N ALA B 30 5.02 24.00 14.92
CA ALA B 30 5.52 24.58 13.67
C ALA B 30 5.66 23.46 12.64
N GLU B 31 5.30 23.77 11.41
CA GLU B 31 5.57 22.87 10.26
C GLU B 31 4.78 21.57 10.47
N VAL B 32 3.61 21.67 11.06
CA VAL B 32 2.65 20.53 11.08
C VAL B 32 1.63 20.85 9.99
N GLU B 33 1.43 19.94 9.05
CA GLU B 33 0.40 20.05 7.98
C GLU B 33 -0.70 19.05 8.30
N ILE B 34 -1.97 19.47 8.35
CA ILE B 34 -3.12 18.57 8.62
C ILE B 34 -4.20 18.64 7.52
N GLY B 35 -4.48 17.48 6.91
CA GLY B 35 -5.37 17.28 5.74
C GLY B 35 -6.83 17.24 6.10
N GLU B 36 -7.70 17.44 5.09
CA GLU B 36 -9.14 17.66 5.31
C GLU B 36 -9.71 16.44 6.01
N GLY B 37 -10.73 16.65 6.84
CA GLY B 37 -11.47 15.60 7.55
C GLY B 37 -10.83 15.26 8.89
N THR B 38 -9.53 15.52 9.04
CA THR B 38 -8.74 15.00 10.21
C THR B 38 -9.27 15.68 11.48
N VAL B 39 -9.64 14.87 12.47
CA VAL B 39 -10.11 15.31 13.81
C VAL B 39 -8.96 15.12 14.79
N ILE B 40 -8.46 16.19 15.41
CA ILE B 40 -7.48 16.16 16.52
C ILE B 40 -8.29 16.29 17.80
N GLY B 41 -8.13 15.34 18.73
CA GLY B 41 -8.85 15.35 20.01
C GLY B 41 -8.27 16.40 20.96
N PRO B 42 -8.80 16.49 22.19
CA PRO B 42 -8.17 17.30 23.24
C PRO B 42 -6.85 16.70 23.73
N HIS B 43 -6.00 17.56 24.30
CA HIS B 43 -4.78 17.16 25.02
C HIS B 43 -3.87 16.37 24.09
N VAL B 44 -3.78 16.78 22.83
CA VAL B 44 -2.85 16.14 21.84
C VAL B 44 -1.69 17.08 21.65
N VAL B 45 -0.50 16.53 21.48
CA VAL B 45 0.72 17.32 21.15
C VAL B 45 1.20 16.87 19.76
N LEU B 46 1.07 17.75 18.75
CA LEU B 46 1.61 17.53 17.37
C LEU B 46 2.85 18.38 17.18
N LYS B 47 3.97 17.75 16.85
CA LYS B 47 5.24 18.46 16.63
C LYS B 47 5.70 18.12 15.20
N GLY B 48 6.52 18.98 14.59
CA GLY B 48 6.89 18.89 13.16
C GLY B 48 8.40 18.84 13.00
N PRO B 49 8.91 18.79 11.74
CA PRO B 49 8.05 18.76 10.57
C PRO B 49 7.32 17.42 10.32
N THR B 50 6.03 17.53 10.07
CA THR B 50 5.04 16.43 10.16
C THR B 50 3.88 16.72 9.20
N LYS B 51 3.53 15.74 8.36
CA LYS B 51 2.38 15.83 7.44
C LYS B 51 1.36 14.79 7.88
N ILE B 52 0.15 15.23 8.18
CA ILE B 52 -1.01 14.37 8.49
C ILE B 52 -2.05 14.52 7.38
N GLY B 53 -2.48 13.39 6.81
CA GLY B 53 -3.41 13.29 5.67
C GLY B 53 -4.85 13.53 6.07
N LYS B 54 -5.77 12.93 5.32
CA LYS B 54 -7.20 13.27 5.40
C LYS B 54 -7.94 12.24 6.24
N HIS B 55 -8.98 12.71 6.92
CA HIS B 55 -9.96 11.85 7.64
C HIS B 55 -9.22 11.04 8.72
N ASN B 56 -8.16 11.61 9.30
CA ASN B 56 -7.45 10.95 10.44
C ASN B 56 -8.20 11.25 11.73
N ARG B 57 -8.02 10.41 12.76
CA ARG B 57 -8.55 10.69 14.12
C ARG B 57 -7.41 10.45 15.11
N ILE B 58 -7.02 11.45 15.89
CA ILE B 58 -5.97 11.32 16.95
C ILE B 58 -6.59 11.64 18.29
N TYR B 59 -6.59 10.66 19.21
CA TYR B 59 -7.20 10.75 20.55
C TYR B 59 -6.24 11.43 21.56
N GLN B 60 -6.83 11.85 22.67
CA GLN B 60 -6.18 12.50 23.83
C GLN B 60 -4.87 11.77 24.22
N PHE B 61 -3.88 12.57 24.61
CA PHE B 61 -2.67 12.21 25.40
C PHE B 61 -1.65 11.56 24.46
N SER B 62 -1.85 11.73 23.15
CA SER B 62 -0.92 11.30 22.08
C SER B 62 0.14 12.36 21.87
N SER B 63 1.39 11.92 21.64
CA SER B 63 2.55 12.76 21.27
C SER B 63 3.00 12.30 19.89
N VAL B 64 2.68 13.09 18.87
CA VAL B 64 2.87 12.73 17.45
C VAL B 64 3.86 13.72 16.86
N GLY B 65 5.01 13.23 16.46
CA GLY B 65 6.11 14.04 15.88
C GLY B 65 7.19 14.45 16.87
N GLU B 66 7.33 13.81 18.04
CA GLU B 66 8.48 14.14 18.92
C GLU B 66 9.76 13.59 18.33
N ASP B 67 10.86 14.18 18.74
CA ASP B 67 12.24 13.68 18.56
C ASP B 67 12.37 12.35 19.32
N THR B 68 13.17 11.46 18.78
CA THR B 68 13.52 10.21 19.46
C THR B 68 14.49 10.61 20.57
N PRO B 69 14.42 9.93 21.73
CA PRO B 69 15.48 10.04 22.73
C PRO B 69 16.76 9.30 22.32
N ASP B 70 16.71 8.50 21.24
CA ASP B 70 17.86 7.70 20.78
C ASP B 70 19.06 8.63 20.65
N LEU B 71 20.21 8.24 21.21
CA LEU B 71 21.35 9.14 21.47
C LEU B 71 22.05 9.45 20.15
N LYS B 72 21.64 8.80 19.05
CA LYS B 72 22.27 8.95 17.71
C LYS B 72 21.56 10.08 16.95
N TYR B 73 20.37 10.51 17.38
CA TYR B 73 19.70 11.71 16.84
C TYR B 73 20.39 12.91 17.49
N LYS B 74 20.77 13.94 16.74
CA LYS B 74 21.41 15.14 17.37
C LYS B 74 20.73 16.42 16.87
N GLY B 75 19.40 16.39 16.69
CA GLY B 75 18.59 17.60 16.45
C GLY B 75 18.40 17.93 14.97
N GLU B 76 18.77 17.03 14.05
CA GLU B 76 18.74 17.29 12.57
C GLU B 76 17.29 17.46 12.11
N PRO B 77 17.03 18.08 10.93
CA PRO B 77 15.64 18.24 10.43
C PRO B 77 15.11 16.96 9.76
N THR B 78 14.33 16.17 10.53
CA THR B 78 13.76 14.86 10.12
C THR B 78 12.24 15.00 10.21
N ARG B 79 11.49 14.09 9.58
N ARG B 79 11.48 14.10 9.58
CA ARG B 79 10.04 14.28 9.42
CA ARG B 79 10.02 14.31 9.47
C ARG B 79 9.26 13.02 9.80
C ARG B 79 9.26 13.02 9.78
N LEU B 80 7.96 13.20 9.94
CA LEU B 80 6.95 12.12 10.06
C LEU B 80 5.87 12.42 9.02
N VAL B 81 5.43 11.38 8.30
CA VAL B 81 4.30 11.42 7.34
C VAL B 81 3.30 10.36 7.76
N ILE B 82 2.05 10.77 7.97
CA ILE B 82 0.87 9.91 8.21
C ILE B 82 -0.08 10.11 7.03
N GLY B 83 -0.65 9.01 6.51
CA GLY B 83 -1.57 9.00 5.35
C GLY B 83 -3.00 9.34 5.75
N ASP B 84 -3.98 8.59 5.27
CA ASP B 84 -5.41 8.98 5.39
C ASP B 84 -6.15 7.86 6.10
N HIS B 85 -7.23 8.18 6.78
CA HIS B 85 -8.22 7.23 7.32
C HIS B 85 -7.63 6.42 8.50
N ASN B 86 -6.58 6.96 9.14
CA ASN B 86 -5.87 6.32 10.30
C ASN B 86 -6.58 6.65 11.61
N VAL B 87 -6.53 5.71 12.54
CA VAL B 87 -7.06 5.94 13.90
C VAL B 87 -5.90 5.79 14.87
N ILE B 88 -5.57 6.88 15.57
CA ILE B 88 -4.52 6.86 16.61
C ILE B 88 -5.21 7.10 17.95
N ARG B 89 -5.23 6.08 18.81
CA ARG B 89 -5.92 6.10 20.11
C ARG B 89 -5.12 6.82 21.23
N GLU B 90 -5.62 6.71 22.44
CA GLU B 90 -5.13 7.38 23.66
C GLU B 90 -3.64 7.07 23.88
N GLY B 91 -2.84 8.12 23.98
CA GLY B 91 -1.51 8.00 24.60
C GLY B 91 -0.49 7.40 23.64
N VAL B 92 -0.75 7.42 22.36
CA VAL B 92 0.21 6.90 21.35
C VAL B 92 1.39 7.85 21.24
N THR B 93 2.58 7.29 21.05
CA THR B 93 3.82 8.05 20.80
C THR B 93 4.37 7.63 19.44
N ILE B 94 4.59 8.63 18.59
CA ILE B 94 5.18 8.46 17.24
C ILE B 94 6.34 9.44 17.12
N HIS B 95 7.53 8.94 16.88
CA HIS B 95 8.74 9.77 16.77
C HIS B 95 9.08 9.96 15.28
N ARG B 96 9.77 11.07 14.97
CA ARG B 96 10.16 11.46 13.61
C ARG B 96 11.42 10.68 13.28
N GLY B 97 11.88 10.75 12.04
CA GLY B 97 13.04 9.98 11.58
C GLY B 97 14.35 10.46 12.12
N THR B 98 15.42 9.76 11.73
CA THR B 98 16.86 10.11 11.96
C THR B 98 17.57 10.19 10.60
N VAL B 99 18.62 11.03 10.50
CA VAL B 99 19.40 11.22 9.25
C VAL B 99 20.15 9.92 8.88
N GLN B 100 20.47 9.04 9.83
CA GLN B 100 21.20 7.76 9.55
C GLN B 100 20.36 6.81 8.66
N ASP B 101 19.03 6.94 8.60
CA ASP B 101 18.17 6.12 7.70
C ASP B 101 17.74 7.00 6.51
N ARG B 102 16.48 7.44 6.45
CA ARG B 102 15.89 8.28 5.35
C ARG B 102 15.27 9.56 5.94
N ALA B 103 15.52 9.86 7.23
CA ALA B 103 15.04 11.08 7.91
C ALA B 103 13.52 11.11 7.89
N GLU B 104 12.87 9.94 7.83
CA GLU B 104 11.40 9.93 7.90
C GLU B 104 10.88 8.67 8.60
N THR B 105 9.81 8.90 9.38
CA THR B 105 8.95 7.87 10.00
C THR B 105 7.68 7.97 9.15
N THR B 106 7.19 6.85 8.62
CA THR B 106 6.04 6.91 7.70
C THR B 106 4.92 5.96 8.12
N ILE B 107 3.69 6.46 8.07
CA ILE B 107 2.49 5.63 8.32
C ILE B 107 1.60 5.79 7.09
N GLY B 108 0.98 4.69 6.65
CA GLY B 108 0.15 4.64 5.44
C GLY B 108 -1.29 5.00 5.70
N ASP B 109 -2.23 4.22 5.20
CA ASP B 109 -3.67 4.56 5.32
C ASP B 109 -4.46 3.43 5.98
N HIS B 110 -5.58 3.77 6.60
CA HIS B 110 -6.54 2.81 7.21
C HIS B 110 -5.92 1.96 8.34
N ASN B 111 -4.98 2.54 9.06
CA ASN B 111 -4.25 1.85 10.16
C ASN B 111 -4.99 2.09 11.46
N LEU B 112 -5.06 1.08 12.31
CA LEU B 112 -5.59 1.27 13.67
C LEU B 112 -4.43 1.14 14.66
N ILE B 113 -4.10 2.22 15.35
CA ILE B 113 -2.95 2.26 16.30
C ILE B 113 -3.54 2.52 17.68
N MET B 114 -3.63 1.47 18.46
CA MET B 114 -4.42 1.47 19.69
C MET B 114 -3.59 2.01 20.85
N ALA B 115 -4.23 2.13 22.00
CA ALA B 115 -3.77 2.97 23.12
C ALA B 115 -2.34 2.58 23.54
N TYR B 116 -1.51 3.60 23.75
CA TYR B 116 -0.15 3.51 24.34
C TYR B 116 0.78 2.74 23.42
N ALA B 117 0.42 2.50 22.16
CA ALA B 117 1.40 1.97 21.17
C ALA B 117 2.51 3.01 20.95
N HIS B 118 3.67 2.51 20.51
CA HIS B 118 4.89 3.31 20.31
C HIS B 118 5.44 2.98 18.93
N ILE B 119 5.59 4.00 18.10
CA ILE B 119 6.19 3.84 16.76
C ILE B 119 7.47 4.66 16.77
N GLY B 120 8.60 3.97 16.84
CA GLY B 120 9.92 4.60 16.98
C GLY B 120 10.44 5.17 15.67
N HIS B 121 11.48 5.96 15.78
CA HIS B 121 12.16 6.65 14.66
C HIS B 121 12.31 5.71 13.46
N ASP B 122 12.02 6.25 12.29
CA ASP B 122 12.33 5.64 10.97
C ASP B 122 11.47 4.41 10.72
N SER B 123 10.43 4.14 11.51
CA SER B 123 9.51 3.02 11.24
C SER B 123 8.70 3.42 9.98
N VAL B 124 8.27 2.41 9.24
CA VAL B 124 7.35 2.52 8.07
C VAL B 124 6.23 1.51 8.29
N ILE B 125 5.05 2.01 8.60
CA ILE B 125 3.80 1.22 8.61
C ILE B 125 3.07 1.37 7.25
N GLY B 126 2.51 0.28 6.74
CA GLY B 126 1.75 0.23 5.47
C GLY B 126 0.31 0.70 5.65
N ASN B 127 -0.60 -0.07 5.06
CA ASN B 127 -2.05 0.20 5.00
C ASN B 127 -2.76 -0.94 5.73
N HIS B 128 -3.87 -0.66 6.39
CA HIS B 128 -4.75 -1.68 7.01
C HIS B 128 -4.06 -2.45 8.15
N CYS B 129 -3.01 -1.90 8.77
CA CYS B 129 -2.34 -2.56 9.92
C CYS B 129 -3.14 -2.33 11.22
N ILE B 130 -3.05 -3.24 12.18
CA ILE B 130 -3.59 -3.02 13.55
C ILE B 130 -2.44 -3.24 14.53
N LEU B 131 -2.13 -2.21 15.31
CA LEU B 131 -1.13 -2.26 16.42
C LEU B 131 -1.96 -2.14 17.68
N VAL B 132 -2.14 -3.24 18.37
CA VAL B 132 -2.99 -3.30 19.60
C VAL B 132 -2.27 -2.56 20.75
N ASN B 133 -2.97 -2.29 21.84
CA ASN B 133 -2.47 -1.50 22.97
C ASN B 133 -1.07 -1.94 23.43
N ASN B 134 -0.20 -0.95 23.56
CA ASN B 134 1.15 -1.12 24.11
C ASN B 134 2.11 -1.82 23.16
N THR B 135 1.75 -1.98 21.88
CA THR B 135 2.75 -2.44 20.88
C THR B 135 3.85 -1.40 20.84
N ALA B 136 5.10 -1.84 20.72
CA ALA B 136 6.28 -0.96 20.69
C ALA B 136 7.24 -1.38 19.56
N LEU B 137 7.45 -0.46 18.61
CA LEU B 137 8.44 -0.64 17.51
C LEU B 137 9.64 0.18 17.93
N ALA B 138 10.77 -0.47 18.18
CA ALA B 138 11.99 0.17 18.70
C ALA B 138 12.51 1.22 17.71
N GLY B 139 12.31 1.05 16.41
CA GLY B 139 12.79 1.99 15.38
C GLY B 139 13.29 1.26 14.14
N HIS B 140 13.16 1.90 12.98
CA HIS B 140 13.54 1.33 11.68
C HIS B 140 12.77 0.04 11.45
N VAL B 141 11.58 -0.07 12.03
CA VAL B 141 10.73 -1.28 11.92
C VAL B 141 9.82 -1.08 10.70
N HIS B 142 9.74 -2.08 9.83
CA HIS B 142 8.82 -2.06 8.65
C HIS B 142 7.66 -3.01 8.87
N VAL B 143 6.44 -2.50 8.92
CA VAL B 143 5.23 -3.33 9.09
C VAL B 143 4.45 -3.26 7.79
N ASP B 144 4.26 -4.40 7.13
CA ASP B 144 3.59 -4.45 5.80
C ASP B 144 2.08 -4.52 5.96
N ASP B 145 1.35 -4.35 4.84
CA ASP B 145 -0.13 -4.13 4.87
C ASP B 145 -0.79 -5.33 5.55
N TRP B 146 -1.80 -5.04 6.34
CA TRP B 146 -2.76 -5.97 6.99
C TRP B 146 -2.10 -6.71 8.15
N ALA B 147 -0.83 -6.44 8.47
CA ALA B 147 -0.22 -6.99 9.71
C ALA B 147 -1.06 -6.59 10.92
N ILE B 148 -1.17 -7.52 11.86
CA ILE B 148 -1.74 -7.31 13.21
C ILE B 148 -0.65 -7.69 14.22
N LEU B 149 -0.29 -6.74 15.08
CA LEU B 149 0.56 -6.98 16.28
C LEU B 149 -0.33 -6.84 17.51
N SER B 150 -0.68 -7.96 18.17
CA SER B 150 -1.55 -7.96 19.35
C SER B 150 -0.84 -7.24 20.50
N GLY B 151 -1.55 -7.09 21.61
CA GLY B 151 -1.19 -6.15 22.69
C GLY B 151 0.16 -6.49 23.24
N TYR B 152 0.96 -5.46 23.50
CA TYR B 152 2.23 -5.60 24.24
C TYR B 152 3.19 -6.42 23.39
N THR B 153 3.01 -6.35 22.06
CA THR B 153 4.05 -6.85 21.14
C THR B 153 5.22 -5.89 21.12
N LEU B 154 6.44 -6.43 21.27
CA LEU B 154 7.69 -5.67 21.31
C LEU B 154 8.48 -6.02 20.05
N VAL B 155 8.97 -5.03 19.32
CA VAL B 155 9.74 -5.30 18.07
C VAL B 155 11.09 -4.60 18.14
N HIS B 156 12.14 -5.42 18.04
CA HIS B 156 13.56 -4.98 17.94
C HIS B 156 13.75 -4.05 16.73
N GLN B 157 14.72 -3.17 16.83
CA GLN B 157 15.02 -2.23 15.71
C GLN B 157 15.43 -3.04 14.49
N TYR B 158 15.02 -2.60 13.30
CA TYR B 158 15.44 -3.11 11.96
C TYR B 158 14.66 -4.36 11.56
N CYS B 159 13.76 -4.83 12.42
CA CYS B 159 12.88 -5.98 12.10
C CYS B 159 11.86 -5.59 11.04
N ARG B 160 11.52 -6.54 10.16
CA ARG B 160 10.41 -6.40 9.19
C ARG B 160 9.26 -7.33 9.58
N ILE B 161 8.06 -6.79 9.64
CA ILE B 161 6.82 -7.52 9.92
C ILE B 161 6.09 -7.67 8.58
N GLY B 162 5.92 -8.92 8.12
CA GLY B 162 5.35 -9.20 6.80
C GLY B 162 3.87 -8.85 6.67
N ALA B 163 3.39 -8.67 5.43
CA ALA B 163 1.94 -8.45 5.15
C ALA B 163 1.12 -9.64 5.66
N HIS B 164 -0.07 -9.37 6.20
CA HIS B 164 -1.04 -10.37 6.71
C HIS B 164 -0.48 -11.23 7.87
N SER B 165 0.67 -10.88 8.49
CA SER B 165 1.25 -11.57 9.68
C SER B 165 0.41 -11.30 10.94
N PHE B 166 0.61 -12.12 11.97
CA PHE B 166 -0.10 -11.97 13.25
C PHE B 166 0.87 -12.25 14.36
N SER B 167 0.98 -11.38 15.34
CA SER B 167 1.81 -11.66 16.54
C SER B 167 0.86 -11.75 17.73
N GLY B 168 1.04 -12.78 18.56
CA GLY B 168 0.26 -13.02 19.76
C GLY B 168 0.58 -11.98 20.81
N MET B 169 -0.32 -11.83 21.76
CA MET B 169 -0.18 -10.93 22.95
C MET B 169 1.20 -11.18 23.55
N GLY B 170 1.94 -10.14 23.86
CA GLY B 170 3.14 -10.26 24.70
C GLY B 170 4.30 -10.80 23.89
N SER B 171 4.18 -10.85 22.56
CA SER B 171 5.27 -11.36 21.69
C SER B 171 6.43 -10.38 21.73
N ALA B 172 7.66 -10.89 21.69
CA ALA B 172 8.92 -10.12 21.62
C ALA B 172 9.68 -10.61 20.40
N ILE B 173 9.58 -9.83 19.32
CA ILE B 173 10.13 -10.12 17.98
C ILE B 173 11.54 -9.53 17.88
N GLY B 174 12.53 -10.35 17.60
CA GLY B 174 13.92 -9.93 17.38
C GLY B 174 14.42 -10.30 15.99
N LYS B 175 13.64 -11.04 15.22
CA LYS B 175 14.00 -11.49 13.83
C LYS B 175 12.81 -11.18 12.96
N ASP B 176 12.98 -11.13 11.64
CA ASP B 176 11.89 -10.74 10.73
C ASP B 176 10.75 -11.74 10.85
N VAL B 177 9.53 -11.27 10.68
CA VAL B 177 8.32 -12.11 10.58
C VAL B 177 7.95 -12.15 9.10
N PRO B 178 8.02 -13.34 8.46
CA PRO B 178 7.62 -13.41 7.04
C PRO B 178 6.13 -13.09 6.85
N ALA B 179 5.77 -12.68 5.65
CA ALA B 179 4.35 -12.39 5.32
C ALA B 179 3.52 -13.66 5.62
N TYR B 180 2.30 -13.46 6.10
CA TYR B 180 1.30 -14.50 6.43
C TYR B 180 1.63 -15.26 7.74
N VAL B 181 2.85 -15.18 8.25
CA VAL B 181 3.26 -16.02 9.40
C VAL B 181 2.68 -15.48 10.72
N THR B 182 2.32 -16.41 11.57
CA THR B 182 1.81 -16.24 12.95
C THR B 182 2.98 -16.48 13.89
N VAL B 183 3.24 -15.55 14.82
CA VAL B 183 4.29 -15.69 15.87
C VAL B 183 3.70 -15.44 17.24
N PHE B 184 4.25 -16.12 18.25
CA PHE B 184 3.85 -16.11 19.67
C PHE B 184 5.11 -16.22 20.53
N GLY B 185 5.12 -15.53 21.67
CA GLY B 185 6.05 -15.80 22.80
C GLY B 185 7.17 -14.78 22.86
N ASN B 186 7.95 -14.84 23.94
CA ASN B 186 9.17 -14.04 24.15
C ASN B 186 10.29 -15.01 24.49
N PRO B 187 11.27 -15.30 23.61
CA PRO B 187 11.30 -14.74 22.27
C PRO B 187 10.23 -15.29 21.32
N ALA B 188 9.94 -14.58 20.25
CA ALA B 188 8.84 -14.95 19.33
C ALA B 188 9.18 -16.30 18.66
N GLU B 189 8.14 -17.05 18.29
CA GLU B 189 8.25 -18.37 17.62
C GLU B 189 7.26 -18.46 16.45
N ALA B 190 7.68 -18.95 15.30
CA ALA B 190 6.81 -19.18 14.12
C ALA B 190 5.85 -20.34 14.42
N ARG B 191 4.56 -20.08 14.35
CA ARG B 191 3.54 -21.11 14.67
C ARG B 191 2.51 -21.16 13.54
N SER B 192 2.97 -21.51 12.33
CA SER B 192 2.16 -21.62 11.09
C SER B 192 1.78 -20.26 10.51
N MET B 193 0.80 -20.27 9.62
CA MET B 193 0.38 -19.06 8.89
C MET B 193 -1.03 -18.66 9.27
N ASN B 194 -1.36 -17.40 9.00
CA ASN B 194 -2.63 -16.73 9.32
C ASN B 194 -3.73 -17.12 8.32
N PHE B 195 -4.08 -18.40 8.25
CA PHE B 195 -5.09 -18.92 7.30
C PHE B 195 -6.45 -18.26 7.53
N GLU B 196 -6.81 -18.05 8.79
CA GLU B 196 -8.09 -17.40 9.11
C GLU B 196 -8.10 -16.00 8.50
N GLY B 197 -7.00 -15.27 8.60
CA GLY B 197 -6.98 -13.90 8.05
C GLY B 197 -7.08 -13.94 6.53
N MET B 198 -6.35 -14.84 5.90
CA MET B 198 -6.35 -14.96 4.42
C MET B 198 -7.75 -15.34 3.93
N ARG B 199 -8.37 -16.35 4.55
CA ARG B 199 -9.70 -16.84 4.10
C ARG B 199 -10.69 -15.69 4.15
N ARG B 200 -10.70 -14.94 5.26
CA ARG B 200 -11.54 -13.74 5.45
C ARG B 200 -11.11 -12.60 4.52
N ARG B 201 -9.86 -12.57 4.06
CA ARG B 201 -9.44 -11.44 3.20
C ARG B 201 -9.79 -11.71 1.73
N GLY B 202 -10.24 -12.93 1.43
CA GLY B 202 -10.73 -13.30 0.09
C GLY B 202 -9.66 -13.94 -0.77
N PHE B 203 -8.61 -14.47 -0.15
CA PHE B 203 -7.54 -15.23 -0.86
C PHE B 203 -8.14 -16.55 -1.36
N SER B 204 -7.66 -16.98 -2.53
CA SER B 204 -8.16 -18.17 -3.26
C SER B 204 -7.68 -19.45 -2.55
N SER B 205 -8.54 -20.46 -2.50
CA SER B 205 -8.20 -21.83 -2.03
C SER B 205 -6.80 -22.20 -2.53
N GLU B 206 -6.52 -21.94 -3.80
CA GLU B 206 -5.25 -22.36 -4.45
C GLU B 206 -4.06 -21.59 -3.88
N ALA B 207 -4.23 -20.30 -3.58
CA ALA B 207 -3.16 -19.44 -3.01
C ALA B 207 -2.77 -19.95 -1.61
N ILE B 208 -3.78 -20.18 -0.75
CA ILE B 208 -3.66 -20.77 0.61
C ILE B 208 -2.88 -22.09 0.57
N HIS B 209 -3.20 -22.96 -0.39
CA HIS B 209 -2.56 -24.30 -0.58
C HIS B 209 -1.09 -24.14 -0.97
N ALA B 210 -0.78 -23.28 -1.95
CA ALA B 210 0.61 -22.91 -2.34
C ALA B 210 1.40 -22.44 -1.11
N LEU B 211 0.82 -21.53 -0.33
CA LEU B 211 1.42 -20.93 0.92
C LEU B 211 1.78 -22.00 1.96
N ARG B 212 0.87 -22.97 2.18
CA ARG B 212 1.13 -24.13 3.07
C ARG B 212 2.42 -24.82 2.60
N ARG B 213 2.58 -25.10 1.30
CA ARG B 213 3.78 -25.83 0.85
C ARG B 213 4.98 -24.91 1.06
N ALA B 214 4.76 -23.61 0.78
CA ALA B 214 5.77 -22.53 0.89
C ALA B 214 6.34 -22.55 2.32
N TYR B 215 5.43 -22.57 3.31
CA TYR B 215 5.78 -22.63 4.77
C TYR B 215 6.65 -23.84 5.00
N LYS B 216 6.25 -25.04 4.51
CA LYS B 216 7.07 -26.30 4.67
C LYS B 216 8.45 -26.12 4.09
N VAL B 217 8.55 -25.52 2.90
CA VAL B 217 9.85 -25.35 2.19
C VAL B 217 10.82 -24.62 3.13
N VAL B 218 10.36 -23.54 3.76
CA VAL B 218 11.28 -22.63 4.51
C VAL B 218 11.62 -23.26 5.86
N TYR B 219 10.63 -23.84 6.53
CA TYR B 219 10.61 -24.11 7.99
C TYR B 219 10.79 -25.61 8.31
N ARG B 220 10.24 -26.50 7.47
CA ARG B 220 10.20 -27.94 7.82
C ARG B 220 10.98 -28.86 6.89
N GLN B 221 11.84 -28.34 6.01
CA GLN B 221 12.54 -29.25 5.09
C GLN B 221 14.05 -29.22 5.29
N GLY B 222 14.54 -28.47 6.28
CA GLY B 222 15.99 -28.41 6.57
C GLY B 222 16.78 -27.53 5.61
N HIS B 223 16.12 -26.87 4.66
CA HIS B 223 16.77 -26.04 3.64
C HIS B 223 17.23 -24.75 4.30
N THR B 224 18.26 -24.15 3.73
CA THR B 224 18.71 -22.82 4.21
C THR B 224 17.88 -21.76 3.50
N VAL B 225 18.11 -20.52 3.86
CA VAL B 225 17.32 -19.45 3.21
C VAL B 225 17.67 -19.44 1.72
N GLU B 226 18.96 -19.61 1.38
CA GLU B 226 19.47 -19.76 -0.02
C GLU B 226 18.62 -20.83 -0.71
N GLU B 227 18.78 -22.07 -0.22
CA GLU B 227 18.12 -23.32 -0.70
C GLU B 227 16.62 -23.03 -0.93
N ALA B 228 15.94 -22.55 0.10
CA ALA B 228 14.47 -22.47 0.16
C ALA B 228 13.95 -21.43 -0.83
N LEU B 229 14.63 -20.29 -0.93
CA LEU B 229 14.27 -19.18 -1.85
C LEU B 229 14.24 -19.73 -3.28
N ALA B 230 15.28 -20.48 -3.65
CA ALA B 230 15.35 -21.24 -4.93
C ALA B 230 14.04 -22.04 -5.14
N GLU B 231 13.71 -22.91 -4.18
CA GLU B 231 12.61 -23.90 -4.24
C GLU B 231 11.25 -23.18 -4.38
N LEU B 232 11.13 -21.92 -3.93
CA LEU B 232 9.86 -21.12 -3.98
C LEU B 232 9.65 -20.47 -5.36
N ALA B 233 10.73 -20.27 -6.13
CA ALA B 233 10.71 -19.54 -7.42
C ALA B 233 9.46 -19.93 -8.22
N GLU B 234 9.32 -21.24 -8.46
CA GLU B 234 8.26 -21.80 -9.31
C GLU B 234 6.89 -21.31 -8.81
N SER B 235 6.60 -21.51 -7.53
CA SER B 235 5.25 -21.26 -6.96
C SER B 235 5.00 -19.74 -6.89
N ALA B 236 6.07 -19.01 -6.58
CA ALA B 236 6.15 -17.52 -6.59
C ALA B 236 5.71 -16.97 -7.95
N ALA B 237 5.97 -17.71 -9.04
CA ALA B 237 5.41 -17.35 -10.37
C ALA B 237 3.88 -17.57 -10.41
N GLN B 238 3.39 -18.71 -9.94
CA GLN B 238 1.98 -19.10 -10.19
C GLN B 238 1.05 -18.26 -9.30
N PHE B 239 1.55 -17.77 -8.14
CA PHE B 239 0.74 -17.02 -7.15
C PHE B 239 1.49 -15.76 -6.73
N PRO B 240 0.84 -14.57 -6.82
CA PRO B 240 1.39 -13.37 -6.21
C PRO B 240 1.77 -13.62 -4.74
N GLU B 241 0.88 -14.27 -3.99
CA GLU B 241 0.98 -14.50 -2.52
C GLU B 241 2.30 -15.18 -2.16
N VAL B 242 2.73 -16.22 -2.89
CA VAL B 242 3.98 -16.95 -2.53
C VAL B 242 5.17 -16.04 -2.88
N ALA B 243 4.96 -15.10 -3.82
CA ALA B 243 5.92 -14.03 -4.21
C ALA B 243 6.14 -13.07 -3.02
N VAL B 244 5.06 -12.51 -2.49
CA VAL B 244 5.03 -11.67 -1.26
C VAL B 244 5.75 -12.42 -0.11
N PHE B 245 5.50 -13.72 0.03
CA PHE B 245 6.11 -14.57 1.09
C PHE B 245 7.61 -14.69 0.82
N ARG B 246 7.96 -15.16 -0.38
CA ARG B 246 9.37 -15.35 -0.81
C ARG B 246 10.17 -14.04 -0.68
N ASP B 247 9.56 -12.91 -1.06
CA ASP B 247 10.15 -11.54 -0.98
C ASP B 247 10.48 -11.21 0.49
N SER B 248 9.52 -11.48 1.39
CA SER B 248 9.69 -11.21 2.85
C SER B 248 10.91 -11.98 3.37
N ILE B 249 11.20 -13.14 2.83
CA ILE B 249 12.32 -13.99 3.34
C ILE B 249 13.64 -13.50 2.74
N GLN B 250 13.58 -13.04 1.50
CA GLN B 250 14.73 -12.45 0.76
C GLN B 250 15.27 -11.23 1.54
N SER B 251 14.39 -10.32 1.96
CA SER B 251 14.75 -9.01 2.56
C SER B 251 15.04 -9.11 4.06
N ALA B 252 15.08 -10.31 4.64
CA ALA B 252 15.23 -10.52 6.11
C ALA B 252 16.69 -10.40 6.56
N THR B 253 17.15 -9.17 6.82
CA THR B 253 18.57 -8.83 7.13
C THR B 253 18.96 -9.32 8.54
N ARG B 254 18.00 -9.70 9.38
CA ARG B 254 18.28 -10.13 10.78
C ARG B 254 18.09 -11.65 10.90
N GLY B 255 17.81 -12.34 9.79
CA GLY B 255 17.33 -13.74 9.81
C GLY B 255 15.81 -13.77 9.99
N ILE B 256 15.21 -14.95 10.02
CA ILE B 256 13.73 -15.05 10.15
C ILE B 256 13.39 -15.67 11.51
N THR B 257 12.23 -15.32 12.05
CA THR B 257 11.67 -15.95 13.25
C THR B 257 11.44 -17.42 12.89
N ARG B 258 11.89 -18.36 13.71
CA ARG B 258 11.72 -19.83 13.51
C ARG B 258 10.82 -20.44 14.59
N LEU C 3 -14.73 23.74 43.88
CA LEU C 3 -15.00 22.25 43.82
C LEU C 3 -14.94 21.82 42.36
N ILE C 4 -15.73 22.46 41.49
CA ILE C 4 -15.63 22.32 40.01
C ILE C 4 -14.67 23.41 39.50
N ASP C 5 -13.43 23.03 39.15
CA ASP C 5 -12.42 23.99 38.66
C ASP C 5 -13.00 24.72 37.45
N PRO C 6 -12.85 26.06 37.34
CA PRO C 6 -13.34 26.80 36.16
C PRO C 6 -12.67 26.43 34.83
N ARG C 7 -11.49 25.83 34.84
CA ARG C 7 -10.79 25.49 33.58
C ARG C 7 -11.31 24.15 33.03
N ALA C 8 -12.15 23.44 33.79
CA ALA C 8 -12.82 22.17 33.41
C ALA C 8 -14.00 22.45 32.46
N ILE C 9 -14.39 21.48 31.61
CA ILE C 9 -15.53 21.59 30.65
C ILE C 9 -16.59 20.59 31.11
N ILE C 10 -17.69 21.10 31.64
CA ILE C 10 -18.81 20.27 32.17
C ILE C 10 -19.95 20.45 31.17
N ASP C 11 -20.35 19.37 30.49
CA ASP C 11 -21.51 19.38 29.56
C ASP C 11 -22.77 19.76 30.34
N PRO C 12 -23.70 20.52 29.71
CA PRO C 12 -24.97 20.88 30.35
C PRO C 12 -25.76 19.64 30.82
N SER C 13 -25.70 18.54 30.06
CA SER C 13 -26.48 17.29 30.28
C SER C 13 -25.80 16.34 31.28
N ALA C 14 -24.71 16.74 31.94
CA ALA C 14 -24.01 15.91 32.94
C ALA C 14 -24.55 16.23 34.32
N ARG C 15 -24.74 15.20 35.14
CA ARG C 15 -25.27 15.35 36.52
C ARG C 15 -24.18 15.08 37.53
N LEU C 16 -23.92 16.02 38.40
CA LEU C 16 -22.88 15.83 39.43
C LEU C 16 -23.56 16.00 40.77
N ALA C 17 -23.00 15.34 41.79
CA ALA C 17 -23.44 15.44 43.19
C ALA C 17 -22.85 16.70 43.83
N ALA C 18 -23.25 17.00 45.05
CA ALA C 18 -22.82 18.26 45.68
C ALA C 18 -21.31 18.40 45.94
N ASP C 19 -20.65 17.38 46.46
CA ASP C 19 -19.25 17.59 46.91
C ASP C 19 -18.24 17.05 45.88
N VAL C 20 -18.69 16.84 44.65
CA VAL C 20 -17.86 16.33 43.51
C VAL C 20 -16.81 17.40 43.16
N GLN C 21 -15.54 17.03 43.19
CA GLN C 21 -14.42 17.89 42.74
C GLN C 21 -13.97 17.44 41.35
N VAL C 22 -13.85 18.39 40.44
CA VAL C 22 -13.29 18.22 39.07
C VAL C 22 -12.10 19.16 38.95
N GLY C 23 -10.95 18.62 38.55
CA GLY C 23 -9.71 19.40 38.43
C GLY C 23 -9.69 20.17 37.12
N PRO C 24 -8.71 21.07 36.95
CA PRO C 24 -8.53 21.78 35.69
C PRO C 24 -8.25 20.89 34.47
N TRP C 25 -8.77 21.33 33.32
CA TRP C 25 -8.53 20.78 31.97
C TRP C 25 -9.10 19.36 31.90
N SER C 26 -10.06 19.03 32.75
CA SER C 26 -10.88 17.81 32.64
C SER C 26 -12.17 18.11 31.88
N ILE C 27 -12.65 17.13 31.11
CA ILE C 27 -13.93 17.16 30.35
C ILE C 27 -14.87 16.16 30.99
N VAL C 28 -16.02 16.65 31.45
CA VAL C 28 -17.17 15.79 31.87
C VAL C 28 -18.21 15.90 30.75
N GLY C 29 -18.29 14.88 29.90
CA GLY C 29 -19.13 14.85 28.70
C GLY C 29 -20.61 14.61 29.00
N ALA C 30 -21.39 14.54 27.93
CA ALA C 30 -22.85 14.32 27.92
C ALA C 30 -23.14 12.94 28.50
N GLU C 31 -24.19 12.88 29.32
CA GLU C 31 -24.75 11.65 29.92
C GLU C 31 -23.73 11.05 30.90
N VAL C 32 -22.87 11.87 31.52
CA VAL C 32 -21.99 11.40 32.64
C VAL C 32 -22.56 11.88 33.96
N GLU C 33 -22.96 10.92 34.79
CA GLU C 33 -23.37 11.15 36.19
C GLU C 33 -22.16 10.82 37.05
N ILE C 34 -21.92 11.63 38.07
CA ILE C 34 -20.80 11.45 39.03
C ILE C 34 -21.34 11.65 40.44
N GLY C 35 -21.22 10.62 41.27
CA GLY C 35 -21.82 10.56 42.61
C GLY C 35 -20.99 11.27 43.65
N GLU C 36 -21.60 11.41 44.82
CA GLU C 36 -21.12 12.20 45.99
C GLU C 36 -19.76 11.68 46.44
N GLY C 37 -18.84 12.59 46.74
CA GLY C 37 -17.56 12.25 47.39
C GLY C 37 -16.49 11.98 46.35
N THR C 38 -16.86 11.95 45.06
CA THR C 38 -15.95 11.54 43.96
C THR C 38 -15.08 12.72 43.53
N VAL C 39 -13.77 12.49 43.49
CA VAL C 39 -12.75 13.49 43.12
C VAL C 39 -12.22 13.10 41.74
N ILE C 40 -12.49 13.92 40.72
CA ILE C 40 -11.93 13.81 39.34
C ILE C 40 -10.69 14.71 39.31
N GLY C 41 -9.56 14.13 38.96
CA GLY C 41 -8.30 14.88 38.88
C GLY C 41 -8.26 15.86 37.71
N PRO C 42 -7.12 16.57 37.52
CA PRO C 42 -6.87 17.31 36.29
C PRO C 42 -6.60 16.37 35.11
N HIS C 43 -6.82 16.86 33.90
CA HIS C 43 -6.57 16.19 32.61
C HIS C 43 -7.26 14.82 32.55
N VAL C 44 -8.48 14.71 33.09
CA VAL C 44 -9.34 13.51 32.91
C VAL C 44 -10.31 13.78 31.75
N VAL C 45 -10.51 12.79 30.88
CA VAL C 45 -11.61 12.78 29.88
C VAL C 45 -12.60 11.70 30.33
N LEU C 46 -13.84 12.12 30.65
CA LEU C 46 -15.01 11.24 30.93
C LEU C 46 -15.97 11.36 29.74
N LYS C 47 -16.37 10.23 29.17
CA LYS C 47 -17.37 10.17 28.07
C LYS C 47 -18.51 9.24 28.53
N GLY C 48 -19.70 9.47 27.97
CA GLY C 48 -20.95 8.82 28.38
C GLY C 48 -21.58 8.06 27.22
N PRO C 49 -22.75 7.42 27.42
CA PRO C 49 -23.40 7.33 28.73
C PRO C 49 -22.66 6.53 29.80
N THR C 50 -22.32 7.18 30.90
CA THR C 50 -21.52 6.61 31.99
C THR C 50 -22.15 7.03 33.30
N LYS C 51 -22.15 6.14 34.29
CA LYS C 51 -22.57 6.43 35.67
C LYS C 51 -21.42 6.08 36.61
N ILE C 52 -20.99 7.04 37.43
CA ILE C 52 -19.90 6.83 38.40
C ILE C 52 -20.49 7.00 39.81
N GLY C 53 -20.10 6.15 40.75
CA GLY C 53 -20.61 6.11 42.12
C GLY C 53 -20.00 7.12 43.07
N LYS C 54 -19.92 6.78 44.34
CA LYS C 54 -19.41 7.77 45.32
C LYS C 54 -18.03 7.42 45.88
N HIS C 55 -17.33 8.46 46.30
CA HIS C 55 -16.01 8.40 47.00
C HIS C 55 -14.98 7.68 46.12
N ASN C 56 -15.11 7.82 44.81
CA ASN C 56 -14.18 7.40 43.72
C ASN C 56 -13.11 8.47 43.51
N ARG C 57 -11.91 8.07 43.10
CA ARG C 57 -10.79 9.00 42.78
C ARG C 57 -10.31 8.57 41.40
N ILE C 58 -10.41 9.46 40.44
CA ILE C 58 -9.88 9.24 39.07
C ILE C 58 -8.73 10.21 38.84
N TYR C 59 -7.54 9.68 38.58
CA TYR C 59 -6.30 10.47 38.42
C TYR C 59 -6.14 10.94 36.98
N GLN C 60 -5.24 11.90 36.79
CA GLN C 60 -4.89 12.55 35.50
C GLN C 60 -4.54 11.57 34.38
N PHE C 61 -4.95 11.94 33.15
CA PHE C 61 -4.58 11.35 31.84
C PHE C 61 -5.41 10.07 31.63
N SER C 62 -6.41 9.85 32.48
CA SER C 62 -7.37 8.73 32.37
C SER C 62 -8.42 9.10 31.33
N SER C 63 -8.81 8.12 30.52
CA SER C 63 -9.92 8.19 29.54
C SER C 63 -10.96 7.19 30.01
N VAL C 64 -12.04 7.69 30.63
CA VAL C 64 -13.07 6.83 31.25
C VAL C 64 -14.37 7.00 30.46
N GLY C 65 -14.75 5.96 29.71
CA GLY C 65 -16.05 5.88 29.02
C GLY C 65 -15.89 6.14 27.53
N GLU C 66 -14.69 6.09 26.98
CA GLU C 66 -14.48 6.12 25.51
C GLU C 66 -15.17 4.91 24.84
N ASP C 67 -15.46 5.03 23.54
CA ASP C 67 -15.91 3.93 22.66
C ASP C 67 -14.74 2.96 22.45
N THR C 68 -15.03 1.68 22.40
CA THR C 68 -14.03 0.67 22.01
C THR C 68 -13.66 0.96 20.57
N PRO C 69 -12.39 0.80 20.16
CA PRO C 69 -12.04 0.81 18.75
C PRO C 69 -12.34 -0.52 18.05
N ASP C 70 -12.78 -1.53 18.81
CA ASP C 70 -13.21 -2.88 18.32
C ASP C 70 -14.16 -2.64 17.14
N LEU C 71 -13.81 -3.22 15.98
CA LEU C 71 -14.40 -2.92 14.64
C LEU C 71 -15.83 -3.44 14.53
N LYS C 72 -16.39 -4.03 15.60
CA LYS C 72 -17.81 -4.47 15.69
C LYS C 72 -18.66 -3.39 16.37
N TYR C 73 -18.06 -2.44 17.09
CA TYR C 73 -18.79 -1.28 17.65
C TYR C 73 -19.15 -0.33 16.51
N LYS C 74 -20.36 0.24 16.54
CA LYS C 74 -20.86 1.16 15.47
C LYS C 74 -21.73 2.28 16.06
N GLY C 75 -21.39 2.79 17.25
CA GLY C 75 -21.91 4.07 17.79
C GLY C 75 -23.15 3.90 18.65
N GLU C 76 -23.64 2.69 18.86
CA GLU C 76 -24.82 2.40 19.72
C GLU C 76 -24.60 3.06 21.09
N PRO C 77 -25.67 3.37 21.87
CA PRO C 77 -25.54 4.18 23.09
C PRO C 77 -25.17 3.35 24.35
N THR C 78 -24.11 2.56 24.24
CA THR C 78 -23.65 1.57 25.25
C THR C 78 -23.19 2.31 26.50
N ARG C 79 -23.06 1.60 27.62
CA ARG C 79 -22.94 2.24 28.96
C ARG C 79 -21.67 1.79 29.70
N LEU C 80 -21.29 2.57 30.70
CA LEU C 80 -20.25 2.22 31.68
C LEU C 80 -20.85 2.52 33.04
N VAL C 81 -20.70 1.61 33.99
CA VAL C 81 -21.15 1.79 35.40
C VAL C 81 -19.97 1.50 36.31
N ILE C 82 -19.62 2.47 37.16
CA ILE C 82 -18.59 2.32 38.22
C ILE C 82 -19.28 2.54 39.55
N GLY C 83 -18.98 1.69 40.54
CA GLY C 83 -19.57 1.74 41.88
C GLY C 83 -18.86 2.72 42.77
N ASP C 84 -18.61 2.34 44.01
CA ASP C 84 -18.15 3.28 45.06
C ASP C 84 -16.76 2.92 45.55
N HIS C 85 -16.01 3.93 45.97
CA HIS C 85 -14.75 3.76 46.73
C HIS C 85 -13.70 3.12 45.81
N ASN C 86 -13.76 3.38 44.52
CA ASN C 86 -12.74 2.92 43.54
C ASN C 86 -11.60 3.92 43.43
N VAL C 87 -10.40 3.45 43.15
CA VAL C 87 -9.24 4.32 42.82
C VAL C 87 -8.77 3.89 41.44
N ILE C 88 -8.89 4.81 40.51
CA ILE C 88 -8.44 4.70 39.10
C ILE C 88 -7.25 5.64 38.94
N ARG C 89 -6.07 5.08 38.75
CA ARG C 89 -4.80 5.83 38.77
C ARG C 89 -4.52 6.41 37.39
N GLU C 90 -3.29 6.87 37.19
CA GLU C 90 -2.85 7.69 36.04
C GLU C 90 -3.07 6.90 34.74
N GLY C 91 -3.65 7.55 33.75
CA GLY C 91 -3.66 7.09 32.35
C GLY C 91 -4.41 5.80 32.16
N VAL C 92 -5.36 5.46 33.03
CA VAL C 92 -6.22 4.26 32.84
C VAL C 92 -7.21 4.53 31.70
N THR C 93 -7.50 3.51 30.89
CA THR C 93 -8.49 3.55 29.78
C THR C 93 -9.59 2.54 30.13
N ILE C 94 -10.85 2.99 30.21
CA ILE C 94 -12.06 2.14 30.44
C ILE C 94 -13.05 2.43 29.31
N HIS C 95 -13.43 1.41 28.54
CA HIS C 95 -14.27 1.49 27.33
C HIS C 95 -15.68 1.02 27.69
N ARG C 96 -16.69 1.65 27.10
CA ARG C 96 -18.10 1.29 27.39
C ARG C 96 -18.40 -0.06 26.73
N GLY C 97 -19.58 -0.64 27.00
CA GLY C 97 -20.02 -1.93 26.42
C GLY C 97 -20.26 -1.87 24.92
N THR C 98 -20.62 -3.02 24.32
CA THR C 98 -21.02 -3.20 22.90
C THR C 98 -22.40 -3.86 22.90
N VAL C 99 -23.21 -3.68 21.86
CA VAL C 99 -24.63 -4.22 21.86
C VAL C 99 -24.59 -5.75 21.71
N GLN C 100 -23.56 -6.26 21.03
CA GLN C 100 -23.41 -7.72 20.86
C GLN C 100 -23.42 -8.42 22.22
N ASP C 101 -23.10 -7.73 23.31
CA ASP C 101 -23.08 -8.42 24.62
C ASP C 101 -23.49 -7.52 25.78
N ARG C 102 -24.78 -7.25 25.95
CA ARG C 102 -25.37 -6.52 27.12
C ARG C 102 -25.09 -5.01 27.16
N ALA C 103 -24.36 -4.44 26.20
CA ALA C 103 -24.15 -2.99 26.11
C ALA C 103 -23.71 -2.36 27.43
N GLU C 104 -22.78 -2.98 28.17
CA GLU C 104 -22.35 -2.37 29.45
C GLU C 104 -21.05 -2.95 30.01
N THR C 105 -20.15 -2.05 30.39
CA THR C 105 -18.90 -2.38 31.13
C THR C 105 -19.21 -2.04 32.58
N THR C 106 -18.93 -2.95 33.52
CA THR C 106 -19.32 -2.70 34.92
C THR C 106 -18.15 -2.86 35.89
N ILE C 107 -18.01 -1.94 36.83
CA ILE C 107 -16.97 -1.99 37.88
C ILE C 107 -17.68 -1.86 39.22
N GLY C 108 -17.31 -2.67 40.20
CA GLY C 108 -17.96 -2.69 41.52
C GLY C 108 -17.38 -1.68 42.50
N ASP C 109 -17.08 -2.12 43.71
CA ASP C 109 -16.64 -1.17 44.77
C ASP C 109 -15.27 -1.56 45.33
N HIS C 110 -14.56 -0.56 45.87
CA HIS C 110 -13.26 -0.76 46.55
C HIS C 110 -12.23 -1.43 45.65
N ASN C 111 -12.29 -1.18 44.35
CA ASN C 111 -11.31 -1.68 43.35
C ASN C 111 -10.14 -0.69 43.23
N LEU C 112 -8.94 -1.21 42.99
CA LEU C 112 -7.73 -0.36 42.82
C LEU C 112 -7.15 -0.71 41.46
N ILE C 113 -7.25 0.24 40.52
CA ILE C 113 -6.89 0.09 39.09
C ILE C 113 -5.70 0.99 38.90
N MET C 114 -4.53 0.39 38.88
CA MET C 114 -3.27 1.13 38.87
C MET C 114 -2.96 1.70 37.46
N ALA C 115 -1.86 2.45 37.39
CA ALA C 115 -1.50 3.26 36.20
C ALA C 115 -1.54 2.46 34.89
N TYR C 116 -2.21 3.03 33.89
CA TYR C 116 -2.18 2.60 32.46
C TYR C 116 -2.86 1.23 32.27
N ALA C 117 -3.54 0.74 33.29
CA ALA C 117 -4.45 -0.43 33.17
C ALA C 117 -5.48 -0.12 32.08
N HIS C 118 -5.94 -1.16 31.41
CA HIS C 118 -6.96 -1.08 30.35
C HIS C 118 -8.12 -2.03 30.70
N ILE C 119 -9.33 -1.49 30.80
CA ILE C 119 -10.56 -2.31 31.00
C ILE C 119 -11.39 -2.21 29.72
N GLY C 120 -11.38 -3.29 28.94
CA GLY C 120 -12.02 -3.41 27.63
C GLY C 120 -13.52 -3.50 27.75
N HIS C 121 -14.18 -3.14 26.67
CA HIS C 121 -15.65 -3.17 26.47
C HIS C 121 -16.23 -4.43 27.09
N ASP C 122 -17.29 -4.29 27.91
CA ASP C 122 -18.18 -5.41 28.34
C ASP C 122 -17.54 -6.18 29.49
N SER C 123 -16.39 -5.73 29.99
CA SER C 123 -15.77 -6.39 31.15
C SER C 123 -16.60 -6.07 32.38
N VAL C 124 -16.58 -7.00 33.31
CA VAL C 124 -17.30 -6.90 34.59
C VAL C 124 -16.25 -7.10 35.67
N ILE C 125 -15.98 -6.08 36.48
CA ILE C 125 -15.15 -6.22 37.71
C ILE C 125 -16.09 -6.22 38.92
N GLY C 126 -15.82 -7.04 39.93
CA GLY C 126 -16.55 -7.09 41.21
C GLY C 126 -16.00 -6.11 42.21
N ASN C 127 -15.64 -6.57 43.40
CA ASN C 127 -15.27 -5.68 44.51
C ASN C 127 -13.93 -6.10 45.07
N HIS C 128 -13.20 -5.11 45.59
CA HIS C 128 -11.93 -5.32 46.32
C HIS C 128 -10.89 -5.99 45.41
N CYS C 129 -11.00 -5.79 44.09
CA CYS C 129 -10.00 -6.27 43.10
C CYS C 129 -8.82 -5.29 43.02
N ILE C 130 -7.63 -5.79 42.71
CA ILE C 130 -6.44 -4.96 42.37
C ILE C 130 -5.98 -5.31 40.96
N LEU C 131 -6.05 -4.35 40.02
CA LEU C 131 -5.42 -4.48 38.70
C LEU C 131 -4.14 -3.63 38.77
N VAL C 132 -3.00 -4.30 38.79
CA VAL C 132 -1.67 -3.63 38.88
C VAL C 132 -1.34 -2.94 37.53
N ASN C 133 -0.32 -2.09 37.51
CA ASN C 133 0.06 -1.24 36.36
C ASN C 133 0.10 -2.04 35.06
N ASN C 134 -0.55 -1.47 34.05
CA ASN C 134 -0.52 -1.99 32.67
C ASN C 134 -1.30 -3.31 32.52
N THR C 135 -2.12 -3.69 33.49
CA THR C 135 -3.01 -4.86 33.30
C THR C 135 -3.99 -4.49 32.18
N ALA C 136 -4.27 -5.44 31.29
CA ALA C 136 -5.12 -5.21 30.10
C ALA C 136 -6.16 -6.33 30.00
N LEU C 137 -7.45 -5.97 30.08
CA LEU C 137 -8.61 -6.87 29.84
C LEU C 137 -9.13 -6.62 28.44
N ALA C 138 -9.07 -7.62 27.54
CA ALA C 138 -9.30 -7.42 26.10
C ALA C 138 -10.77 -7.01 25.84
N GLY C 139 -11.68 -7.53 26.60
CA GLY C 139 -13.13 -7.39 26.36
C GLY C 139 -13.87 -8.59 26.94
N HIS C 140 -15.05 -8.36 27.52
CA HIS C 140 -15.95 -9.44 28.01
C HIS C 140 -15.26 -10.21 29.12
N VAL C 141 -14.34 -9.57 29.85
CA VAL C 141 -13.61 -10.27 30.91
C VAL C 141 -14.39 -10.06 32.18
N HIS C 142 -14.58 -11.13 32.94
CA HIS C 142 -15.24 -11.11 34.27
C HIS C 142 -14.18 -11.39 35.34
N VAL C 143 -13.91 -10.38 36.17
CA VAL C 143 -13.00 -10.42 37.33
C VAL C 143 -13.88 -10.46 38.58
N ASP C 144 -13.89 -11.59 39.27
CA ASP C 144 -14.65 -11.75 40.53
C ASP C 144 -13.89 -11.12 41.70
N ASP C 145 -14.58 -10.96 42.83
CA ASP C 145 -14.12 -10.19 44.01
C ASP C 145 -12.77 -10.67 44.52
N TRP C 146 -11.94 -9.73 44.98
CA TRP C 146 -10.68 -9.98 45.75
C TRP C 146 -9.57 -10.49 44.84
N ALA C 147 -9.80 -10.54 43.55
CA ALA C 147 -8.77 -11.00 42.59
C ALA C 147 -7.68 -9.94 42.49
N ILE C 148 -6.45 -10.42 42.26
CA ILE C 148 -5.24 -9.58 42.06
C ILE C 148 -4.61 -10.00 40.74
N LEU C 149 -4.60 -9.09 39.77
CA LEU C 149 -3.84 -9.23 38.51
C LEU C 149 -2.58 -8.37 38.61
N SER C 150 -1.40 -8.98 38.66
CA SER C 150 -0.14 -8.24 38.87
C SER C 150 0.22 -7.49 37.60
N GLY C 151 1.33 -6.75 37.65
CA GLY C 151 1.71 -5.81 36.56
C GLY C 151 1.74 -6.45 35.20
N TYR C 152 1.21 -5.76 34.20
CA TYR C 152 1.34 -6.18 32.78
C TYR C 152 0.69 -7.56 32.55
N THR C 153 -0.29 -7.94 33.34
CA THR C 153 -1.14 -9.14 33.09
C THR C 153 -2.08 -8.82 31.93
N LEU C 154 -2.09 -9.69 30.93
CA LEU C 154 -2.92 -9.62 29.72
C LEU C 154 -3.97 -10.70 29.80
N VAL C 155 -5.22 -10.32 29.54
CA VAL C 155 -6.38 -11.24 29.65
C VAL C 155 -7.10 -11.22 28.30
N HIS C 156 -7.21 -12.40 27.70
CA HIS C 156 -7.88 -12.60 26.39
C HIS C 156 -9.37 -12.34 26.58
N GLN C 157 -10.10 -11.99 25.51
CA GLN C 157 -11.56 -11.81 25.50
C GLN C 157 -12.24 -13.05 26.10
N TYR C 158 -13.23 -12.81 26.95
CA TYR C 158 -14.22 -13.81 27.45
C TYR C 158 -13.68 -14.59 28.64
N CYS C 159 -12.44 -14.36 29.10
CA CYS C 159 -11.91 -15.07 30.27
C CYS C 159 -12.61 -14.63 31.56
N ARG C 160 -12.84 -15.59 32.44
CA ARG C 160 -13.31 -15.38 33.82
C ARG C 160 -12.11 -15.54 34.75
N ILE C 161 -11.86 -14.52 35.57
CA ILE C 161 -10.84 -14.54 36.63
C ILE C 161 -11.57 -14.68 37.96
N GLY C 162 -11.42 -15.83 38.61
CA GLY C 162 -12.15 -16.21 39.82
C GLY C 162 -11.79 -15.34 41.02
N ALA C 163 -12.68 -15.37 42.01
CA ALA C 163 -12.54 -14.65 43.28
C ALA C 163 -11.26 -15.12 43.96
N HIS C 164 -10.47 -14.19 44.49
CA HIS C 164 -9.27 -14.38 45.33
C HIS C 164 -8.16 -15.05 44.49
N SER C 165 -8.29 -15.07 43.16
CA SER C 165 -7.24 -15.55 42.23
C SER C 165 -6.11 -14.52 42.18
N PHE C 166 -4.95 -14.96 41.73
CA PHE C 166 -3.73 -14.15 41.63
C PHE C 166 -3.01 -14.51 40.32
N SER C 167 -2.71 -13.50 39.51
CA SER C 167 -1.86 -13.68 38.31
C SER C 167 -0.53 -12.99 38.55
N GLY C 168 0.56 -13.68 38.24
CA GLY C 168 1.93 -13.14 38.34
C GLY C 168 2.22 -12.07 37.29
N MET C 169 3.23 -11.24 37.55
CA MET C 169 3.53 -10.10 36.66
C MET C 169 3.78 -10.63 35.25
N GLY C 170 3.22 -9.98 34.25
CA GLY C 170 3.50 -10.32 32.87
C GLY C 170 2.84 -11.62 32.44
N SER C 171 1.83 -12.12 33.18
CA SER C 171 1.05 -13.32 32.80
C SER C 171 0.22 -12.99 31.57
N ALA C 172 -0.02 -13.95 30.69
CA ALA C 172 -1.02 -13.80 29.62
C ALA C 172 -2.03 -14.92 29.74
N ILE C 173 -3.23 -14.56 30.14
CA ILE C 173 -4.32 -15.52 30.50
C ILE C 173 -5.20 -15.75 29.26
N GLY C 174 -5.40 -17.01 28.90
CA GLY C 174 -6.20 -17.42 27.72
C GLY C 174 -7.39 -18.29 28.13
N LYS C 175 -7.45 -18.74 29.37
CA LYS C 175 -8.51 -19.66 29.84
C LYS C 175 -8.95 -19.16 31.20
N ASP C 176 -10.11 -19.59 31.63
CA ASP C 176 -10.68 -19.15 32.93
C ASP C 176 -9.66 -19.46 34.00
N VAL C 177 -9.49 -18.52 34.93
CA VAL C 177 -8.77 -18.80 36.20
C VAL C 177 -9.79 -19.09 37.29
N PRO C 178 -9.82 -20.33 37.85
CA PRO C 178 -10.75 -20.62 38.93
C PRO C 178 -10.46 -19.78 40.17
N ALA C 179 -11.47 -19.64 41.02
CA ALA C 179 -11.35 -18.97 42.34
C ALA C 179 -10.15 -19.54 43.10
N TYR C 180 -9.41 -18.63 43.74
CA TYR C 180 -8.27 -18.87 44.68
C TYR C 180 -7.01 -19.35 43.95
N VAL C 181 -7.04 -19.55 42.64
CA VAL C 181 -5.88 -20.18 41.91
C VAL C 181 -4.81 -19.10 41.63
N THR C 182 -3.54 -19.46 41.71
CA THR C 182 -2.39 -18.61 41.29
C THR C 182 -1.87 -19.06 39.91
N VAL C 183 -1.72 -18.12 38.98
CA VAL C 183 -1.24 -18.41 37.59
C VAL C 183 -0.06 -17.49 37.27
N PHE C 184 0.88 -18.00 36.48
CA PHE C 184 2.12 -17.31 36.09
C PHE C 184 2.45 -17.68 34.66
N GLY C 185 2.98 -16.72 33.90
CA GLY C 185 3.62 -16.94 32.60
C GLY C 185 2.76 -16.56 31.42
N ASN C 186 3.35 -16.65 30.23
CA ASN C 186 2.73 -16.43 28.91
C ASN C 186 2.95 -17.71 28.10
N PRO C 187 1.99 -18.66 27.94
CA PRO C 187 0.63 -18.58 28.45
C PRO C 187 0.64 -18.89 29.94
N ALA C 188 -0.36 -18.39 30.68
CA ALA C 188 -0.42 -18.53 32.15
C ALA C 188 -0.63 -20.01 32.43
N GLU C 189 -0.05 -20.53 33.49
CA GLU C 189 -0.35 -21.92 33.91
C GLU C 189 -0.54 -21.87 35.43
N ALA C 190 -1.44 -22.71 35.96
CA ALA C 190 -1.77 -22.75 37.39
C ALA C 190 -0.54 -23.26 38.13
N ARG C 191 -0.22 -22.68 39.28
CA ARG C 191 0.93 -23.11 40.09
C ARG C 191 0.43 -23.62 41.45
N SER C 192 -0.50 -22.96 42.10
CA SER C 192 -0.99 -23.34 43.44
C SER C 192 -2.31 -22.62 43.75
N MET C 193 -2.72 -22.63 45.02
CA MET C 193 -3.84 -21.81 45.48
C MET C 193 -3.32 -20.61 46.26
N ASN C 194 -4.12 -19.56 46.33
CA ASN C 194 -3.73 -18.26 46.93
C ASN C 194 -3.95 -18.31 48.45
N PHE C 195 -3.23 -19.17 49.17
CA PHE C 195 -3.38 -19.36 50.63
C PHE C 195 -3.15 -18.02 51.32
N GLU C 196 -2.09 -17.32 50.95
CA GLU C 196 -1.81 -15.95 51.46
C GLU C 196 -3.14 -15.20 51.41
N GLY C 197 -3.74 -15.11 50.21
CA GLY C 197 -4.99 -14.35 49.99
C GLY C 197 -6.06 -14.74 50.97
N MET C 198 -6.23 -16.03 51.25
CA MET C 198 -7.24 -16.59 52.19
C MET C 198 -6.94 -16.17 53.64
N ARG C 199 -5.67 -16.23 54.05
CA ARG C 199 -5.25 -15.81 55.43
C ARG C 199 -5.56 -14.31 55.60
N ARG C 200 -5.27 -13.52 54.56
CA ARG C 200 -5.55 -12.07 54.51
C ARG C 200 -7.04 -11.79 54.68
N ARG C 201 -7.94 -12.79 54.68
CA ARG C 201 -9.41 -12.60 54.95
C ARG C 201 -9.90 -13.46 56.13
N GLY C 202 -9.02 -14.03 56.93
CA GLY C 202 -9.42 -14.83 58.10
C GLY C 202 -10.36 -15.97 57.75
N PHE C 203 -10.12 -16.63 56.62
CA PHE C 203 -10.76 -17.94 56.31
C PHE C 203 -10.52 -18.87 57.50
N SER C 204 -11.53 -19.60 57.95
CA SER C 204 -11.35 -20.65 59.00
C SER C 204 -10.26 -21.62 58.50
N SER C 205 -9.33 -22.06 59.35
CA SER C 205 -8.23 -22.95 58.89
C SER C 205 -8.83 -24.21 58.25
N GLU C 206 -9.95 -24.72 58.75
CA GLU C 206 -10.67 -25.89 58.18
C GLU C 206 -11.08 -25.63 56.72
N ALA C 207 -11.48 -24.40 56.43
CA ALA C 207 -11.85 -23.91 55.08
C ALA C 207 -10.61 -23.86 54.17
N ILE C 208 -9.45 -23.47 54.70
CA ILE C 208 -8.16 -23.44 53.94
C ILE C 208 -7.77 -24.89 53.62
N HIS C 209 -7.84 -25.80 54.59
N HIS C 209 -7.85 -25.79 54.60
CA HIS C 209 -7.53 -27.24 54.42
CA HIS C 209 -7.52 -27.24 54.43
C HIS C 209 -8.51 -27.84 53.39
C HIS C 209 -8.51 -27.85 53.42
N ALA C 210 -9.79 -27.46 53.48
CA ALA C 210 -10.86 -27.87 52.54
C ALA C 210 -10.55 -27.40 51.11
N LEU C 211 -10.12 -26.15 50.95
CA LEU C 211 -9.74 -25.63 49.61
C LEU C 211 -8.45 -26.31 49.11
N ARG C 212 -7.49 -26.61 49.99
CA ARG C 212 -6.24 -27.32 49.57
C ARG C 212 -6.61 -28.69 48.98
N ARG C 213 -7.51 -29.42 49.65
CA ARG C 213 -8.07 -30.71 49.17
C ARG C 213 -8.75 -30.51 47.81
N ALA C 214 -9.60 -29.48 47.68
CA ALA C 214 -10.39 -29.23 46.45
C ALA C 214 -9.42 -29.02 45.29
N TYR C 215 -8.37 -28.23 45.52
CA TYR C 215 -7.33 -27.99 44.50
C TYR C 215 -6.83 -29.36 44.00
N LYS C 216 -6.51 -30.29 44.90
CA LYS C 216 -5.91 -31.60 44.51
C LYS C 216 -6.94 -32.39 43.69
N VAL C 217 -8.21 -32.35 44.07
CA VAL C 217 -9.29 -33.09 43.36
C VAL C 217 -9.32 -32.66 41.89
N VAL C 218 -9.16 -31.37 41.64
CA VAL C 218 -9.28 -30.82 40.27
C VAL C 218 -7.98 -31.02 39.50
N TYR C 219 -6.83 -30.72 40.11
CA TYR C 219 -5.55 -30.44 39.39
C TYR C 219 -4.59 -31.64 39.43
N ARG C 220 -4.53 -32.39 40.53
CA ARG C 220 -3.41 -33.34 40.84
C ARG C 220 -3.94 -34.76 41.08
N GLN C 221 -5.00 -35.21 40.40
CA GLN C 221 -5.57 -36.57 40.61
C GLN C 221 -6.07 -37.21 39.30
N GLY C 222 -5.62 -36.74 38.14
CA GLY C 222 -6.01 -37.30 36.82
C GLY C 222 -7.51 -37.30 36.60
N HIS C 223 -8.30 -36.64 37.44
CA HIS C 223 -9.78 -36.54 37.32
C HIS C 223 -10.12 -35.66 36.12
N THR C 224 -11.21 -35.95 35.40
CA THR C 224 -11.85 -35.02 34.43
C THR C 224 -12.60 -33.96 35.25
N VAL C 225 -13.07 -32.91 34.58
CA VAL C 225 -13.77 -31.77 35.23
C VAL C 225 -15.07 -32.29 35.86
N GLU C 226 -15.85 -33.09 35.11
CA GLU C 226 -17.13 -33.69 35.57
C GLU C 226 -16.84 -34.50 36.84
N GLU C 227 -15.75 -35.28 36.79
CA GLU C 227 -15.35 -36.20 37.89
C GLU C 227 -15.02 -35.35 39.12
N ALA C 228 -14.18 -34.34 38.94
CA ALA C 228 -13.76 -33.40 40.02
C ALA C 228 -14.99 -32.67 40.59
N LEU C 229 -15.86 -32.12 39.75
CA LEU C 229 -17.08 -31.39 40.21
C LEU C 229 -17.90 -32.34 41.09
N ALA C 230 -18.15 -33.56 40.60
CA ALA C 230 -18.89 -34.64 41.29
C ALA C 230 -18.32 -34.83 42.69
N GLU C 231 -17.00 -35.07 42.79
CA GLU C 231 -16.27 -35.29 44.07
C GLU C 231 -16.26 -34.03 44.96
N LEU C 232 -16.42 -32.81 44.42
CA LEU C 232 -16.37 -31.55 45.22
C LEU C 232 -17.72 -31.28 45.89
N ALA C 233 -18.80 -31.88 45.36
CA ALA C 233 -20.21 -31.66 45.78
C ALA C 233 -20.34 -31.59 47.32
N GLU C 234 -19.82 -32.59 48.05
CA GLU C 234 -20.07 -32.74 49.51
C GLU C 234 -19.39 -31.56 50.22
N SER C 235 -18.11 -31.34 49.88
CA SER C 235 -17.25 -30.28 50.48
C SER C 235 -17.83 -28.88 50.19
N ALA C 236 -18.36 -28.67 48.98
CA ALA C 236 -19.07 -27.44 48.54
C ALA C 236 -20.25 -27.16 49.48
N ALA C 237 -21.18 -28.10 49.62
CA ALA C 237 -22.41 -28.00 50.45
C ALA C 237 -22.03 -27.74 51.93
N GLN C 238 -20.87 -28.24 52.35
CA GLN C 238 -20.35 -28.13 53.74
C GLN C 238 -19.71 -26.75 53.97
N PHE C 239 -18.83 -26.27 53.08
CA PHE C 239 -18.08 -24.99 53.20
C PHE C 239 -18.44 -24.05 52.06
N PRO C 240 -19.08 -22.88 52.32
CA PRO C 240 -19.37 -21.93 51.25
C PRO C 240 -18.10 -21.48 50.50
N GLU C 241 -16.95 -21.52 51.17
CA GLU C 241 -15.63 -21.16 50.59
C GLU C 241 -15.35 -22.13 49.43
N VAL C 242 -15.62 -23.42 49.62
CA VAL C 242 -15.34 -24.46 48.59
C VAL C 242 -16.31 -24.32 47.44
N ALA C 243 -17.54 -23.86 47.69
CA ALA C 243 -18.61 -23.73 46.67
C ALA C 243 -18.20 -22.66 45.63
N VAL C 244 -17.57 -21.57 46.07
CA VAL C 244 -17.02 -20.51 45.16
C VAL C 244 -16.07 -21.22 44.18
N PHE C 245 -15.21 -22.08 44.70
CA PHE C 245 -14.20 -22.78 43.87
C PHE C 245 -14.93 -23.70 42.88
N ARG C 246 -15.83 -24.51 43.42
CA ARG C 246 -16.66 -25.48 42.65
C ARG C 246 -17.43 -24.73 41.58
N ASP C 247 -18.10 -23.63 41.93
CA ASP C 247 -18.92 -22.85 40.96
C ASP C 247 -18.01 -22.29 39.87
N SER C 248 -16.80 -21.81 40.23
CA SER C 248 -15.88 -21.17 39.24
C SER C 248 -15.47 -22.20 38.18
N ILE C 249 -15.27 -23.45 38.55
CA ILE C 249 -14.93 -24.52 37.55
C ILE C 249 -16.18 -24.87 36.73
N GLN C 250 -17.32 -25.04 37.40
CA GLN C 250 -18.59 -25.40 36.72
C GLN C 250 -18.93 -24.35 35.65
N SER C 251 -18.68 -23.05 35.91
CA SER C 251 -19.03 -21.94 34.99
C SER C 251 -18.02 -21.81 33.83
N ALA C 252 -16.90 -22.54 33.89
CA ALA C 252 -15.78 -22.40 32.92
C ALA C 252 -15.87 -23.47 31.83
N THR C 253 -16.90 -23.46 30.98
CA THR C 253 -17.01 -24.44 29.87
C THR C 253 -16.19 -23.92 28.65
N ARG C 254 -15.27 -22.98 28.89
CA ARG C 254 -14.17 -22.60 27.96
C ARG C 254 -12.89 -23.36 28.37
N GLY C 255 -12.96 -24.26 29.36
CA GLY C 255 -11.79 -24.91 30.00
C GLY C 255 -11.11 -24.01 31.03
N ILE C 256 -10.46 -24.62 32.03
CA ILE C 256 -9.77 -23.91 33.13
C ILE C 256 -8.28 -23.82 32.80
N THR C 257 -7.63 -22.77 33.31
CA THR C 257 -6.16 -22.58 33.27
C THR C 257 -5.52 -23.73 34.04
N ARG C 258 -4.73 -24.51 33.32
CA ARG C 258 -3.79 -25.51 33.85
C ARG C 258 -2.39 -24.96 33.53
N SER D 2 -33.26 9.42 -15.50
CA SER D 2 -33.94 10.10 -16.65
C SER D 2 -34.30 9.06 -17.72
N LEU D 3 -33.47 8.95 -18.75
CA LEU D 3 -33.66 7.98 -19.85
C LEU D 3 -32.82 6.75 -19.51
N ILE D 4 -33.47 5.71 -19.02
CA ILE D 4 -32.87 4.36 -18.96
C ILE D 4 -33.41 3.67 -20.20
N ASP D 5 -32.55 3.46 -21.18
CA ASP D 5 -32.94 2.76 -22.41
C ASP D 5 -33.41 1.37 -22.03
N PRO D 6 -34.57 0.91 -22.58
CA PRO D 6 -35.04 -0.44 -22.33
C PRO D 6 -34.18 -1.52 -22.98
N ARG D 7 -33.25 -1.17 -23.89
CA ARG D 7 -32.34 -2.18 -24.54
C ARG D 7 -31.14 -2.47 -23.61
N ALA D 8 -30.90 -1.60 -22.63
CA ALA D 8 -29.89 -1.76 -21.55
C ALA D 8 -30.30 -2.86 -20.55
N ILE D 9 -29.33 -3.45 -19.87
CA ILE D 9 -29.56 -4.52 -18.88
C ILE D 9 -29.07 -3.98 -17.53
N ILE D 10 -29.99 -3.70 -16.61
CA ILE D 10 -29.72 -3.18 -15.24
C ILE D 10 -29.87 -4.34 -14.24
N ASP D 11 -28.83 -4.78 -13.53
CA ASP D 11 -28.97 -5.83 -12.51
C ASP D 11 -29.93 -5.30 -11.45
N PRO D 12 -30.79 -6.15 -10.87
CA PRO D 12 -31.68 -5.71 -9.79
C PRO D 12 -30.98 -5.12 -8.56
N SER D 13 -29.71 -5.51 -8.30
CA SER D 13 -28.88 -4.97 -7.18
C SER D 13 -28.09 -3.70 -7.59
N ALA D 14 -28.17 -3.21 -8.84
CA ALA D 14 -27.53 -1.93 -9.24
C ALA D 14 -28.32 -0.81 -8.61
N ARG D 15 -27.70 0.34 -8.31
CA ARG D 15 -28.40 1.50 -7.71
C ARG D 15 -28.09 2.77 -8.53
N LEU D 16 -29.09 3.32 -9.21
CA LEU D 16 -28.93 4.53 -10.04
C LEU D 16 -29.56 5.71 -9.29
N ALA D 17 -28.87 6.82 -9.18
CA ALA D 17 -29.36 8.06 -8.57
C ALA D 17 -30.28 8.77 -9.58
N ALA D 18 -30.68 9.98 -9.23
CA ALA D 18 -31.61 10.83 -10.01
C ALA D 18 -30.87 11.26 -11.28
N ASP D 19 -31.58 11.33 -12.40
CA ASP D 19 -31.07 11.95 -13.65
C ASP D 19 -29.91 11.14 -14.24
N VAL D 20 -29.73 9.89 -13.82
CA VAL D 20 -28.79 8.96 -14.52
C VAL D 20 -29.40 8.48 -15.84
N GLN D 21 -28.58 8.49 -16.90
CA GLN D 21 -28.96 8.01 -18.24
C GLN D 21 -28.11 6.79 -18.58
N VAL D 22 -28.71 5.80 -19.21
CA VAL D 22 -28.05 4.56 -19.64
C VAL D 22 -28.47 4.29 -21.08
N GLY D 23 -27.50 4.23 -21.99
CA GLY D 23 -27.79 4.14 -23.40
C GLY D 23 -28.19 2.73 -23.70
N PRO D 24 -28.66 2.48 -24.94
CA PRO D 24 -28.98 1.12 -25.36
C PRO D 24 -27.79 0.17 -25.33
N TRP D 25 -28.11 -1.10 -25.10
CA TRP D 25 -27.16 -2.23 -25.18
C TRP D 25 -26.00 -2.07 -24.18
N SER D 26 -26.18 -1.25 -23.14
CA SER D 26 -25.24 -1.12 -21.99
C SER D 26 -25.71 -2.03 -20.83
N ILE D 27 -24.75 -2.69 -20.16
CA ILE D 27 -24.96 -3.54 -18.97
C ILE D 27 -24.51 -2.77 -17.72
N VAL D 28 -25.41 -2.53 -16.76
CA VAL D 28 -25.07 -2.06 -15.39
C VAL D 28 -25.18 -3.27 -14.46
N GLY D 29 -24.06 -3.89 -14.10
CA GLY D 29 -24.00 -5.18 -13.40
C GLY D 29 -24.28 -5.04 -11.91
N ALA D 30 -24.23 -6.17 -11.21
CA ALA D 30 -24.49 -6.29 -9.75
C ALA D 30 -23.57 -5.35 -8.97
N GLU D 31 -24.09 -4.74 -7.91
CA GLU D 31 -23.33 -3.92 -6.95
C GLU D 31 -22.73 -2.69 -7.64
N VAL D 32 -23.26 -2.27 -8.80
CA VAL D 32 -22.85 -0.99 -9.44
C VAL D 32 -23.78 0.11 -8.95
N GLU D 33 -23.23 1.11 -8.28
CA GLU D 33 -23.94 2.32 -7.81
C GLU D 33 -23.52 3.44 -8.74
N ILE D 34 -24.48 4.19 -9.32
CA ILE D 34 -24.18 5.33 -10.22
C ILE D 34 -24.85 6.57 -9.65
N GLY D 35 -24.04 7.60 -9.48
CA GLY D 35 -24.37 8.90 -8.88
C GLY D 35 -25.10 9.85 -9.81
N GLU D 36 -25.71 10.85 -9.19
CA GLU D 36 -26.60 11.87 -9.79
C GLU D 36 -26.06 12.39 -11.12
N GLY D 37 -26.86 12.32 -12.19
CA GLY D 37 -26.61 13.08 -13.43
C GLY D 37 -25.52 12.43 -14.28
N THR D 38 -25.07 11.23 -13.94
CA THR D 38 -24.03 10.50 -14.71
C THR D 38 -24.69 9.92 -15.97
N VAL D 39 -24.03 10.10 -17.12
CA VAL D 39 -24.47 9.62 -18.47
C VAL D 39 -23.60 8.43 -18.86
N ILE D 40 -24.21 7.23 -18.95
CA ILE D 40 -23.65 5.98 -19.52
C ILE D 40 -24.09 5.94 -20.98
N GLY D 41 -23.12 5.92 -21.90
CA GLY D 41 -23.36 5.84 -23.34
C GLY D 41 -23.89 4.47 -23.71
N PRO D 42 -24.11 4.26 -25.03
CA PRO D 42 -24.52 2.96 -25.51
C PRO D 42 -23.32 2.04 -25.45
N HIS D 43 -23.52 0.73 -25.46
CA HIS D 43 -22.47 -0.31 -25.59
C HIS D 43 -21.41 -0.21 -24.48
N VAL D 44 -21.82 0.11 -23.26
CA VAL D 44 -20.90 0.16 -22.09
C VAL D 44 -21.14 -1.07 -21.20
N VAL D 45 -20.08 -1.67 -20.72
CA VAL D 45 -20.11 -2.78 -19.75
C VAL D 45 -19.58 -2.22 -18.42
N LEU D 46 -20.46 -2.10 -17.43
CA LEU D 46 -20.13 -1.79 -16.00
C LEU D 46 -20.24 -3.08 -15.15
N LYS D 47 -19.20 -3.40 -14.41
CA LYS D 47 -19.18 -4.59 -13.55
C LYS D 47 -18.71 -4.09 -12.16
N GLY D 48 -19.22 -4.73 -11.11
CA GLY D 48 -19.04 -4.27 -9.73
C GLY D 48 -18.27 -5.29 -8.90
N PRO D 49 -18.16 -5.10 -7.57
CA PRO D 49 -18.67 -3.92 -6.89
C PRO D 49 -17.88 -2.67 -7.29
N THR D 50 -18.61 -1.65 -7.70
CA THR D 50 -18.11 -0.39 -8.29
C THR D 50 -19.02 0.73 -7.81
N LYS D 51 -18.46 1.86 -7.44
CA LYS D 51 -19.19 3.10 -7.12
C LYS D 51 -18.74 4.21 -8.08
N ILE D 52 -19.66 4.73 -8.89
CA ILE D 52 -19.42 5.91 -9.78
C ILE D 52 -20.21 7.08 -9.18
N GLY D 53 -19.58 8.25 -9.08
CA GLY D 53 -20.16 9.49 -8.51
C GLY D 53 -21.05 10.22 -9.49
N LYS D 54 -21.02 11.55 -9.39
CA LYS D 54 -22.02 12.45 -10.02
C LYS D 54 -21.47 13.09 -11.29
N HIS D 55 -22.27 13.15 -12.37
CA HIS D 55 -22.03 14.03 -13.55
C HIS D 55 -20.81 13.54 -14.33
N ASN D 56 -20.63 12.23 -14.38
CA ASN D 56 -19.58 11.54 -15.15
C ASN D 56 -20.19 11.27 -16.52
N ARG D 57 -19.34 11.03 -17.50
CA ARG D 57 -19.76 10.70 -18.87
C ARG D 57 -18.90 9.51 -19.25
N ILE D 58 -19.50 8.37 -19.60
CA ILE D 58 -18.80 7.16 -20.06
C ILE D 58 -19.27 6.79 -21.46
N TYR D 59 -18.32 6.70 -22.39
CA TYR D 59 -18.60 6.58 -23.84
C TYR D 59 -18.62 5.11 -24.19
N GLN D 60 -19.19 4.80 -25.34
CA GLN D 60 -19.34 3.43 -25.90
C GLN D 60 -18.02 2.67 -25.96
N PHE D 61 -18.17 1.36 -25.84
CA PHE D 61 -17.17 0.31 -25.96
C PHE D 61 -16.27 0.29 -24.71
N SER D 62 -16.55 1.09 -23.67
CA SER D 62 -15.80 1.09 -22.38
C SER D 62 -16.15 -0.13 -21.50
N SER D 63 -15.15 -0.66 -20.78
CA SER D 63 -15.29 -1.79 -19.82
C SER D 63 -14.80 -1.29 -18.49
N VAL D 64 -15.74 -0.86 -17.61
CA VAL D 64 -15.42 -0.23 -16.31
C VAL D 64 -15.80 -1.22 -15.18
N GLY D 65 -14.80 -1.69 -14.44
CA GLY D 65 -15.00 -2.58 -13.28
C GLY D 65 -14.71 -4.02 -13.64
N GLU D 66 -13.92 -4.26 -14.67
CA GLU D 66 -13.52 -5.65 -15.01
C GLU D 66 -12.45 -6.14 -14.03
N ASP D 67 -12.27 -7.46 -13.99
CA ASP D 67 -11.21 -8.13 -13.21
C ASP D 67 -9.92 -8.10 -14.05
N THR D 68 -8.78 -7.82 -13.45
CA THR D 68 -7.47 -7.96 -14.11
C THR D 68 -7.27 -9.41 -14.54
N PRO D 69 -6.63 -9.67 -15.69
CA PRO D 69 -6.29 -11.03 -16.08
C PRO D 69 -4.99 -11.50 -15.42
N ASP D 70 -4.30 -10.59 -14.73
CA ASP D 70 -2.92 -10.72 -14.16
C ASP D 70 -2.82 -11.96 -13.26
N LEU D 71 -3.87 -12.27 -12.51
CA LEU D 71 -3.92 -13.45 -11.62
C LEU D 71 -5.04 -14.35 -12.18
N LYS D 72 -4.81 -15.65 -12.30
CA LYS D 72 -5.86 -16.56 -12.79
C LYS D 72 -7.00 -16.61 -11.76
N TYR D 73 -6.65 -16.54 -10.48
CA TYR D 73 -7.60 -16.58 -9.33
C TYR D 73 -8.01 -15.17 -8.96
N LYS D 74 -9.23 -14.79 -9.34
CA LYS D 74 -9.89 -13.58 -8.77
C LYS D 74 -9.96 -13.76 -7.26
N GLY D 75 -9.39 -12.82 -6.50
CA GLY D 75 -9.82 -12.53 -5.12
C GLY D 75 -11.23 -11.97 -5.16
N GLU D 76 -11.89 -11.90 -4.01
CA GLU D 76 -13.16 -11.13 -3.84
C GLU D 76 -13.36 -10.91 -2.34
N PRO D 77 -13.65 -9.66 -1.89
CA PRO D 77 -14.12 -8.57 -2.75
C PRO D 77 -13.03 -7.55 -3.13
N THR D 78 -13.09 -7.03 -4.36
CA THR D 78 -12.24 -5.92 -4.85
C THR D 78 -13.10 -4.88 -5.56
N ARG D 79 -12.78 -3.60 -5.36
CA ARG D 79 -13.68 -2.48 -5.69
C ARG D 79 -13.06 -1.54 -6.74
N LEU D 80 -13.93 -0.77 -7.38
CA LEU D 80 -13.57 0.42 -8.18
C LEU D 80 -14.39 1.57 -7.66
N VAL D 81 -13.76 2.71 -7.40
CA VAL D 81 -14.40 3.99 -6.96
C VAL D 81 -13.99 5.08 -7.96
N ILE D 82 -14.97 5.69 -8.62
CA ILE D 82 -14.80 6.86 -9.50
C ILE D 82 -15.60 8.00 -8.87
N GLY D 83 -14.99 9.18 -8.86
CA GLY D 83 -15.57 10.41 -8.29
C GLY D 83 -16.46 11.13 -9.27
N ASP D 84 -16.40 12.46 -9.27
CA ASP D 84 -17.39 13.33 -9.94
C ASP D 84 -16.80 14.04 -11.15
N HIS D 85 -17.61 14.24 -12.20
CA HIS D 85 -17.28 15.12 -13.36
C HIS D 85 -16.12 14.52 -14.17
N ASN D 86 -16.06 13.20 -14.30
CA ASN D 86 -15.00 12.53 -15.09
C ASN D 86 -15.60 12.32 -16.46
N VAL D 87 -14.78 12.41 -17.51
CA VAL D 87 -15.12 12.00 -18.89
C VAL D 87 -14.24 10.80 -19.18
N ILE D 88 -14.87 9.67 -19.48
CA ILE D 88 -14.21 8.41 -19.87
C ILE D 88 -14.65 8.12 -21.31
N ARG D 89 -13.71 8.20 -22.25
CA ARG D 89 -13.97 8.18 -23.71
C ARG D 89 -14.11 6.76 -24.19
N GLU D 90 -14.20 6.59 -25.50
CA GLU D 90 -14.48 5.30 -26.18
C GLU D 90 -13.45 4.21 -25.83
N GLY D 91 -13.92 3.01 -25.54
CA GLY D 91 -13.10 1.80 -25.43
C GLY D 91 -12.14 1.82 -24.25
N VAL D 92 -12.33 2.69 -23.29
CA VAL D 92 -11.46 2.69 -22.08
C VAL D 92 -11.68 1.42 -21.26
N THR D 93 -10.61 0.89 -20.64
CA THR D 93 -10.69 -0.27 -19.72
C THR D 93 -10.19 0.20 -18.35
N ILE D 94 -10.98 -0.07 -17.32
CA ILE D 94 -10.69 0.25 -15.91
C ILE D 94 -10.94 -1.02 -15.10
N HIS D 95 -9.89 -1.50 -14.46
CA HIS D 95 -9.90 -2.79 -13.73
C HIS D 95 -10.05 -2.49 -12.25
N ARG D 96 -10.72 -3.38 -11.53
CA ARG D 96 -10.95 -3.28 -10.07
C ARG D 96 -9.64 -3.64 -9.37
N GLY D 97 -9.57 -3.44 -8.05
CA GLY D 97 -8.36 -3.73 -7.24
C GLY D 97 -8.07 -5.21 -7.13
N THR D 98 -6.99 -5.57 -6.43
CA THR D 98 -6.61 -6.96 -6.11
C THR D 98 -6.49 -7.14 -4.58
N VAL D 99 -7.01 -8.28 -4.09
CA VAL D 99 -7.00 -8.65 -2.64
C VAL D 99 -5.58 -8.53 -2.09
N GLN D 100 -4.55 -8.88 -2.88
CA GLN D 100 -3.13 -8.84 -2.44
C GLN D 100 -2.81 -7.43 -1.96
N ASP D 101 -3.16 -6.40 -2.74
CA ASP D 101 -2.69 -5.01 -2.49
C ASP D 101 -3.83 -4.15 -1.96
N ARG D 102 -4.18 -3.05 -2.65
CA ARG D 102 -5.15 -2.01 -2.18
C ARG D 102 -6.57 -2.56 -2.11
N ALA D 103 -6.91 -3.56 -2.93
CA ALA D 103 -8.30 -4.09 -3.15
C ALA D 103 -9.27 -2.98 -3.65
N GLU D 104 -8.73 -1.85 -4.11
CA GLU D 104 -9.53 -0.77 -4.74
C GLU D 104 -8.74 -0.12 -5.88
N THR D 105 -9.40 0.13 -7.05
CA THR D 105 -8.96 1.13 -8.05
C THR D 105 -9.70 2.44 -7.78
N THR D 106 -8.99 3.55 -7.65
CA THR D 106 -9.59 4.86 -7.25
C THR D 106 -9.32 5.92 -8.32
N ILE D 107 -10.38 6.60 -8.80
CA ILE D 107 -10.32 7.81 -9.66
C ILE D 107 -11.03 8.90 -8.88
N GLY D 108 -10.46 10.10 -8.86
CA GLY D 108 -11.04 11.30 -8.24
C GLY D 108 -11.96 12.05 -9.18
N ASP D 109 -11.81 13.36 -9.25
CA ASP D 109 -12.80 14.24 -9.91
C ASP D 109 -12.16 14.97 -11.09
N HIS D 110 -12.96 15.29 -12.12
CA HIS D 110 -12.56 16.22 -13.20
C HIS D 110 -11.38 15.67 -14.00
N ASN D 111 -11.31 14.34 -14.15
CA ASN D 111 -10.31 13.65 -15.00
C ASN D 111 -10.88 13.49 -16.41
N LEU D 112 -9.99 13.50 -17.40
CA LEU D 112 -10.30 13.17 -18.80
C LEU D 112 -9.48 11.94 -19.20
N ILE D 113 -10.15 10.82 -19.36
CA ILE D 113 -9.51 9.55 -19.78
C ILE D 113 -9.94 9.29 -21.22
N MET D 114 -8.99 9.49 -22.13
CA MET D 114 -9.25 9.48 -23.58
C MET D 114 -9.22 8.05 -24.10
N ALA D 115 -9.62 7.89 -25.35
CA ALA D 115 -10.01 6.61 -25.95
C ALA D 115 -8.97 5.52 -25.78
N TYR D 116 -9.46 4.34 -25.43
CA TYR D 116 -8.66 3.10 -25.35
C TYR D 116 -7.56 3.20 -24.28
N ALA D 117 -7.57 4.23 -23.46
CA ALA D 117 -6.70 4.26 -22.26
C ALA D 117 -7.01 3.07 -21.36
N HIS D 118 -6.04 2.68 -20.54
CA HIS D 118 -6.15 1.48 -19.68
C HIS D 118 -5.70 1.86 -18.29
N ILE D 119 -6.55 1.63 -17.29
CA ILE D 119 -6.21 1.91 -15.87
C ILE D 119 -6.16 0.55 -15.16
N GLY D 120 -4.95 0.07 -14.86
CA GLY D 120 -4.77 -1.26 -14.28
C GLY D 120 -5.08 -1.32 -12.79
N HIS D 121 -5.31 -2.54 -12.29
CA HIS D 121 -5.67 -2.86 -10.89
C HIS D 121 -4.90 -2.00 -9.88
N ASP D 122 -5.63 -1.44 -8.89
CA ASP D 122 -5.05 -0.81 -7.69
C ASP D 122 -4.44 0.53 -8.05
N SER D 123 -4.70 1.07 -9.23
CA SER D 123 -4.21 2.41 -9.62
C SER D 123 -5.00 3.49 -8.88
N VAL D 124 -4.40 4.64 -8.66
CA VAL D 124 -5.03 5.79 -7.96
C VAL D 124 -4.83 7.00 -8.85
N ILE D 125 -5.89 7.50 -9.44
CA ILE D 125 -5.82 8.79 -10.14
C ILE D 125 -6.46 9.84 -9.26
N GLY D 126 -5.89 11.03 -9.21
CA GLY D 126 -6.46 12.11 -8.39
C GLY D 126 -7.47 12.90 -9.18
N ASN D 127 -7.24 14.20 -9.25
CA ASN D 127 -8.19 15.15 -9.87
C ASN D 127 -7.53 15.87 -11.05
N HIS D 128 -8.33 16.26 -12.04
CA HIS D 128 -7.90 17.18 -13.13
C HIS D 128 -6.74 16.56 -13.92
N CYS D 129 -6.66 15.24 -13.96
CA CYS D 129 -5.63 14.54 -14.80
C CYS D 129 -6.15 14.40 -16.22
N ILE D 130 -5.25 14.31 -17.18
CA ILE D 130 -5.57 13.92 -18.58
C ILE D 130 -4.74 12.70 -18.91
N LEU D 131 -5.38 11.57 -19.19
CA LEU D 131 -4.74 10.37 -19.79
C LEU D 131 -5.11 10.39 -21.28
N VAL D 132 -4.14 10.69 -22.14
CA VAL D 132 -4.38 10.79 -23.61
C VAL D 132 -4.61 9.39 -24.18
N ASN D 133 -5.13 9.27 -25.40
CA ASN D 133 -5.50 8.00 -26.05
C ASN D 133 -4.41 6.94 -25.90
N ASN D 134 -4.86 5.76 -25.50
CA ASN D 134 -3.98 4.57 -25.40
C ASN D 134 -2.95 4.68 -24.27
N THR D 135 -3.07 5.63 -23.35
CA THR D 135 -2.23 5.56 -22.12
C THR D 135 -2.55 4.27 -21.37
N ALA D 136 -1.53 3.58 -20.87
CA ALA D 136 -1.72 2.33 -20.14
C ALA D 136 -0.96 2.41 -18.81
N LEU D 137 -1.73 2.30 -17.74
CA LEU D 137 -1.22 2.15 -16.36
C LEU D 137 -1.26 0.65 -16.00
N ALA D 138 -0.12 0.03 -15.79
CA ALA D 138 0.01 -1.43 -15.70
C ALA D 138 -0.67 -1.92 -14.42
N GLY D 139 -0.65 -1.11 -13.37
CA GLY D 139 -1.13 -1.60 -12.05
C GLY D 139 -0.39 -0.88 -10.93
N HIS D 140 -1.10 -0.54 -9.85
CA HIS D 140 -0.52 0.11 -8.64
C HIS D 140 0.11 1.42 -9.10
N VAL D 141 -0.49 2.08 -10.09
CA VAL D 141 0.08 3.38 -10.52
C VAL D 141 -0.65 4.53 -9.83
N HIS D 142 0.11 5.48 -9.30
N HIS D 142 0.11 5.48 -9.29
CA HIS D 142 -0.43 6.68 -8.61
CA HIS D 142 -0.42 6.69 -8.61
C HIS D 142 -0.20 7.87 -9.53
C HIS D 142 -0.19 7.88 -9.54
N VAL D 143 -1.27 8.50 -10.00
CA VAL D 143 -1.19 9.71 -10.84
C VAL D 143 -1.79 10.83 -10.01
N ASP D 144 -0.98 11.81 -9.67
CA ASP D 144 -1.40 12.96 -8.83
C ASP D 144 -2.04 14.05 -9.69
N ASP D 145 -2.55 15.09 -9.05
CA ASP D 145 -3.43 16.09 -9.68
C ASP D 145 -2.72 16.81 -10.83
N TRP D 146 -3.48 17.06 -11.89
CA TRP D 146 -3.11 17.91 -13.05
C TRP D 146 -2.01 17.21 -13.87
N ALA D 147 -1.67 15.95 -13.60
CA ALA D 147 -0.72 15.22 -14.48
C ALA D 147 -1.35 15.06 -15.87
N ILE D 148 -0.52 15.12 -16.90
CA ILE D 148 -0.88 14.80 -18.30
C ILE D 148 0.03 13.69 -18.79
N LEU D 149 -0.57 12.58 -19.21
CA LEU D 149 0.13 11.43 -19.83
C LEU D 149 -0.29 11.42 -21.29
N SER D 150 0.63 11.77 -22.18
CA SER D 150 0.28 11.97 -23.59
C SER D 150 0.08 10.59 -24.24
N GLY D 151 -0.30 10.60 -25.52
CA GLY D 151 -0.81 9.41 -26.17
C GLY D 151 0.19 8.29 -26.10
N TYR D 152 -0.31 7.09 -25.85
CA TYR D 152 0.46 5.83 -25.89
C TYR D 152 1.60 5.90 -24.87
N THR D 153 1.40 6.62 -23.78
CA THR D 153 2.30 6.52 -22.58
C THR D 153 2.06 5.20 -21.87
N LEU D 154 3.12 4.42 -21.65
CA LEU D 154 3.09 3.17 -20.87
C LEU D 154 3.71 3.44 -19.48
N VAL D 155 3.07 2.98 -18.44
CA VAL D 155 3.59 3.14 -17.06
C VAL D 155 3.73 1.77 -16.40
N HIS D 156 4.94 1.49 -15.96
CA HIS D 156 5.27 0.25 -15.23
C HIS D 156 4.49 0.25 -13.90
N GLN D 157 4.20 -0.95 -13.40
CA GLN D 157 3.53 -1.20 -12.08
C GLN D 157 4.30 -0.45 -10.98
N TYR D 158 3.58 0.24 -10.07
CA TYR D 158 4.07 0.89 -8.83
C TYR D 158 4.64 2.27 -9.11
N CYS D 159 4.67 2.74 -10.35
CA CYS D 159 5.28 4.07 -10.59
C CYS D 159 4.36 5.15 -10.03
N ARG D 160 4.95 6.27 -9.62
CA ARG D 160 4.24 7.47 -9.11
C ARG D 160 4.45 8.59 -10.13
N ILE D 161 3.35 9.08 -10.69
CA ILE D 161 3.34 10.24 -11.64
C ILE D 161 2.95 11.50 -10.85
N GLY D 162 3.85 12.46 -10.77
CA GLY D 162 3.78 13.62 -9.88
C GLY D 162 2.79 14.65 -10.36
N ALA D 163 2.24 15.43 -9.43
CA ALA D 163 1.34 16.55 -9.77
C ALA D 163 1.95 17.40 -10.89
N HIS D 164 1.17 17.76 -11.93
CA HIS D 164 1.54 18.78 -12.97
C HIS D 164 2.67 18.25 -13.86
N SER D 165 2.98 16.98 -13.79
CA SER D 165 4.04 16.41 -14.66
C SER D 165 3.43 16.18 -16.05
N PHE D 166 4.28 16.00 -17.05
CA PHE D 166 3.95 15.81 -18.48
C PHE D 166 4.80 14.65 -19.01
N SER D 167 4.15 13.62 -19.53
CA SER D 167 4.81 12.53 -20.30
C SER D 167 4.51 12.70 -21.80
N GLY D 168 5.57 12.74 -22.58
CA GLY D 168 5.50 12.85 -24.06
C GLY D 168 4.96 11.59 -24.69
N MET D 169 4.52 11.72 -25.95
N MET D 169 4.46 11.71 -25.93
CA MET D 169 3.79 10.66 -26.68
CA MET D 169 3.70 10.63 -26.56
C MET D 169 4.69 9.44 -26.79
C MET D 169 4.64 9.45 -26.80
N GLY D 170 4.15 8.25 -26.57
CA GLY D 170 4.92 7.01 -26.71
C GLY D 170 5.97 6.82 -25.61
N SER D 171 5.95 7.61 -24.53
CA SER D 171 6.90 7.45 -23.40
C SER D 171 6.64 6.12 -22.71
N ALA D 172 7.71 5.47 -22.25
CA ALA D 172 7.62 4.29 -21.37
C ALA D 172 8.27 4.63 -20.02
N ILE D 173 7.46 4.76 -18.97
CA ILE D 173 7.88 5.25 -17.63
C ILE D 173 8.16 4.02 -16.78
N GLY D 174 9.41 3.87 -16.33
CA GLY D 174 9.81 2.74 -15.46
C GLY D 174 10.15 3.20 -14.04
N LYS D 175 10.36 4.50 -13.86
CA LYS D 175 10.68 5.07 -12.52
C LYS D 175 9.71 6.22 -12.22
N ASP D 176 9.61 6.62 -10.95
CA ASP D 176 8.70 7.71 -10.54
C ASP D 176 8.99 8.95 -11.37
N VAL D 177 7.94 9.69 -11.68
CA VAL D 177 8.09 11.04 -12.29
C VAL D 177 7.79 12.07 -11.23
N PRO D 178 8.79 12.90 -10.85
CA PRO D 178 8.53 13.99 -9.95
C PRO D 178 7.48 14.98 -10.48
N ALA D 179 6.78 15.61 -9.54
CA ALA D 179 5.92 16.78 -9.78
C ALA D 179 6.58 17.76 -10.75
N TYR D 180 5.79 18.27 -11.72
CA TYR D 180 6.13 19.28 -12.74
C TYR D 180 7.13 18.77 -13.81
N VAL D 181 7.74 17.60 -13.67
CA VAL D 181 8.84 17.19 -14.60
C VAL D 181 8.21 16.76 -15.93
N THR D 182 8.81 17.14 -17.06
CA THR D 182 8.51 16.60 -18.40
C THR D 182 9.45 15.44 -18.72
N VAL D 183 8.89 14.32 -19.15
CA VAL D 183 9.64 13.09 -19.52
C VAL D 183 9.28 12.67 -20.96
N PHE D 184 10.28 12.21 -21.72
CA PHE D 184 10.13 11.72 -23.11
C PHE D 184 10.92 10.43 -23.28
N GLY D 185 10.35 9.48 -24.00
CA GLY D 185 11.15 8.38 -24.57
C GLY D 185 10.80 7.07 -23.95
N ASN D 186 11.37 6.02 -24.54
CA ASN D 186 11.28 4.61 -24.12
C ASN D 186 12.70 4.08 -24.11
N PRO D 187 13.39 4.06 -22.94
CA PRO D 187 12.80 4.43 -21.66
C PRO D 187 12.73 5.96 -21.46
N ALA D 188 11.83 6.43 -20.59
CA ALA D 188 11.58 7.88 -20.35
C ALA D 188 12.82 8.56 -19.77
N GLU D 189 13.07 9.80 -20.17
CA GLU D 189 14.15 10.62 -19.63
C GLU D 189 13.53 11.97 -19.30
N ALA D 190 13.90 12.50 -18.13
CA ALA D 190 13.57 13.86 -17.68
C ALA D 190 14.18 14.83 -18.67
N ARG D 191 13.44 15.84 -19.08
CA ARG D 191 13.98 16.86 -20.00
C ARG D 191 13.87 18.24 -19.37
N SER D 192 12.74 18.57 -18.76
CA SER D 192 12.55 19.93 -18.22
C SER D 192 11.41 19.92 -17.21
N MET D 193 10.82 21.09 -17.00
CA MET D 193 9.62 21.21 -16.16
C MET D 193 8.50 21.77 -17.00
N ASN D 194 7.28 21.46 -16.58
CA ASN D 194 5.99 21.86 -17.21
C ASN D 194 5.70 23.34 -16.88
N PHE D 195 6.52 24.27 -17.37
CA PHE D 195 6.41 25.74 -17.06
C PHE D 195 5.06 26.25 -17.56
N GLU D 196 4.65 25.79 -18.76
CA GLU D 196 3.35 26.17 -19.37
C GLU D 196 2.21 25.77 -18.42
N GLY D 197 2.16 24.51 -17.98
CA GLY D 197 1.16 24.10 -16.99
C GLY D 197 1.19 25.00 -15.75
N MET D 198 2.39 25.44 -15.32
CA MET D 198 2.54 26.29 -14.11
C MET D 198 1.84 27.63 -14.36
N ARG D 199 2.06 28.25 -15.52
CA ARG D 199 1.46 29.56 -15.88
C ARG D 199 -0.06 29.39 -15.89
N ARG D 200 -0.56 28.46 -16.70
CA ARG D 200 -2.02 28.30 -16.90
C ARG D 200 -2.72 28.08 -15.55
N ARG D 201 -2.09 27.44 -14.57
CA ARG D 201 -2.74 27.11 -13.26
C ARG D 201 -2.47 28.24 -12.24
N GLY D 202 -1.76 29.30 -12.63
CA GLY D 202 -1.80 30.61 -11.95
C GLY D 202 -0.62 30.84 -11.03
N PHE D 203 0.45 30.06 -11.18
CA PHE D 203 1.68 30.11 -10.33
C PHE D 203 2.30 31.52 -10.41
N SER D 204 2.78 32.05 -9.28
CA SER D 204 3.53 33.34 -9.21
C SER D 204 4.84 33.20 -10.00
N SER D 205 5.34 34.32 -10.53
CA SER D 205 6.63 34.41 -11.27
C SER D 205 7.76 33.85 -10.39
N GLU D 206 7.68 34.04 -9.08
CA GLU D 206 8.78 33.66 -8.13
C GLU D 206 8.77 32.14 -7.94
N ALA D 207 7.59 31.54 -7.78
CA ALA D 207 7.38 30.08 -7.66
C ALA D 207 7.95 29.35 -8.89
N ILE D 208 7.69 29.89 -10.09
CA ILE D 208 8.22 29.39 -11.40
C ILE D 208 9.75 29.49 -11.41
N HIS D 209 10.27 30.66 -11.03
CA HIS D 209 11.73 30.96 -10.90
C HIS D 209 12.33 29.99 -9.87
N ALA D 210 11.59 29.66 -8.82
CA ALA D 210 12.04 28.83 -7.68
C ALA D 210 12.03 27.33 -8.02
N LEU D 211 11.14 26.93 -8.94
CA LEU D 211 11.04 25.53 -9.41
C LEU D 211 12.13 25.29 -10.47
N ARG D 212 12.31 26.21 -11.42
CA ARG D 212 13.41 26.18 -12.42
C ARG D 212 14.74 25.96 -11.68
N ARG D 213 14.97 26.64 -10.55
CA ARG D 213 16.22 26.48 -9.77
C ARG D 213 16.19 25.12 -9.06
N ALA D 214 15.02 24.63 -8.66
CA ALA D 214 14.90 23.35 -7.92
C ALA D 214 15.18 22.15 -8.86
N TYR D 215 14.73 22.21 -10.11
CA TYR D 215 14.97 21.17 -11.16
C TYR D 215 16.48 20.92 -11.26
N LYS D 216 17.25 22.00 -11.43
CA LYS D 216 18.74 21.97 -11.56
C LYS D 216 19.36 21.38 -10.29
N VAL D 217 18.81 21.69 -9.11
CA VAL D 217 19.32 21.18 -7.81
C VAL D 217 19.17 19.64 -7.73
N VAL D 218 18.26 19.07 -8.51
CA VAL D 218 17.99 17.60 -8.42
C VAL D 218 18.76 16.87 -9.52
N TYR D 219 18.96 17.51 -10.68
CA TYR D 219 19.16 16.84 -11.98
C TYR D 219 20.48 17.29 -12.61
N ARG D 220 20.81 18.59 -12.53
CA ARG D 220 21.90 19.25 -13.30
C ARG D 220 22.99 19.83 -12.40
N GLN D 221 23.24 19.27 -11.20
CA GLN D 221 24.29 19.78 -10.26
C GLN D 221 24.89 18.63 -9.43
N GLY D 222 24.82 17.39 -9.92
CA GLY D 222 25.67 16.27 -9.47
C GLY D 222 25.23 15.61 -8.18
N HIS D 223 24.34 16.24 -7.40
CA HIS D 223 24.00 15.82 -6.00
C HIS D 223 23.32 14.44 -6.06
N THR D 224 23.28 13.70 -4.95
CA THR D 224 22.34 12.56 -4.81
C THR D 224 20.98 13.12 -4.37
N VAL D 225 19.99 12.23 -4.20
CA VAL D 225 18.58 12.57 -3.83
C VAL D 225 18.55 12.93 -2.34
N GLU D 226 19.04 12.03 -1.48
CA GLU D 226 19.12 12.26 -0.01
C GLU D 226 19.76 13.64 0.20
N GLU D 227 20.79 13.94 -0.58
CA GLU D 227 21.46 15.26 -0.54
C GLU D 227 20.51 16.34 -1.03
N ALA D 228 20.09 16.31 -2.31
CA ALA D 228 19.31 17.39 -2.99
C ALA D 228 18.03 17.71 -2.21
N LEU D 229 17.36 16.71 -1.63
CA LEU D 229 16.14 16.88 -0.80
C LEU D 229 16.46 17.82 0.36
N ALA D 230 17.33 17.38 1.27
CA ALA D 230 17.73 18.11 2.49
C ALA D 230 18.05 19.56 2.09
N GLU D 231 18.78 19.80 0.99
CA GLU D 231 19.06 21.19 0.50
C GLU D 231 17.75 21.94 0.20
N LEU D 232 16.82 21.31 -0.54
CA LEU D 232 15.63 21.99 -1.12
C LEU D 232 14.77 22.69 -0.05
N ALA D 233 14.72 22.19 1.20
CA ALA D 233 13.87 22.68 2.32
C ALA D 233 13.81 24.22 2.45
N GLU D 234 14.88 24.98 2.16
CA GLU D 234 14.85 26.46 2.36
C GLU D 234 13.95 27.13 1.32
N SER D 235 14.08 26.76 0.04
CA SER D 235 13.17 27.18 -1.07
C SER D 235 11.79 26.56 -0.87
N ALA D 236 11.73 25.40 -0.22
CA ALA D 236 10.53 24.57 -0.02
C ALA D 236 9.61 25.16 1.05
N ALA D 237 10.04 25.14 2.32
CA ALA D 237 9.26 25.62 3.49
C ALA D 237 8.75 27.04 3.20
N GLN D 238 9.43 27.75 2.30
CA GLN D 238 9.03 29.07 1.75
C GLN D 238 7.85 28.91 0.79
N PHE D 239 8.00 28.12 -0.28
CA PHE D 239 7.03 27.94 -1.40
C PHE D 239 6.37 26.55 -1.34
N PRO D 240 5.04 26.43 -1.15
CA PRO D 240 4.39 25.11 -1.17
C PRO D 240 4.44 24.46 -2.57
N GLU D 241 4.67 25.24 -3.63
CA GLU D 241 4.84 24.71 -5.01
C GLU D 241 6.15 23.93 -5.07
N VAL D 242 7.23 24.51 -4.54
CA VAL D 242 8.54 23.83 -4.36
C VAL D 242 8.37 22.64 -3.42
N ALA D 243 7.47 22.71 -2.45
CA ALA D 243 7.32 21.62 -1.47
C ALA D 243 6.66 20.42 -2.16
N VAL D 244 5.81 20.67 -3.16
CA VAL D 244 5.16 19.55 -3.88
C VAL D 244 6.30 18.83 -4.61
N PHE D 245 7.15 19.58 -5.31
CA PHE D 245 8.31 19.01 -6.01
C PHE D 245 9.05 18.08 -5.04
N ARG D 246 9.50 18.69 -3.95
CA ARG D 246 10.30 18.06 -2.88
C ARG D 246 9.65 16.79 -2.36
N ASP D 247 8.37 16.84 -2.04
CA ASP D 247 7.64 15.67 -1.45
C ASP D 247 7.60 14.50 -2.43
N SER D 248 7.55 14.77 -3.75
CA SER D 248 7.34 13.70 -4.75
C SER D 248 8.66 12.91 -4.84
N ILE D 249 9.78 13.61 -4.80
CA ILE D 249 11.15 13.03 -4.78
C ILE D 249 11.32 12.21 -3.50
N GLN D 250 10.94 12.76 -2.36
CA GLN D 250 11.09 12.04 -1.06
C GLN D 250 10.27 10.76 -1.10
N SER D 251 9.06 10.79 -1.66
CA SER D 251 8.16 9.61 -1.62
C SER D 251 8.59 8.57 -2.67
N ALA D 252 9.70 8.82 -3.37
CA ALA D 252 10.19 8.01 -4.53
C ALA D 252 11.36 7.13 -4.12
N THR D 253 11.11 6.13 -3.27
CA THR D 253 12.14 5.20 -2.72
C THR D 253 12.62 4.20 -3.79
N ARG D 254 11.93 4.13 -4.94
CA ARG D 254 12.24 3.23 -6.08
C ARG D 254 13.06 3.96 -7.17
N GLY D 255 13.49 5.21 -6.91
CA GLY D 255 14.27 6.02 -7.86
C GLY D 255 13.37 6.91 -8.71
N ILE D 256 13.86 8.09 -9.09
CA ILE D 256 13.14 9.10 -9.94
C ILE D 256 13.66 8.98 -11.38
N THR D 257 12.80 9.25 -12.35
CA THR D 257 13.13 9.25 -13.80
C THR D 257 14.25 10.27 -14.04
N ARG D 258 15.38 9.83 -14.61
CA ARG D 258 16.56 10.70 -14.83
C ARG D 258 16.52 11.23 -16.27
N SER E 2 -30.94 -18.05 -19.59
CA SER E 2 -30.49 -19.09 -20.56
C SER E 2 -28.97 -18.97 -20.76
N LEU E 3 -28.28 -20.08 -21.07
CA LEU E 3 -26.80 -20.13 -21.29
C LEU E 3 -26.43 -19.48 -22.64
N ILE E 4 -27.19 -19.77 -23.71
CA ILE E 4 -27.24 -18.93 -24.95
C ILE E 4 -28.26 -17.81 -24.72
N ASP E 5 -27.83 -16.55 -24.75
CA ASP E 5 -28.71 -15.38 -24.49
C ASP E 5 -29.67 -15.26 -25.67
N PRO E 6 -30.96 -14.89 -25.43
CA PRO E 6 -31.92 -14.71 -26.51
C PRO E 6 -31.62 -13.50 -27.42
N ARG E 7 -30.81 -12.54 -26.94
CA ARG E 7 -30.49 -11.28 -27.68
C ARG E 7 -29.28 -11.46 -28.62
N ALA E 8 -28.51 -12.53 -28.45
CA ALA E 8 -27.42 -12.92 -29.39
C ALA E 8 -28.04 -13.41 -30.69
N ILE E 9 -27.32 -13.28 -31.81
CA ILE E 9 -27.64 -13.90 -33.14
C ILE E 9 -26.73 -15.11 -33.30
N ILE E 10 -27.33 -16.31 -33.28
CA ILE E 10 -26.61 -17.61 -33.40
C ILE E 10 -26.95 -18.22 -34.75
N ASP E 11 -26.06 -18.10 -35.74
CA ASP E 11 -26.33 -18.50 -37.15
C ASP E 11 -26.65 -19.99 -37.17
N PRO E 12 -27.57 -20.43 -38.06
CA PRO E 12 -27.89 -21.84 -38.25
C PRO E 12 -26.66 -22.75 -38.36
N SER E 13 -25.74 -22.35 -39.25
CA SER E 13 -24.53 -23.11 -39.67
C SER E 13 -23.65 -23.43 -38.46
N ALA E 14 -23.77 -22.62 -37.39
CA ALA E 14 -22.91 -22.66 -36.18
C ALA E 14 -23.13 -23.95 -35.39
N ARG E 15 -22.06 -24.52 -34.85
CA ARG E 15 -22.09 -25.82 -34.12
C ARG E 15 -21.63 -25.57 -32.68
N LEU E 16 -22.52 -25.07 -31.84
CA LEU E 16 -22.32 -24.84 -30.38
C LEU E 16 -22.63 -26.11 -29.61
N ALA E 17 -21.72 -26.57 -28.75
CA ALA E 17 -22.07 -27.46 -27.63
C ALA E 17 -23.20 -26.76 -26.86
N ALA E 18 -24.12 -27.51 -26.25
CA ALA E 18 -25.24 -26.96 -25.45
C ALA E 18 -24.70 -26.19 -24.24
N ASP E 19 -23.59 -26.64 -23.64
CA ASP E 19 -22.98 -26.10 -22.39
C ASP E 19 -22.04 -24.92 -22.71
N VAL E 20 -22.42 -24.11 -23.69
CA VAL E 20 -21.62 -22.95 -24.21
C VAL E 20 -22.41 -21.67 -23.90
N GLN E 21 -21.83 -20.79 -23.08
CA GLN E 21 -22.42 -19.46 -22.76
C GLN E 21 -22.07 -18.46 -23.87
N VAL E 22 -23.08 -17.75 -24.39
CA VAL E 22 -22.98 -16.63 -25.38
C VAL E 22 -23.81 -15.46 -24.85
N GLY E 23 -23.17 -14.40 -24.34
CA GLY E 23 -23.83 -13.20 -23.79
C GLY E 23 -24.63 -12.45 -24.85
N PRO E 24 -25.42 -11.42 -24.47
CA PRO E 24 -26.28 -10.69 -25.42
C PRO E 24 -25.54 -9.78 -26.40
N TRP E 25 -26.24 -9.47 -27.48
CA TRP E 25 -25.81 -8.63 -28.62
C TRP E 25 -24.48 -9.13 -29.19
N SER E 26 -24.22 -10.44 -29.12
CA SER E 26 -23.03 -11.10 -29.68
C SER E 26 -23.46 -11.85 -30.92
N ILE E 27 -22.54 -12.10 -31.86
CA ILE E 27 -22.82 -12.77 -33.15
C ILE E 27 -21.93 -14.00 -33.26
N VAL E 28 -22.52 -15.19 -33.26
CA VAL E 28 -21.84 -16.39 -33.82
C VAL E 28 -22.28 -16.47 -35.28
N GLY E 29 -21.35 -16.29 -36.22
CA GLY E 29 -21.62 -16.29 -37.67
C GLY E 29 -21.58 -17.70 -38.23
N ALA E 30 -21.97 -17.85 -39.51
CA ALA E 30 -21.85 -19.11 -40.28
C ALA E 30 -20.48 -19.75 -40.02
N GLU E 31 -20.47 -21.07 -39.90
CA GLU E 31 -19.27 -21.96 -39.90
C GLU E 31 -18.42 -21.68 -38.67
N VAL E 32 -19.00 -21.26 -37.54
CA VAL E 32 -18.23 -21.03 -36.29
C VAL E 32 -18.51 -22.19 -35.33
N GLU E 33 -17.58 -23.13 -35.25
CA GLU E 33 -17.63 -24.28 -34.30
C GLU E 33 -17.04 -23.80 -32.97
N ILE E 34 -17.81 -23.86 -31.88
CA ILE E 34 -17.38 -23.47 -30.50
C ILE E 34 -17.49 -24.66 -29.53
N GLY E 35 -16.38 -25.03 -28.89
CA GLY E 35 -16.25 -26.23 -28.04
C GLY E 35 -16.98 -26.08 -26.73
N GLU E 36 -16.73 -26.98 -25.79
CA GLU E 36 -17.58 -27.14 -24.58
C GLU E 36 -16.92 -26.40 -23.40
N GLY E 37 -17.73 -25.75 -22.56
CA GLY E 37 -17.28 -25.05 -21.35
C GLY E 37 -16.74 -23.66 -21.64
N THR E 38 -16.88 -23.21 -22.90
CA THR E 38 -16.39 -21.89 -23.40
C THR E 38 -17.50 -20.85 -23.20
N VAL E 39 -17.11 -19.68 -22.66
CA VAL E 39 -17.95 -18.46 -22.46
C VAL E 39 -17.56 -17.39 -23.49
N ILE E 40 -18.50 -16.98 -24.33
CA ILE E 40 -18.47 -15.80 -25.22
C ILE E 40 -19.19 -14.69 -24.45
N GLY E 41 -18.52 -13.55 -24.20
CA GLY E 41 -19.13 -12.41 -23.49
C GLY E 41 -20.20 -11.71 -24.31
N PRO E 42 -20.76 -10.59 -23.81
CA PRO E 42 -21.63 -9.76 -24.63
C PRO E 42 -20.83 -9.00 -25.70
N HIS E 43 -21.48 -8.49 -26.75
CA HIS E 43 -20.85 -7.63 -27.77
C HIS E 43 -19.61 -8.29 -28.40
N VAL E 44 -19.59 -9.61 -28.57
CA VAL E 44 -18.49 -10.36 -29.26
C VAL E 44 -18.97 -10.63 -30.69
N VAL E 45 -18.12 -10.39 -31.69
CA VAL E 45 -18.38 -10.78 -33.10
C VAL E 45 -17.45 -11.96 -33.37
N LEU E 46 -18.05 -13.12 -33.66
CA LEU E 46 -17.36 -14.29 -34.24
C LEU E 46 -17.74 -14.44 -35.72
N LYS E 47 -16.73 -14.71 -36.54
CA LYS E 47 -16.86 -14.95 -38.00
C LYS E 47 -16.08 -16.24 -38.29
N GLY E 48 -16.47 -16.95 -39.36
CA GLY E 48 -15.90 -18.27 -39.72
C GLY E 48 -15.42 -18.27 -41.17
N PRO E 49 -14.82 -19.37 -41.67
CA PRO E 49 -14.68 -20.63 -40.93
C PRO E 49 -13.71 -20.69 -39.73
N THR E 50 -14.23 -20.97 -38.53
CA THR E 50 -13.47 -20.89 -37.26
C THR E 50 -13.78 -22.08 -36.34
N LYS E 51 -12.76 -22.65 -35.71
CA LYS E 51 -12.89 -23.63 -34.61
C LYS E 51 -12.39 -22.98 -33.31
N ILE E 52 -13.24 -22.97 -32.29
CA ILE E 52 -12.86 -22.56 -30.92
C ILE E 52 -12.98 -23.81 -30.05
N GLY E 53 -12.02 -24.06 -29.17
CA GLY E 53 -11.97 -25.29 -28.35
C GLY E 53 -12.78 -25.23 -27.08
N LYS E 54 -12.25 -25.83 -26.02
CA LYS E 54 -13.00 -25.96 -24.75
C LYS E 54 -12.45 -25.05 -23.65
N HIS E 55 -13.32 -24.70 -22.73
CA HIS E 55 -12.96 -23.87 -21.55
C HIS E 55 -12.23 -22.60 -21.96
N ASN E 56 -12.66 -21.98 -23.05
CA ASN E 56 -12.11 -20.66 -23.50
C ASN E 56 -13.00 -19.56 -22.95
N ARG E 57 -12.44 -18.36 -22.75
CA ARG E 57 -13.23 -17.16 -22.39
C ARG E 57 -12.92 -16.03 -23.40
N ILE E 58 -13.93 -15.53 -24.12
CA ILE E 58 -13.77 -14.38 -25.05
C ILE E 58 -14.58 -13.19 -24.53
N TYR E 59 -13.91 -12.06 -24.23
CA TYR E 59 -14.58 -10.85 -23.68
C TYR E 59 -15.11 -9.93 -24.80
N GLN E 60 -16.00 -9.02 -24.36
CA GLN E 60 -16.70 -7.94 -25.08
C GLN E 60 -15.76 -7.19 -26.02
N PHE E 61 -16.29 -6.91 -27.23
CA PHE E 61 -15.78 -5.97 -28.25
C PHE E 61 -14.63 -6.62 -29.03
N SER E 62 -14.48 -7.92 -28.89
CA SER E 62 -13.49 -8.74 -29.62
C SER E 62 -14.09 -9.08 -30.97
N SER E 63 -13.27 -9.11 -32.01
CA SER E 63 -13.63 -9.52 -33.39
C SER E 63 -12.74 -10.70 -33.71
N VAL E 64 -13.27 -11.93 -33.58
CA VAL E 64 -12.51 -13.20 -33.70
C VAL E 64 -12.95 -13.89 -34.99
N GLY E 65 -12.06 -13.91 -36.00
CA GLY E 65 -12.27 -14.64 -37.25
C GLY E 65 -12.60 -13.71 -38.41
N GLU E 66 -12.34 -12.41 -38.28
CA GLU E 66 -12.52 -11.41 -39.38
C GLU E 66 -11.52 -11.68 -40.52
N ASP E 67 -11.87 -11.21 -41.71
CA ASP E 67 -10.96 -11.21 -42.87
C ASP E 67 -9.86 -10.20 -42.54
N THR E 68 -8.60 -10.55 -42.81
CA THR E 68 -7.47 -9.56 -42.84
C THR E 68 -7.81 -8.48 -43.85
N PRO E 69 -7.52 -7.19 -43.55
CA PRO E 69 -7.58 -6.14 -44.55
C PRO E 69 -6.44 -6.22 -45.58
N ASP E 70 -5.49 -7.12 -45.37
CA ASP E 70 -4.24 -7.25 -46.17
C ASP E 70 -4.68 -7.48 -47.62
N LEU E 71 -4.08 -6.76 -48.58
CA LEU E 71 -4.66 -6.60 -49.94
C LEU E 71 -4.45 -7.88 -50.76
N LYS E 72 -3.63 -8.83 -50.30
CA LYS E 72 -3.46 -10.14 -50.98
C LYS E 72 -4.59 -11.12 -50.62
N TYR E 73 -5.36 -10.86 -49.56
CA TYR E 73 -6.57 -11.67 -49.23
C TYR E 73 -7.69 -11.29 -50.20
N LYS E 74 -8.42 -12.28 -50.74
CA LYS E 74 -9.39 -12.02 -51.84
C LYS E 74 -10.65 -12.87 -51.67
N GLY E 75 -11.24 -12.88 -50.47
CA GLY E 75 -12.55 -13.49 -50.14
C GLY E 75 -12.46 -15.01 -50.00
N GLU E 76 -11.28 -15.61 -50.16
CA GLU E 76 -11.06 -17.08 -50.09
C GLU E 76 -11.58 -17.57 -48.73
N PRO E 77 -11.92 -18.87 -48.58
CA PRO E 77 -12.63 -19.34 -47.38
C PRO E 77 -11.69 -19.89 -46.29
N THR E 78 -10.74 -19.06 -45.84
CA THR E 78 -9.60 -19.43 -44.96
C THR E 78 -10.05 -19.69 -43.52
N ARG E 79 -9.17 -20.24 -42.69
CA ARG E 79 -9.54 -20.77 -41.34
C ARG E 79 -8.89 -19.98 -40.19
N LEU E 80 -9.53 -20.04 -39.03
CA LEU E 80 -8.93 -19.76 -37.72
C LEU E 80 -9.20 -20.96 -36.79
N VAL E 81 -8.19 -21.41 -36.07
CA VAL E 81 -8.34 -22.52 -35.11
C VAL E 81 -7.81 -22.09 -33.74
N ILE E 82 -8.63 -22.19 -32.70
CA ILE E 82 -8.24 -21.84 -31.31
C ILE E 82 -8.41 -23.08 -30.44
N GLY E 83 -7.48 -23.35 -29.53
CA GLY E 83 -7.49 -24.54 -28.66
C GLY E 83 -8.30 -24.34 -27.40
N ASP E 84 -7.79 -24.75 -26.24
CA ASP E 84 -8.63 -24.62 -25.02
C ASP E 84 -7.87 -23.93 -23.89
N HIS E 85 -8.61 -23.50 -22.87
CA HIS E 85 -8.06 -22.82 -21.67
C HIS E 85 -7.43 -21.47 -22.03
N ASN E 86 -7.79 -20.89 -23.16
CA ASN E 86 -7.31 -19.55 -23.58
C ASN E 86 -8.21 -18.49 -22.97
N VAL E 87 -7.65 -17.34 -22.60
CA VAL E 87 -8.45 -16.11 -22.28
C VAL E 87 -8.10 -15.02 -23.31
N ILE E 88 -9.13 -14.57 -24.02
CA ILE E 88 -9.01 -13.47 -25.00
C ILE E 88 -9.78 -12.29 -24.39
N ARG E 89 -9.07 -11.23 -24.03
CA ARG E 89 -9.66 -10.08 -23.30
C ARG E 89 -10.39 -9.10 -24.23
N GLU E 90 -10.79 -7.97 -23.64
CA GLU E 90 -11.63 -6.97 -24.34
C GLU E 90 -10.97 -6.42 -25.62
N GLY E 91 -11.74 -6.38 -26.70
CA GLY E 91 -11.36 -5.67 -27.93
C GLY E 91 -10.24 -6.35 -28.70
N VAL E 92 -9.98 -7.62 -28.49
CA VAL E 92 -8.90 -8.31 -29.26
C VAL E 92 -9.40 -8.49 -30.70
N THR E 93 -8.53 -8.29 -31.69
CA THR E 93 -8.82 -8.65 -33.09
C THR E 93 -7.98 -9.89 -33.45
N ILE E 94 -8.63 -10.86 -34.07
CA ILE E 94 -7.95 -12.09 -34.58
C ILE E 94 -8.47 -12.34 -35.99
N HIS E 95 -7.51 -12.41 -36.92
CA HIS E 95 -7.80 -12.56 -38.35
C HIS E 95 -7.57 -14.02 -38.73
N ARG E 96 -8.35 -14.53 -39.69
CA ARG E 96 -8.14 -15.86 -40.30
C ARG E 96 -7.01 -15.77 -41.33
N GLY E 97 -6.54 -16.92 -41.84
CA GLY E 97 -5.33 -17.00 -42.67
C GLY E 97 -5.52 -16.50 -44.10
N THR E 98 -4.50 -16.72 -44.92
CA THR E 98 -4.49 -16.39 -46.37
C THR E 98 -4.10 -17.65 -47.15
N VAL E 99 -4.55 -17.81 -48.40
CA VAL E 99 -4.24 -19.04 -49.19
C VAL E 99 -2.74 -19.03 -49.52
N GLN E 100 -2.16 -17.84 -49.67
CA GLN E 100 -0.74 -17.67 -50.02
C GLN E 100 0.17 -18.43 -49.04
N ASP E 101 -0.36 -18.73 -47.86
CA ASP E 101 0.48 -19.43 -46.86
C ASP E 101 -0.40 -20.18 -45.86
N ARG E 102 -0.69 -21.45 -46.17
CA ARG E 102 -1.36 -22.37 -45.19
C ARG E 102 -2.85 -22.10 -44.90
N ALA E 103 -3.39 -20.94 -45.25
CA ALA E 103 -4.82 -20.60 -45.08
C ALA E 103 -5.35 -20.77 -43.65
N GLU E 104 -4.54 -20.57 -42.62
CA GLU E 104 -5.10 -20.74 -41.25
C GLU E 104 -4.25 -20.07 -40.16
N THR E 105 -4.91 -19.20 -39.41
CA THR E 105 -4.38 -18.67 -38.14
C THR E 105 -4.62 -19.72 -37.05
N THR E 106 -3.59 -20.05 -36.27
CA THR E 106 -3.59 -21.10 -35.24
C THR E 106 -3.16 -20.54 -33.90
N ILE E 107 -3.92 -20.88 -32.87
CA ILE E 107 -3.61 -20.59 -31.44
C ILE E 107 -3.82 -21.91 -30.68
N GLY E 108 -2.96 -22.22 -29.74
CA GLY E 108 -3.04 -23.49 -28.98
C GLY E 108 -3.85 -23.35 -27.71
N ASP E 109 -3.28 -23.72 -26.55
CA ASP E 109 -4.07 -23.70 -25.30
C ASP E 109 -3.32 -22.99 -24.17
N HIS E 110 -4.06 -22.56 -23.16
CA HIS E 110 -3.55 -21.89 -21.93
C HIS E 110 -2.89 -20.55 -22.25
N ASN E 111 -3.32 -19.91 -23.33
CA ASN E 111 -2.73 -18.59 -23.74
C ASN E 111 -3.55 -17.48 -23.09
N LEU E 112 -2.90 -16.42 -22.66
CA LEU E 112 -3.61 -15.19 -22.18
C LEU E 112 -3.36 -14.05 -23.18
N ILE E 113 -4.40 -13.60 -23.87
CA ILE E 113 -4.32 -12.54 -24.92
C ILE E 113 -5.07 -11.34 -24.36
N MET E 114 -4.34 -10.32 -23.92
CA MET E 114 -4.93 -9.22 -23.14
C MET E 114 -5.51 -8.15 -24.07
N ALA E 115 -6.12 -7.11 -23.48
CA ALA E 115 -7.04 -6.19 -24.17
C ALA E 115 -6.37 -5.55 -25.41
N TYR E 116 -7.11 -5.52 -26.52
CA TYR E 116 -6.77 -4.81 -27.79
C TYR E 116 -5.52 -5.38 -28.46
N ALA E 117 -5.08 -6.56 -28.07
CA ALA E 117 -4.06 -7.30 -28.83
C ALA E 117 -4.64 -7.66 -30.20
N HIS E 118 -3.74 -7.75 -31.17
CA HIS E 118 -4.03 -8.03 -32.58
C HIS E 118 -3.21 -9.27 -32.99
N ILE E 119 -3.91 -10.29 -33.51
CA ILE E 119 -3.26 -11.53 -34.05
C ILE E 119 -3.54 -11.56 -35.56
N GLY E 120 -2.53 -11.27 -36.37
CA GLY E 120 -2.69 -11.11 -37.82
C GLY E 120 -2.79 -12.47 -38.48
N HIS E 121 -3.27 -12.45 -39.71
CA HIS E 121 -3.42 -13.62 -40.61
C HIS E 121 -2.19 -14.54 -40.56
N ASP E 122 -2.47 -15.85 -40.44
CA ASP E 122 -1.45 -16.92 -40.66
C ASP E 122 -0.50 -16.98 -39.47
N SER E 123 -0.80 -16.28 -38.36
CA SER E 123 0.05 -16.33 -37.15
C SER E 123 -0.17 -17.67 -36.43
N VAL E 124 0.86 -18.15 -35.77
CA VAL E 124 0.81 -19.42 -35.01
C VAL E 124 1.28 -19.12 -33.60
N ILE E 125 0.39 -19.32 -32.64
CA ILE E 125 0.72 -19.11 -31.21
C ILE E 125 0.67 -20.48 -30.55
N GLY E 126 1.61 -20.78 -29.67
CA GLY E 126 1.66 -22.12 -29.10
C GLY E 126 0.89 -22.23 -27.81
N ASN E 127 1.55 -22.46 -26.69
CA ASN E 127 0.81 -22.65 -25.42
C ASN E 127 1.46 -21.85 -24.30
N HIS E 128 0.66 -21.54 -23.29
CA HIS E 128 1.12 -20.80 -22.10
C HIS E 128 1.79 -19.49 -22.48
N CYS E 129 1.44 -18.93 -23.62
CA CYS E 129 2.02 -17.61 -24.03
C CYS E 129 1.20 -16.50 -23.38
N ILE E 130 1.81 -15.34 -23.14
CA ILE E 130 1.10 -14.12 -22.70
C ILE E 130 1.35 -13.00 -23.72
N LEU E 131 0.28 -12.56 -24.40
CA LEU E 131 0.25 -11.31 -25.22
C LEU E 131 -0.46 -10.25 -24.37
N VAL E 132 0.34 -9.31 -23.85
CA VAL E 132 -0.07 -8.15 -23.00
C VAL E 132 -0.80 -7.13 -23.89
N ASN E 133 -1.47 -6.16 -23.27
CA ASN E 133 -2.36 -5.20 -23.96
C ASN E 133 -1.69 -4.56 -25.17
N ASN E 134 -2.42 -4.56 -26.27
CA ASN E 134 -2.01 -3.85 -27.50
C ASN E 134 -0.81 -4.52 -28.17
N THR E 135 -0.51 -5.78 -27.87
CA THR E 135 0.49 -6.52 -28.65
C THR E 135 -0.08 -6.67 -30.04
N ALA E 136 0.73 -6.45 -31.11
CA ALA E 136 0.27 -6.58 -32.52
C ALA E 136 1.24 -7.50 -33.26
N LEU E 137 0.73 -8.64 -33.70
CA LEU E 137 1.43 -9.56 -34.60
C LEU E 137 0.95 -9.25 -36.03
N ALA E 138 1.83 -8.78 -36.92
CA ALA E 138 1.44 -8.22 -38.21
C ALA E 138 0.87 -9.32 -39.11
N GLY E 139 1.44 -10.53 -39.06
CA GLY E 139 1.02 -11.64 -39.95
C GLY E 139 2.13 -12.64 -40.14
N HIS E 140 1.79 -13.92 -40.26
CA HIS E 140 2.77 -15.03 -40.37
C HIS E 140 3.73 -15.03 -39.19
N VAL E 141 3.32 -14.57 -38.02
CA VAL E 141 4.22 -14.58 -36.84
C VAL E 141 4.04 -15.91 -36.12
N HIS E 142 5.15 -16.51 -35.69
CA HIS E 142 5.20 -17.77 -34.90
C HIS E 142 5.65 -17.45 -33.48
N VAL E 143 4.77 -17.64 -32.51
CA VAL E 143 5.09 -17.46 -31.06
C VAL E 143 5.09 -18.84 -30.40
N ASP E 144 6.24 -19.26 -29.90
CA ASP E 144 6.47 -20.56 -29.25
C ASP E 144 6.13 -20.48 -27.75
N ASP E 145 6.02 -21.64 -27.08
CA ASP E 145 5.37 -21.78 -25.74
C ASP E 145 6.06 -20.92 -24.70
N TRP E 146 5.28 -20.41 -23.75
CA TRP E 146 5.79 -19.67 -22.57
C TRP E 146 6.41 -18.30 -22.93
N ALA E 147 6.32 -17.87 -24.20
CA ALA E 147 6.79 -16.53 -24.63
C ALA E 147 5.91 -15.49 -23.95
N ILE E 148 6.54 -14.41 -23.47
CA ILE E 148 5.79 -13.21 -22.97
C ILE E 148 6.17 -12.03 -23.86
N LEU E 149 5.16 -11.41 -24.48
CA LEU E 149 5.27 -10.14 -25.25
C LEU E 149 4.59 -9.07 -24.41
N SER E 150 5.36 -8.12 -23.89
CA SER E 150 4.82 -7.13 -22.94
C SER E 150 4.03 -6.06 -23.69
N GLY E 151 3.44 -5.12 -22.96
CA GLY E 151 2.42 -4.23 -23.53
C GLY E 151 2.93 -3.49 -24.77
N TYR E 152 2.10 -3.44 -25.82
CA TYR E 152 2.35 -2.59 -27.01
C TYR E 152 3.60 -3.10 -27.73
N THR E 153 3.87 -4.40 -27.69
CA THR E 153 4.96 -5.04 -28.46
C THR E 153 4.43 -5.24 -29.88
N LEU E 154 5.19 -4.78 -30.84
CA LEU E 154 4.85 -4.86 -32.27
C LEU E 154 5.78 -5.90 -32.89
N VAL E 155 5.20 -6.79 -33.70
CA VAL E 155 5.99 -7.85 -34.39
C VAL E 155 5.75 -7.73 -35.88
N HIS E 156 6.85 -7.55 -36.62
CA HIS E 156 6.91 -7.56 -38.08
C HIS E 156 6.49 -8.95 -38.56
N GLN E 157 5.96 -9.00 -39.78
CA GLN E 157 5.49 -10.21 -40.48
C GLN E 157 6.67 -11.19 -40.54
N TYR E 158 6.38 -12.49 -40.35
CA TYR E 158 7.30 -13.66 -40.52
C TYR E 158 8.24 -13.88 -39.31
N CYS E 159 8.28 -13.02 -38.29
CA CYS E 159 9.19 -13.25 -37.16
C CYS E 159 8.72 -14.45 -36.36
N ARG E 160 9.70 -15.23 -35.90
CA ARG E 160 9.51 -16.31 -34.92
C ARG E 160 9.95 -15.74 -33.59
N ILE E 161 9.09 -15.88 -32.60
CA ILE E 161 9.34 -15.51 -31.19
C ILE E 161 9.58 -16.80 -30.43
N GLY E 162 10.80 -17.00 -29.91
CA GLY E 162 11.27 -18.30 -29.38
C GLY E 162 10.67 -18.61 -28.02
N ALA E 163 10.69 -19.90 -27.67
CA ALA E 163 10.13 -20.41 -26.41
C ALA E 163 10.75 -19.62 -25.24
N HIS E 164 9.90 -19.18 -24.32
CA HIS E 164 10.34 -18.57 -23.03
C HIS E 164 11.03 -17.23 -23.27
N SER E 165 10.89 -16.62 -24.46
CA SER E 165 11.46 -15.29 -24.74
C SER E 165 10.64 -14.23 -23.98
N PHE E 166 11.21 -13.04 -23.84
CA PHE E 166 10.53 -11.87 -23.24
C PHE E 166 10.82 -10.67 -24.12
N SER E 167 9.79 -9.88 -24.44
CA SER E 167 9.94 -8.56 -25.08
C SER E 167 9.39 -7.50 -24.13
N GLY E 168 10.19 -6.48 -23.86
CA GLY E 168 9.82 -5.34 -23.00
C GLY E 168 8.76 -4.46 -23.63
N MET E 169 8.03 -3.73 -22.77
CA MET E 169 6.99 -2.73 -23.12
C MET E 169 7.41 -1.94 -24.37
N GLY E 170 6.56 -1.82 -25.39
CA GLY E 170 6.85 -0.93 -26.53
C GLY E 170 7.97 -1.42 -27.40
N SER E 171 8.33 -2.71 -27.35
CA SER E 171 9.35 -3.31 -28.25
C SER E 171 8.79 -3.36 -29.67
N ALA E 172 9.63 -3.12 -30.68
CA ALA E 172 9.30 -3.39 -32.11
C ALA E 172 10.25 -4.46 -32.63
N ILE E 173 9.73 -5.64 -32.91
CA ILE E 173 10.57 -6.82 -33.25
C ILE E 173 10.58 -6.97 -34.77
N GLY E 174 11.77 -6.91 -35.37
CA GLY E 174 11.99 -7.02 -36.81
C GLY E 174 12.78 -8.26 -37.18
N LYS E 175 13.33 -9.02 -36.22
CA LYS E 175 14.08 -10.28 -36.52
C LYS E 175 13.60 -11.35 -35.54
N ASP E 176 13.96 -12.61 -35.81
CA ASP E 176 13.64 -13.76 -34.92
C ASP E 176 14.21 -13.47 -33.54
N VAL E 177 13.45 -13.81 -32.52
CA VAL E 177 13.88 -13.76 -31.10
C VAL E 177 14.15 -15.19 -30.68
N PRO E 178 15.42 -15.55 -30.43
CA PRO E 178 15.74 -16.91 -30.01
C PRO E 178 15.04 -17.27 -28.68
N ALA E 179 14.79 -18.55 -28.47
CA ALA E 179 14.26 -19.09 -27.21
C ALA E 179 15.06 -18.48 -26.06
N TYR E 180 14.35 -18.07 -25.00
CA TYR E 180 14.86 -17.59 -23.69
C TYR E 180 15.37 -16.14 -23.76
N VAL E 181 15.44 -15.55 -24.96
CA VAL E 181 16.10 -14.22 -25.11
C VAL E 181 15.11 -13.13 -24.66
N THR E 182 15.58 -12.15 -23.91
CA THR E 182 14.82 -10.91 -23.55
C THR E 182 15.23 -9.84 -24.56
N VAL E 183 14.27 -9.20 -25.20
CA VAL E 183 14.57 -8.06 -26.11
C VAL E 183 13.82 -6.81 -25.65
N PHE E 184 14.36 -5.64 -25.99
CA PHE E 184 13.86 -4.31 -25.59
C PHE E 184 14.16 -3.30 -26.69
N GLY E 185 13.23 -2.35 -26.88
CA GLY E 185 13.41 -1.13 -27.65
C GLY E 185 12.83 -1.29 -29.05
N ASN E 186 13.01 -0.26 -29.85
CA ASN E 186 12.46 -0.05 -31.21
C ASN E 186 13.60 0.59 -31.98
N PRO E 187 14.39 -0.17 -32.77
CA PRO E 187 14.16 -1.60 -32.95
C PRO E 187 14.59 -2.44 -31.73
N ALA E 188 14.03 -3.64 -31.58
CA ALA E 188 14.27 -4.50 -30.39
C ALA E 188 15.73 -4.95 -30.43
N GLU E 189 16.38 -5.04 -29.27
CA GLU E 189 17.78 -5.54 -29.15
C GLU E 189 17.84 -6.54 -28.00
N ALA E 190 18.60 -7.64 -28.15
CA ALA E 190 18.80 -8.68 -27.13
C ALA E 190 19.54 -8.04 -25.95
N ARG E 191 19.09 -8.27 -24.72
CA ARG E 191 19.75 -7.68 -23.53
C ARG E 191 20.49 -8.79 -22.79
N SER E 192 19.75 -9.84 -22.42
CA SER E 192 20.26 -11.02 -21.69
C SER E 192 19.32 -12.21 -21.96
N MET E 193 19.45 -13.26 -21.16
CA MET E 193 18.56 -14.45 -21.15
C MET E 193 17.49 -14.23 -20.09
N ASN E 194 16.32 -14.84 -20.31
CA ASN E 194 15.10 -14.75 -19.46
C ASN E 194 15.29 -15.66 -18.25
N PHE E 195 16.36 -15.44 -17.48
CA PHE E 195 16.70 -16.22 -16.26
C PHE E 195 15.49 -16.25 -15.33
N GLU E 196 14.89 -15.07 -15.12
CA GLU E 196 13.60 -14.92 -14.38
C GLU E 196 12.61 -16.03 -14.79
N GLY E 197 12.39 -16.20 -16.08
CA GLY E 197 11.34 -17.10 -16.60
C GLY E 197 11.72 -18.56 -16.48
N MET E 198 13.03 -18.86 -16.52
CA MET E 198 13.52 -20.26 -16.42
C MET E 198 13.10 -20.81 -15.04
N ARG E 199 13.38 -20.02 -14.00
CA ARG E 199 13.02 -20.38 -12.59
C ARG E 199 11.53 -20.74 -12.55
N ARG E 200 10.68 -19.84 -13.07
CA ARG E 200 9.20 -19.93 -13.03
C ARG E 200 8.72 -21.33 -13.45
N ARG E 201 9.44 -22.04 -14.33
CA ARG E 201 8.98 -23.36 -14.82
C ARG E 201 9.77 -24.46 -14.08
N GLY E 202 10.64 -24.06 -13.15
CA GLY E 202 11.52 -24.99 -12.41
C GLY E 202 12.44 -25.73 -13.35
N PHE E 203 13.19 -24.96 -14.15
CA PHE E 203 14.40 -25.44 -14.87
C PHE E 203 15.44 -25.77 -13.80
N SER E 204 16.08 -26.93 -13.90
CA SER E 204 17.20 -27.38 -13.01
C SER E 204 18.31 -26.33 -13.01
N SER E 205 19.14 -26.30 -11.95
CA SER E 205 20.28 -25.36 -11.82
C SER E 205 21.31 -25.66 -12.92
N GLU E 206 21.39 -26.93 -13.35
CA GLU E 206 22.29 -27.40 -14.45
C GLU E 206 21.81 -26.73 -15.75
N ALA E 207 20.56 -27.02 -16.13
CA ALA E 207 19.87 -26.49 -17.34
C ALA E 207 20.10 -24.99 -17.48
N ILE E 208 19.93 -24.22 -16.39
CA ILE E 208 20.09 -22.75 -16.37
C ILE E 208 21.55 -22.37 -16.66
N HIS E 209 22.50 -22.78 -15.81
CA HIS E 209 23.95 -22.45 -15.95
C HIS E 209 24.41 -22.84 -17.37
N ALA E 210 23.86 -23.94 -17.91
CA ALA E 210 24.10 -24.43 -19.28
C ALA E 210 23.64 -23.38 -20.31
N LEU E 211 22.44 -22.81 -20.14
CA LEU E 211 21.84 -21.81 -21.05
C LEU E 211 22.61 -20.46 -20.98
N ARG E 212 23.20 -20.10 -19.83
CA ARG E 212 24.04 -18.88 -19.67
C ARG E 212 25.33 -19.04 -20.49
N ARG E 213 25.94 -20.22 -20.39
CA ARG E 213 27.08 -20.64 -21.22
C ARG E 213 26.68 -20.44 -22.68
N ALA E 214 25.50 -20.96 -23.06
CA ALA E 214 25.00 -21.04 -24.46
C ALA E 214 24.70 -19.62 -24.99
N TYR E 215 24.21 -18.72 -24.14
CA TYR E 215 24.01 -17.29 -24.46
C TYR E 215 25.35 -16.67 -24.85
N LYS E 216 26.36 -16.75 -23.97
CA LYS E 216 27.71 -16.16 -24.18
C LYS E 216 28.30 -16.70 -25.50
N VAL E 217 28.03 -17.98 -25.81
CA VAL E 217 28.51 -18.63 -27.06
C VAL E 217 27.90 -17.93 -28.29
N VAL E 218 26.62 -17.58 -28.25
CA VAL E 218 25.90 -17.07 -29.46
C VAL E 218 26.16 -15.57 -29.58
N TYR E 219 26.21 -14.82 -28.47
CA TYR E 219 26.14 -13.33 -28.46
C TYR E 219 27.46 -12.67 -28.05
N ARG E 220 28.24 -13.22 -27.11
CA ARG E 220 29.32 -12.45 -26.44
C ARG E 220 30.69 -13.07 -26.75
N GLN E 221 30.88 -13.64 -27.94
CA GLN E 221 32.19 -14.24 -28.32
C GLN E 221 32.49 -14.04 -29.80
N GLY E 222 31.81 -13.10 -30.47
CA GLY E 222 31.97 -12.75 -31.89
C GLY E 222 32.05 -13.97 -32.81
N HIS E 223 31.31 -15.04 -32.54
CA HIS E 223 31.13 -16.22 -33.44
C HIS E 223 30.14 -15.89 -34.58
N THR E 224 30.28 -16.57 -35.71
CA THR E 224 29.22 -16.65 -36.75
C THR E 224 28.08 -17.47 -36.14
N VAL E 225 26.88 -17.44 -36.71
CA VAL E 225 25.79 -18.33 -36.24
C VAL E 225 26.30 -19.77 -36.37
N GLU E 226 26.84 -20.16 -37.54
CA GLU E 226 27.27 -21.57 -37.83
C GLU E 226 28.27 -22.06 -36.78
N GLU E 227 29.30 -21.29 -36.43
CA GLU E 227 30.32 -21.68 -35.41
C GLU E 227 29.64 -21.91 -34.05
N ALA E 228 28.84 -20.93 -33.58
CA ALA E 228 28.05 -21.00 -32.32
C ALA E 228 27.21 -22.29 -32.32
N LEU E 229 26.58 -22.63 -33.44
CA LEU E 229 25.73 -23.85 -33.56
C LEU E 229 26.56 -25.13 -33.37
N ALA E 230 27.81 -25.15 -33.86
CA ALA E 230 28.77 -26.28 -33.70
C ALA E 230 29.17 -26.38 -32.22
N GLU E 231 29.46 -25.27 -31.55
CA GLU E 231 29.93 -25.24 -30.13
C GLU E 231 28.76 -25.52 -29.17
N LEU E 232 27.51 -25.48 -29.64
CA LEU E 232 26.33 -25.77 -28.78
C LEU E 232 25.93 -27.24 -28.97
N ALA E 233 26.45 -27.91 -30.01
CA ALA E 233 26.16 -29.33 -30.31
C ALA E 233 26.39 -30.19 -29.04
N GLU E 234 27.56 -30.07 -28.39
CA GLU E 234 27.87 -30.88 -27.19
C GLU E 234 26.77 -30.66 -26.14
N SER E 235 26.57 -29.40 -25.73
CA SER E 235 25.66 -28.96 -24.63
C SER E 235 24.19 -29.30 -24.92
N ALA E 236 23.81 -29.33 -26.19
CA ALA E 236 22.41 -29.47 -26.66
C ALA E 236 21.96 -30.95 -26.72
N ALA E 237 22.90 -31.89 -26.88
CA ALA E 237 22.61 -33.33 -26.86
C ALA E 237 22.44 -33.80 -25.42
N GLN E 238 23.07 -33.10 -24.46
CA GLN E 238 23.00 -33.43 -23.01
C GLN E 238 21.84 -32.71 -22.33
N PHE E 239 21.44 -31.55 -22.84
CA PHE E 239 20.34 -30.72 -22.26
C PHE E 239 19.30 -30.38 -23.32
N PRO E 240 18.09 -30.99 -23.26
CA PRO E 240 17.01 -30.61 -24.19
C PRO E 240 16.60 -29.13 -24.09
N GLU E 241 16.80 -28.52 -22.92
CA GLU E 241 16.60 -27.06 -22.68
C GLU E 241 17.48 -26.33 -23.68
N VAL E 242 18.77 -26.71 -23.72
CA VAL E 242 19.81 -26.07 -24.57
C VAL E 242 19.50 -26.39 -26.05
N ALA E 243 18.93 -27.56 -26.34
CA ALA E 243 18.54 -27.92 -27.73
C ALA E 243 17.46 -26.95 -28.21
N VAL E 244 16.46 -26.60 -27.39
CA VAL E 244 15.36 -25.68 -27.84
C VAL E 244 16.00 -24.37 -28.31
N PHE E 245 17.00 -23.90 -27.56
CA PHE E 245 17.76 -22.65 -27.82
C PHE E 245 18.51 -22.75 -29.13
N ARG E 246 19.32 -23.81 -29.25
CA ARG E 246 20.10 -24.19 -30.46
C ARG E 246 19.14 -24.31 -31.65
N ASP E 247 18.02 -25.00 -31.47
CA ASP E 247 17.01 -25.22 -32.54
C ASP E 247 16.39 -23.87 -32.97
N SER E 248 16.13 -22.97 -32.02
CA SER E 248 15.46 -21.67 -32.33
C SER E 248 16.41 -20.85 -33.23
N ILE E 249 17.72 -20.90 -32.97
CA ILE E 249 18.76 -20.15 -33.73
C ILE E 249 19.01 -20.82 -35.09
N GLN E 250 19.06 -22.15 -35.13
CA GLN E 250 19.25 -22.86 -36.42
C GLN E 250 18.06 -22.53 -37.32
N SER E 251 16.87 -22.48 -36.73
CA SER E 251 15.58 -22.22 -37.41
C SER E 251 15.45 -20.75 -37.84
N ALA E 252 16.45 -19.89 -37.56
CA ALA E 252 16.38 -18.41 -37.78
C ALA E 252 16.85 -18.10 -39.20
N THR E 253 15.87 -17.85 -40.08
CA THR E 253 16.05 -17.80 -41.57
C THR E 253 16.59 -16.41 -41.97
N ARG E 254 15.98 -15.33 -41.45
CA ARG E 254 16.43 -13.93 -41.69
C ARG E 254 17.02 -13.37 -40.39
N GLY E 255 18.05 -14.03 -39.86
CA GLY E 255 18.85 -13.56 -38.70
C GLY E 255 18.07 -13.62 -37.39
N ILE E 256 18.75 -13.26 -36.31
CA ILE E 256 18.20 -13.25 -34.93
C ILE E 256 18.28 -11.81 -34.43
N THR E 257 17.41 -11.46 -33.48
CA THR E 257 17.52 -10.21 -32.67
C THR E 257 18.80 -10.28 -31.84
N ARG E 258 19.62 -9.22 -31.90
CA ARG E 258 20.98 -9.14 -31.29
C ARG E 258 21.12 -7.88 -30.43
N SER F 2 -33.28 -7.89 -44.90
CA SER F 2 -33.49 -6.46 -45.33
C SER F 2 -32.18 -5.67 -45.16
N LEU F 3 -32.09 -4.51 -45.82
CA LEU F 3 -30.84 -3.71 -45.95
C LEU F 3 -30.48 -3.12 -44.60
N ILE F 4 -31.41 -2.35 -44.00
CA ILE F 4 -31.28 -1.73 -42.64
C ILE F 4 -31.83 -2.72 -41.61
N ASP F 5 -31.01 -3.18 -40.67
CA ASP F 5 -31.41 -4.26 -39.72
C ASP F 5 -32.45 -3.66 -38.78
N PRO F 6 -33.52 -4.41 -38.43
CA PRO F 6 -34.56 -3.90 -37.52
C PRO F 6 -33.99 -3.30 -36.22
N ARG F 7 -32.88 -3.85 -35.72
CA ARG F 7 -32.35 -3.50 -34.38
C ARG F 7 -31.39 -2.30 -34.47
N ALA F 8 -31.22 -1.71 -35.64
CA ALA F 8 -30.38 -0.51 -35.83
C ALA F 8 -31.23 0.69 -35.44
N ILE F 9 -30.62 1.73 -34.88
CA ILE F 9 -31.27 3.03 -34.57
C ILE F 9 -30.92 4.00 -35.69
N ILE F 10 -31.93 4.56 -36.35
CA ILE F 10 -31.78 5.44 -37.55
C ILE F 10 -32.52 6.74 -37.29
N ASP F 11 -31.84 7.81 -36.86
CA ASP F 11 -32.49 9.13 -36.64
C ASP F 11 -33.39 9.38 -37.83
N PRO F 12 -34.65 9.80 -37.60
CA PRO F 12 -35.53 10.14 -38.71
C PRO F 12 -34.84 11.17 -39.62
N SER F 13 -34.02 12.05 -39.04
CA SER F 13 -33.28 13.13 -39.76
C SER F 13 -31.99 12.62 -40.41
N ALA F 14 -31.82 11.30 -40.57
CA ALA F 14 -30.68 10.68 -41.31
C ALA F 14 -31.05 10.48 -42.78
N ARG F 15 -30.20 10.91 -43.71
CA ARG F 15 -30.42 10.79 -45.19
C ARG F 15 -29.60 9.63 -45.74
N LEU F 16 -30.20 8.44 -45.85
CA LEU F 16 -29.47 7.26 -46.36
C LEU F 16 -29.95 6.92 -47.77
N ALA F 17 -29.02 6.48 -48.62
CA ALA F 17 -29.37 5.99 -49.97
C ALA F 17 -30.12 4.66 -49.85
N ALA F 18 -30.95 4.34 -50.83
CA ALA F 18 -31.80 3.12 -50.78
C ALA F 18 -31.01 1.82 -50.64
N ASP F 19 -29.82 1.70 -51.23
CA ASP F 19 -29.09 0.40 -51.15
C ASP F 19 -28.16 0.36 -49.91
N VAL F 20 -28.12 1.44 -49.11
CA VAL F 20 -27.23 1.54 -47.91
C VAL F 20 -27.57 0.39 -46.95
N GLN F 21 -26.57 -0.33 -46.40
CA GLN F 21 -26.79 -1.41 -45.40
C GLN F 21 -26.26 -1.02 -44.01
N VAL F 22 -27.08 -1.23 -42.99
CA VAL F 22 -26.76 -0.97 -41.56
C VAL F 22 -26.98 -2.26 -40.78
N GLY F 23 -25.96 -2.72 -40.08
CA GLY F 23 -26.01 -3.97 -39.33
C GLY F 23 -26.70 -3.73 -37.99
N PRO F 24 -27.01 -4.83 -37.28
CA PRO F 24 -27.68 -4.75 -35.97
C PRO F 24 -26.90 -3.99 -34.90
N TRP F 25 -27.63 -3.19 -34.12
CA TRP F 25 -27.16 -2.48 -32.91
C TRP F 25 -26.21 -1.36 -33.29
N SER F 26 -26.41 -0.76 -34.47
CA SER F 26 -25.67 0.43 -34.95
C SER F 26 -26.57 1.65 -34.84
N ILE F 27 -25.98 2.83 -34.64
CA ILE F 27 -26.67 4.15 -34.48
C ILE F 27 -26.27 5.02 -35.68
N VAL F 28 -27.25 5.48 -36.46
CA VAL F 28 -27.06 6.61 -37.43
C VAL F 28 -27.75 7.83 -36.81
N GLY F 29 -26.96 8.77 -36.31
CA GLY F 29 -27.48 9.95 -35.60
C GLY F 29 -28.12 10.98 -36.51
N ALA F 30 -28.76 11.98 -35.90
CA ALA F 30 -29.19 13.23 -36.56
C ALA F 30 -28.07 13.72 -37.50
N GLU F 31 -28.48 14.18 -38.69
CA GLU F 31 -27.65 14.96 -39.66
C GLU F 31 -26.51 14.05 -40.17
N VAL F 32 -26.74 12.75 -40.32
CA VAL F 32 -25.77 11.82 -40.96
C VAL F 32 -26.31 11.38 -42.32
N GLU F 33 -25.58 11.74 -43.39
CA GLU F 33 -25.85 11.32 -44.79
C GLU F 33 -24.92 10.16 -45.14
N ILE F 34 -25.48 9.11 -45.73
CA ILE F 34 -24.74 7.91 -46.17
C ILE F 34 -25.07 7.62 -47.64
N GLY F 35 -24.06 7.67 -48.52
CA GLY F 35 -24.20 7.55 -49.97
C GLY F 35 -24.39 6.09 -50.38
N GLU F 36 -24.75 5.86 -51.65
CA GLU F 36 -25.15 4.54 -52.22
C GLU F 36 -24.00 3.55 -52.12
N GLY F 37 -24.28 2.27 -51.83
CA GLY F 37 -23.29 1.19 -51.79
C GLY F 37 -22.65 1.01 -50.40
N THR F 38 -22.68 2.02 -49.53
CA THR F 38 -21.96 2.01 -48.23
C THR F 38 -22.57 0.96 -47.30
N VAL F 39 -21.73 0.12 -46.70
CA VAL F 39 -22.06 -0.93 -45.69
C VAL F 39 -21.58 -0.54 -44.28
N ILE F 40 -22.52 -0.32 -43.35
CA ILE F 40 -22.26 -0.12 -41.91
C ILE F 40 -22.43 -1.48 -41.25
N GLY F 41 -21.38 -1.99 -40.61
CA GLY F 41 -21.40 -3.27 -39.90
C GLY F 41 -22.24 -3.19 -38.61
N PRO F 42 -22.20 -4.22 -37.78
CA PRO F 42 -22.88 -4.17 -36.50
C PRO F 42 -22.09 -3.36 -35.46
N HIS F 43 -22.77 -2.88 -34.41
CA HIS F 43 -22.18 -2.18 -33.24
C HIS F 43 -21.40 -0.91 -33.69
N VAL F 44 -21.88 -0.16 -34.68
CA VAL F 44 -21.20 1.07 -35.16
C VAL F 44 -21.95 2.27 -34.59
N VAL F 45 -21.25 3.33 -34.20
CA VAL F 45 -21.89 4.60 -33.74
C VAL F 45 -21.51 5.70 -34.73
N LEU F 46 -22.48 6.22 -35.49
CA LEU F 46 -22.29 7.41 -36.36
C LEU F 46 -22.96 8.64 -35.75
N LYS F 47 -22.25 9.75 -35.68
CA LYS F 47 -22.73 11.01 -35.08
C LYS F 47 -22.53 12.11 -36.13
N GLY F 48 -23.41 13.11 -36.19
CA GLY F 48 -23.37 14.19 -37.18
C GLY F 48 -23.12 15.55 -36.53
N PRO F 49 -23.15 16.63 -37.33
CA PRO F 49 -23.36 16.56 -38.79
C PRO F 49 -22.18 15.93 -39.58
N THR F 50 -22.44 14.86 -40.33
CA THR F 50 -21.45 13.95 -41.00
C THR F 50 -21.98 13.52 -42.37
N LYS F 51 -21.12 13.59 -43.39
CA LYS F 51 -21.42 13.11 -44.75
C LYS F 51 -20.48 11.95 -45.08
N ILE F 52 -21.04 10.78 -45.31
CA ILE F 52 -20.33 9.59 -45.82
C ILE F 52 -20.69 9.41 -47.29
N GLY F 53 -19.69 9.04 -48.10
CA GLY F 53 -19.79 8.90 -49.58
C GLY F 53 -20.24 7.51 -49.99
N LYS F 54 -19.92 7.14 -51.22
CA LYS F 54 -20.39 5.88 -51.84
C LYS F 54 -19.35 4.78 -51.58
N HIS F 55 -19.82 3.53 -51.57
CA HIS F 55 -19.06 2.25 -51.52
C HIS F 55 -18.07 2.21 -50.34
N ASN F 56 -18.39 2.85 -49.23
CA ASN F 56 -17.60 2.74 -47.99
C ASN F 56 -18.00 1.49 -47.20
N ARG F 57 -17.12 1.01 -46.33
CA ARG F 57 -17.33 -0.14 -45.43
C ARG F 57 -16.84 0.28 -44.02
N ILE F 58 -17.73 0.25 -43.02
CA ILE F 58 -17.36 0.64 -41.64
C ILE F 58 -17.58 -0.57 -40.75
N TYR F 59 -16.52 -1.02 -40.11
CA TYR F 59 -16.49 -2.23 -39.26
C TYR F 59 -16.95 -1.87 -37.85
N GLN F 60 -17.40 -2.90 -37.18
CA GLN F 60 -17.92 -2.90 -35.79
C GLN F 60 -16.99 -2.19 -34.78
N PHE F 61 -17.61 -1.58 -33.80
CA PHE F 61 -16.97 -0.90 -32.63
C PHE F 61 -16.30 0.41 -33.05
N SER F 62 -16.63 0.92 -34.24
CA SER F 62 -16.14 2.24 -34.72
C SER F 62 -17.02 3.37 -34.18
N SER F 63 -16.42 4.49 -33.82
CA SER F 63 -17.13 5.74 -33.41
C SER F 63 -16.78 6.83 -34.40
N VAL F 64 -17.67 7.14 -35.33
CA VAL F 64 -17.38 8.01 -36.50
C VAL F 64 -18.28 9.23 -36.40
N GLY F 65 -17.71 10.42 -36.17
CA GLY F 65 -18.46 11.68 -36.02
C GLY F 65 -18.56 12.20 -34.60
N GLU F 66 -17.83 11.61 -33.64
CA GLU F 66 -17.88 12.07 -32.25
C GLU F 66 -17.27 13.45 -32.14
N ASP F 67 -17.67 14.17 -31.09
CA ASP F 67 -17.04 15.41 -30.60
C ASP F 67 -15.64 15.03 -30.13
N THR F 68 -14.63 15.81 -30.48
CA THR F 68 -13.32 15.79 -29.83
C THR F 68 -13.52 16.10 -28.35
N PRO F 69 -12.76 15.44 -27.45
CA PRO F 69 -12.66 15.86 -26.05
C PRO F 69 -11.76 17.08 -25.83
N ASP F 70 -11.10 17.58 -26.89
CA ASP F 70 -10.26 18.83 -26.85
C ASP F 70 -11.12 19.97 -26.24
N LEU F 71 -10.64 20.67 -25.22
CA LEU F 71 -11.42 21.71 -24.48
C LEU F 71 -11.71 22.94 -25.37
N LYS F 72 -10.91 23.16 -26.44
CA LYS F 72 -11.25 24.04 -27.61
C LYS F 72 -12.73 23.96 -27.98
N TYR F 73 -13.26 22.73 -28.10
CA TYR F 73 -14.63 22.42 -28.59
C TYR F 73 -15.69 22.72 -27.52
N LYS F 74 -16.78 23.42 -27.91
CA LYS F 74 -17.86 23.83 -26.99
C LYS F 74 -19.23 23.61 -27.65
N GLY F 75 -19.45 22.43 -28.23
CA GLY F 75 -20.76 21.98 -28.72
C GLY F 75 -21.08 22.46 -30.14
N GLU F 76 -20.28 23.39 -30.70
CA GLU F 76 -20.56 24.08 -32.00
C GLU F 76 -20.81 23.04 -33.08
N PRO F 77 -21.62 23.36 -34.12
CA PRO F 77 -22.01 22.39 -35.16
C PRO F 77 -20.95 22.23 -36.26
N THR F 78 -19.93 21.43 -35.98
CA THR F 78 -18.76 21.14 -36.86
C THR F 78 -18.99 19.84 -37.62
N ARG F 79 -18.20 19.61 -38.65
CA ARG F 79 -18.50 18.61 -39.72
C ARG F 79 -17.39 17.57 -39.80
N LEU F 80 -17.76 16.35 -40.18
CA LEU F 80 -16.92 15.27 -40.70
C LEU F 80 -17.44 14.99 -42.10
N VAL F 81 -16.55 14.94 -43.11
CA VAL F 81 -16.84 14.51 -44.50
C VAL F 81 -15.90 13.38 -44.84
N ILE F 82 -16.44 12.24 -45.25
CA ILE F 82 -15.71 11.07 -45.77
C ILE F 82 -16.13 10.96 -47.24
N GLY F 83 -15.19 10.63 -48.14
CA GLY F 83 -15.44 10.40 -49.58
C GLY F 83 -15.91 8.99 -49.87
N ASP F 84 -15.30 8.31 -50.85
CA ASP F 84 -15.86 7.08 -51.47
C ASP F 84 -14.86 5.95 -51.40
N HIS F 85 -15.33 4.70 -51.38
CA HIS F 85 -14.50 3.45 -51.43
C HIS F 85 -13.48 3.40 -50.26
N ASN F 86 -13.80 3.97 -49.11
CA ASN F 86 -12.95 3.83 -47.88
C ASN F 86 -13.33 2.57 -47.11
N VAL F 87 -12.35 2.00 -46.44
CA VAL F 87 -12.55 0.88 -45.48
C VAL F 87 -12.07 1.37 -44.11
N ILE F 88 -13.02 1.41 -43.17
CA ILE F 88 -12.74 1.80 -41.78
C ILE F 88 -12.92 0.56 -40.94
N ARG F 89 -11.83 0.07 -40.37
CA ARG F 89 -11.78 -1.23 -39.69
C ARG F 89 -12.30 -1.11 -38.24
N GLU F 90 -12.18 -2.21 -37.48
CA GLU F 90 -12.75 -2.39 -36.13
C GLU F 90 -12.21 -1.29 -35.21
N GLY F 91 -13.10 -0.66 -34.47
CA GLY F 91 -12.76 0.21 -33.34
C GLY F 91 -12.12 1.52 -33.75
N VAL F 92 -12.31 1.99 -34.99
CA VAL F 92 -11.70 3.28 -35.43
C VAL F 92 -12.47 4.42 -34.76
N THR F 93 -11.78 5.49 -34.36
CA THR F 93 -12.43 6.72 -33.84
C THR F 93 -12.05 7.88 -34.77
N ILE F 94 -13.06 8.63 -35.22
CA ILE F 94 -12.89 9.79 -36.15
C ILE F 94 -13.70 10.92 -35.57
N HIS F 95 -13.04 12.01 -35.23
CA HIS F 95 -13.74 13.16 -34.62
C HIS F 95 -14.02 14.20 -35.69
N ARG F 96 -15.05 15.01 -35.48
CA ARG F 96 -15.43 16.15 -36.36
C ARG F 96 -14.54 17.33 -36.00
N GLY F 97 -14.64 18.38 -36.80
CA GLY F 97 -13.83 19.59 -36.65
C GLY F 97 -14.10 20.44 -35.41
N THR F 98 -13.36 21.54 -35.34
CA THR F 98 -13.49 22.59 -34.30
C THR F 98 -13.61 23.92 -35.04
N VAL F 99 -14.30 24.89 -34.45
CA VAL F 99 -14.50 26.23 -35.09
C VAL F 99 -13.17 26.97 -35.18
N GLN F 100 -12.24 26.71 -34.27
CA GLN F 100 -10.89 27.33 -34.28
C GLN F 100 -10.16 27.01 -35.59
N ASP F 101 -10.33 25.83 -36.18
CA ASP F 101 -9.67 25.50 -37.45
C ASP F 101 -10.60 25.73 -38.65
N ARG F 102 -11.03 24.67 -39.32
CA ARG F 102 -11.88 24.80 -40.52
C ARG F 102 -13.30 24.27 -40.27
N ALA F 103 -13.62 23.96 -39.02
CA ALA F 103 -14.88 23.32 -38.58
C ALA F 103 -15.14 22.05 -39.38
N GLU F 104 -14.12 21.40 -39.93
CA GLU F 104 -14.29 20.14 -40.67
C GLU F 104 -13.09 19.20 -40.53
N THR F 105 -13.38 17.91 -40.30
CA THR F 105 -12.48 16.77 -40.52
C THR F 105 -12.88 16.18 -41.88
N THR F 106 -11.89 15.87 -42.72
CA THR F 106 -12.09 15.45 -44.13
C THR F 106 -11.24 14.23 -44.41
N ILE F 107 -11.89 13.22 -44.95
CA ILE F 107 -11.23 12.04 -45.55
C ILE F 107 -11.66 11.99 -47.03
N GLY F 108 -10.72 11.65 -47.92
CA GLY F 108 -10.99 11.52 -49.38
C GLY F 108 -11.46 10.13 -49.77
N ASP F 109 -10.82 9.52 -50.76
CA ASP F 109 -11.31 8.24 -51.36
C ASP F 109 -10.23 7.16 -51.29
N HIS F 110 -10.67 5.89 -51.36
CA HIS F 110 -9.85 4.66 -51.43
C HIS F 110 -8.83 4.58 -50.27
N ASN F 111 -9.18 5.09 -49.10
CA ASN F 111 -8.30 5.01 -47.89
C ASN F 111 -8.60 3.67 -47.19
N LEU F 112 -7.61 3.08 -46.52
CA LEU F 112 -7.75 1.93 -45.62
C LEU F 112 -7.32 2.37 -44.23
N ILE F 113 -8.28 2.48 -43.29
CA ILE F 113 -8.05 2.89 -41.89
C ILE F 113 -8.25 1.64 -41.03
N MET F 114 -7.14 1.06 -40.57
N MET F 114 -7.15 1.06 -40.56
CA MET F 114 -7.08 -0.28 -39.91
CA MET F 114 -7.11 -0.27 -39.91
C MET F 114 -7.43 -0.14 -38.42
C MET F 114 -7.42 -0.14 -38.41
N ALA F 115 -7.57 -1.28 -37.72
CA ALA F 115 -8.25 -1.37 -36.39
C ALA F 115 -7.62 -0.40 -35.39
N TYR F 116 -8.48 0.31 -34.67
CA TYR F 116 -8.16 1.21 -33.53
C TYR F 116 -7.30 2.38 -33.97
N ALA F 117 -7.35 2.75 -35.25
CA ALA F 117 -6.79 4.04 -35.69
C ALA F 117 -7.64 5.17 -35.13
N HIS F 118 -7.01 6.31 -34.92
CA HIS F 118 -7.66 7.54 -34.45
C HIS F 118 -7.38 8.67 -35.45
N ILE F 119 -8.45 9.35 -35.86
CA ILE F 119 -8.34 10.55 -36.72
C ILE F 119 -8.94 11.70 -35.96
N GLY F 120 -8.09 12.59 -35.50
CA GLY F 120 -8.41 13.69 -34.60
C GLY F 120 -9.04 14.86 -35.32
N HIS F 121 -9.72 15.72 -34.58
CA HIS F 121 -10.44 16.90 -35.10
C HIS F 121 -9.62 17.64 -36.15
N ASP F 122 -10.26 17.98 -37.27
CA ASP F 122 -9.71 18.92 -38.29
C ASP F 122 -8.56 18.30 -39.10
N SER F 123 -8.40 17.00 -39.00
CA SER F 123 -7.39 16.29 -39.80
C SER F 123 -7.92 16.19 -41.23
N VAL F 124 -7.03 16.22 -42.21
CA VAL F 124 -7.47 16.09 -43.62
C VAL F 124 -6.67 14.94 -44.21
N ILE F 125 -7.36 13.91 -44.67
CA ILE F 125 -6.73 12.72 -45.30
C ILE F 125 -7.11 12.76 -46.78
N GLY F 126 -6.16 12.43 -47.66
CA GLY F 126 -6.36 12.46 -49.11
C GLY F 126 -6.89 11.16 -49.62
N ASN F 127 -6.28 10.63 -50.67
CA ASN F 127 -6.81 9.40 -51.29
C ASN F 127 -5.73 8.34 -51.29
N HIS F 128 -6.13 7.07 -51.30
CA HIS F 128 -5.23 5.89 -51.34
C HIS F 128 -4.27 5.80 -50.15
N CYS F 129 -4.57 6.44 -49.03
CA CYS F 129 -3.71 6.34 -47.82
C CYS F 129 -3.95 5.03 -47.07
N ILE F 130 -2.96 4.61 -46.28
CA ILE F 130 -3.12 3.43 -45.39
C ILE F 130 -2.68 3.86 -43.99
N LEU F 131 -3.60 3.84 -43.03
CA LEU F 131 -3.29 4.09 -41.61
C LEU F 131 -3.41 2.74 -40.95
N VAL F 132 -2.29 2.14 -40.60
CA VAL F 132 -2.24 0.77 -40.03
C VAL F 132 -2.78 0.78 -38.58
N ASN F 133 -2.99 -0.37 -37.95
CA ASN F 133 -3.62 -0.46 -36.61
C ASN F 133 -2.98 0.49 -35.60
N ASN F 134 -3.85 1.22 -34.91
CA ASN F 134 -3.49 2.12 -33.79
C ASN F 134 -2.75 3.38 -34.25
N THR F 135 -2.78 3.73 -35.52
CA THR F 135 -2.21 5.04 -35.92
C THR F 135 -3.04 6.13 -35.25
N ALA F 136 -2.40 7.14 -34.71
CA ALA F 136 -3.13 8.22 -33.99
C ALA F 136 -2.72 9.57 -34.58
N LEU F 137 -3.67 10.30 -35.17
CA LEU F 137 -3.45 11.68 -35.64
C LEU F 137 -4.08 12.62 -34.62
N ALA F 138 -3.27 13.42 -33.91
CA ALA F 138 -3.70 14.22 -32.74
C ALA F 138 -4.75 15.26 -33.10
N GLY F 139 -4.69 15.83 -34.29
CA GLY F 139 -5.64 16.88 -34.71
C GLY F 139 -4.98 17.85 -35.66
N HIS F 140 -5.71 18.36 -36.65
CA HIS F 140 -5.17 19.31 -37.67
C HIS F 140 -3.96 18.68 -38.39
N VAL F 141 -3.96 17.37 -38.57
CA VAL F 141 -2.92 16.62 -39.32
C VAL F 141 -3.41 16.46 -40.78
N HIS F 142 -2.55 16.81 -41.74
CA HIS F 142 -2.78 16.64 -43.19
C HIS F 142 -2.00 15.42 -43.68
N VAL F 143 -2.70 14.39 -44.14
CA VAL F 143 -2.09 13.20 -44.77
C VAL F 143 -2.39 13.30 -46.25
N ASP F 144 -1.33 13.57 -47.02
CA ASP F 144 -1.47 13.68 -48.49
C ASP F 144 -1.48 12.28 -49.11
N ASP F 145 -1.87 12.19 -50.39
CA ASP F 145 -2.22 10.92 -51.07
C ASP F 145 -1.11 9.87 -51.02
N TRP F 146 -1.54 8.62 -50.97
CA TRP F 146 -0.72 7.41 -51.04
C TRP F 146 0.21 7.25 -49.82
N ALA F 147 0.18 8.14 -48.84
CA ALA F 147 1.03 7.97 -47.62
C ALA F 147 0.67 6.67 -46.88
N ILE F 148 1.67 6.01 -46.30
CA ILE F 148 1.43 4.84 -45.43
C ILE F 148 2.01 5.17 -44.06
N LEU F 149 1.16 5.12 -43.05
CA LEU F 149 1.52 5.26 -41.62
C LEU F 149 1.44 3.89 -40.98
N SER F 150 2.59 3.31 -40.70
CA SER F 150 2.62 1.92 -40.24
C SER F 150 2.10 1.87 -38.80
N GLY F 151 1.99 0.65 -38.25
CA GLY F 151 1.25 0.39 -37.02
C GLY F 151 1.72 1.29 -35.89
N TYR F 152 0.79 1.88 -35.15
CA TYR F 152 1.11 2.58 -33.89
C TYR F 152 1.97 3.82 -34.18
N THR F 153 1.82 4.40 -35.36
CA THR F 153 2.41 5.71 -35.70
C THR F 153 1.61 6.79 -35.00
N LEU F 154 2.28 7.69 -34.31
CA LEU F 154 1.67 8.81 -33.58
C LEU F 154 2.03 10.08 -34.34
N VAL F 155 1.09 11.01 -34.47
CA VAL F 155 1.38 12.27 -35.20
C VAL F 155 0.91 13.46 -34.37
N HIS F 156 1.84 14.35 -34.07
CA HIS F 156 1.61 15.60 -33.30
C HIS F 156 0.62 16.50 -34.06
N GLN F 157 -0.16 17.31 -33.34
CA GLN F 157 -1.10 18.21 -34.04
C GLN F 157 -0.36 19.10 -35.03
N TYR F 158 -1.01 19.39 -36.16
CA TYR F 158 -0.63 20.33 -37.25
C TYR F 158 0.47 19.75 -38.16
N CYS F 159 1.00 18.56 -37.87
CA CYS F 159 2.02 17.94 -38.73
C CYS F 159 1.38 17.67 -40.07
N ARG F 160 2.17 17.73 -41.14
CA ARG F 160 1.80 17.33 -42.50
C ARG F 160 2.57 16.07 -42.87
N ILE F 161 1.86 15.08 -43.37
CA ILE F 161 2.47 13.81 -43.87
C ILE F 161 2.42 13.83 -45.40
N GLY F 162 3.57 13.78 -46.07
CA GLY F 162 3.60 14.05 -47.51
C GLY F 162 3.18 12.89 -48.36
N ALA F 163 2.82 13.18 -49.63
CA ALA F 163 2.30 12.17 -50.57
C ALA F 163 3.36 11.10 -50.69
N HIS F 164 2.94 9.85 -50.77
CA HIS F 164 3.80 8.67 -50.96
C HIS F 164 4.81 8.48 -49.83
N SER F 165 4.70 9.17 -48.70
CA SER F 165 5.61 8.93 -47.54
C SER F 165 5.32 7.57 -46.85
N PHE F 166 6.21 7.18 -45.95
CA PHE F 166 6.10 5.94 -45.21
C PHE F 166 6.67 6.22 -43.81
N SER F 167 5.93 5.85 -42.79
CA SER F 167 6.39 5.87 -41.39
C SER F 167 6.45 4.44 -40.92
N GLY F 168 7.58 4.03 -40.35
CA GLY F 168 7.73 2.69 -39.76
C GLY F 168 6.91 2.52 -38.50
N MET F 169 6.74 1.29 -38.12
CA MET F 169 5.87 0.92 -36.96
C MET F 169 6.43 1.61 -35.73
N GLY F 170 5.54 2.25 -34.99
CA GLY F 170 5.90 2.81 -33.69
C GLY F 170 6.55 4.16 -33.87
N SER F 171 6.46 4.79 -35.05
CA SER F 171 6.98 6.15 -35.29
C SER F 171 6.20 7.22 -34.49
N ALA F 172 6.90 8.20 -33.95
CA ALA F 172 6.30 9.36 -33.28
C ALA F 172 6.77 10.61 -34.02
N ILE F 173 5.88 11.18 -34.81
CA ILE F 173 6.14 12.27 -35.78
C ILE F 173 5.74 13.56 -35.08
N GLY F 174 6.70 14.47 -34.93
CA GLY F 174 6.56 15.80 -34.32
C GLY F 174 6.85 16.92 -35.29
N LYS F 175 7.40 16.60 -36.45
CA LYS F 175 7.66 17.62 -37.52
C LYS F 175 7.10 17.06 -38.84
N ASP F 176 7.03 17.90 -39.86
CA ASP F 176 6.44 17.50 -41.15
C ASP F 176 7.27 16.38 -41.77
N VAL F 177 6.59 15.45 -42.44
CA VAL F 177 7.25 14.43 -43.29
C VAL F 177 7.13 14.87 -44.72
N PRO F 178 8.25 15.13 -45.42
CA PRO F 178 8.17 15.53 -46.82
C PRO F 178 7.63 14.39 -47.68
N ALA F 179 7.04 14.75 -48.83
CA ALA F 179 6.61 13.79 -49.85
C ALA F 179 7.74 12.81 -50.13
N TYR F 180 7.39 11.52 -50.26
CA TYR F 180 8.31 10.42 -50.64
C TYR F 180 9.26 10.02 -49.50
N VAL F 181 9.29 10.75 -48.40
CA VAL F 181 10.31 10.46 -47.35
C VAL F 181 9.83 9.28 -46.49
N THR F 182 10.78 8.44 -46.11
CA THR F 182 10.64 7.29 -45.19
C THR F 182 11.16 7.73 -43.82
N VAL F 183 10.36 7.58 -42.76
CA VAL F 183 10.76 7.95 -41.38
C VAL F 183 10.57 6.76 -40.42
N PHE F 184 11.33 6.73 -39.33
CA PHE F 184 11.30 5.64 -38.34
C PHE F 184 11.69 6.22 -37.00
N GLY F 185 11.16 5.66 -35.92
CA GLY F 185 11.64 5.97 -34.57
C GLY F 185 10.74 6.92 -33.80
N ASN F 186 11.02 7.01 -32.50
CA ASN F 186 10.42 7.99 -31.59
C ASN F 186 11.54 8.67 -30.82
N PRO F 187 11.90 9.93 -31.14
CA PRO F 187 11.29 10.69 -32.23
C PRO F 187 11.64 10.27 -33.67
N ALA F 188 10.78 10.60 -34.61
CA ALA F 188 10.94 10.14 -36.00
C ALA F 188 12.26 10.68 -36.57
N GLU F 189 12.89 9.88 -37.40
CA GLU F 189 14.09 10.23 -38.20
C GLU F 189 13.86 9.97 -39.70
N ALA F 190 14.36 10.87 -40.55
CA ALA F 190 14.29 10.71 -42.01
C ALA F 190 15.34 9.67 -42.43
N ARG F 191 14.92 8.54 -42.99
CA ARG F 191 15.89 7.49 -43.31
C ARG F 191 16.33 7.54 -44.79
N SER F 192 15.39 7.59 -45.71
CA SER F 192 15.67 7.73 -47.16
C SER F 192 14.35 8.04 -47.84
N MET F 193 14.27 7.73 -49.12
CA MET F 193 12.99 7.91 -49.82
C MET F 193 12.40 6.53 -50.11
N ASN F 194 11.09 6.49 -50.24
CA ASN F 194 10.29 5.27 -50.46
C ASN F 194 10.45 4.87 -51.94
N PHE F 195 11.68 4.50 -52.35
CA PHE F 195 12.02 4.25 -53.77
C PHE F 195 11.35 2.96 -54.26
N GLU F 196 11.14 2.01 -53.36
CA GLU F 196 10.43 0.74 -53.64
C GLU F 196 8.99 1.09 -54.00
N GLY F 197 8.27 1.75 -53.10
CA GLY F 197 6.90 2.27 -53.33
C GLY F 197 6.77 2.96 -54.69
N MET F 198 7.62 3.95 -54.99
CA MET F 198 7.62 4.69 -56.26
C MET F 198 7.72 3.73 -57.46
N ARG F 199 8.70 2.82 -57.45
CA ARG F 199 8.90 1.78 -58.50
C ARG F 199 7.61 1.01 -58.73
N ARG F 200 7.03 0.42 -57.68
CA ARG F 200 5.77 -0.37 -57.75
C ARG F 200 4.60 0.53 -58.19
N ARG F 201 4.57 1.81 -57.81
CA ARG F 201 3.46 2.72 -58.20
C ARG F 201 3.65 3.15 -59.65
N GLY F 202 4.86 2.90 -60.18
CA GLY F 202 5.20 2.98 -61.61
C GLY F 202 5.68 4.35 -61.99
N PHE F 203 6.34 5.06 -61.08
CA PHE F 203 7.10 6.31 -61.33
C PHE F 203 8.24 6.00 -62.31
N SER F 204 8.63 6.99 -63.10
CA SER F 204 9.69 6.90 -64.13
C SER F 204 11.05 6.87 -63.41
N SER F 205 12.03 6.15 -63.98
CA SER F 205 13.41 6.06 -63.46
C SER F 205 14.01 7.46 -63.34
N GLU F 206 13.71 8.35 -64.29
CA GLU F 206 14.27 9.73 -64.31
C GLU F 206 13.65 10.52 -63.16
N ALA F 207 12.37 10.31 -62.86
CA ALA F 207 11.71 11.04 -61.75
C ALA F 207 12.33 10.55 -60.43
N ILE F 208 12.58 9.25 -60.32
CA ILE F 208 13.26 8.66 -59.14
C ILE F 208 14.65 9.26 -58.96
N HIS F 209 15.47 9.37 -60.02
CA HIS F 209 16.84 9.92 -59.91
C HIS F 209 16.78 11.39 -59.55
N ALA F 210 15.84 12.11 -60.16
CA ALA F 210 15.62 13.54 -59.84
C ALA F 210 15.31 13.66 -58.33
N LEU F 211 14.54 12.73 -57.77
CA LEU F 211 14.11 12.76 -56.34
C LEU F 211 15.30 12.41 -55.43
N ARG F 212 16.13 11.45 -55.85
CA ARG F 212 17.42 11.13 -55.17
C ARG F 212 18.24 12.41 -54.99
N ARG F 213 18.42 13.23 -56.03
CA ARG F 213 19.28 14.45 -55.91
C ARG F 213 18.59 15.47 -55.02
N ALA F 214 17.26 15.58 -55.13
CA ALA F 214 16.44 16.48 -54.27
C ALA F 214 16.71 16.17 -52.79
N TYR F 215 16.72 14.89 -52.42
CA TYR F 215 16.94 14.46 -51.02
C TYR F 215 18.31 14.98 -50.55
N LYS F 216 19.35 14.78 -51.36
CA LYS F 216 20.72 15.26 -51.02
C LYS F 216 20.68 16.78 -50.80
N VAL F 217 20.03 17.53 -51.68
CA VAL F 217 20.03 19.02 -51.60
C VAL F 217 19.44 19.42 -50.25
N VAL F 218 18.30 18.81 -49.89
CA VAL F 218 17.62 19.17 -48.62
C VAL F 218 18.44 18.63 -47.44
N TYR F 219 18.90 17.39 -47.47
CA TYR F 219 19.31 16.69 -46.23
C TYR F 219 20.85 16.60 -46.09
N ARG F 220 21.61 16.63 -47.19
CA ARG F 220 23.02 16.17 -47.17
C ARG F 220 24.04 17.26 -47.55
N GLN F 221 23.62 18.45 -47.99
CA GLN F 221 24.54 19.48 -48.55
C GLN F 221 24.59 20.72 -47.63
N GLY F 222 24.43 20.52 -46.32
CA GLY F 222 24.59 21.55 -45.29
C GLY F 222 23.68 22.78 -45.48
N HIS F 223 22.83 22.82 -46.51
CA HIS F 223 22.00 24.02 -46.87
C HIS F 223 21.02 24.36 -45.77
N THR F 224 20.53 25.60 -45.74
CA THR F 224 19.28 26.00 -45.04
C THR F 224 18.13 25.49 -45.89
N VAL F 225 16.90 25.56 -45.36
CA VAL F 225 15.65 25.26 -46.11
C VAL F 225 15.54 26.27 -47.26
N GLU F 226 15.80 27.55 -47.00
CA GLU F 226 15.81 28.64 -48.02
C GLU F 226 16.77 28.25 -49.15
N GLU F 227 18.06 28.10 -48.82
CA GLU F 227 19.11 27.61 -49.76
C GLU F 227 18.51 26.47 -50.59
N ALA F 228 17.96 25.45 -49.91
CA ALA F 228 17.49 24.16 -50.50
C ALA F 228 16.34 24.35 -51.50
N LEU F 229 15.30 25.12 -51.15
CA LEU F 229 14.18 25.43 -52.07
C LEU F 229 14.71 26.13 -53.33
N ALA F 230 15.61 27.11 -53.16
CA ALA F 230 16.31 27.80 -54.28
C ALA F 230 16.92 26.75 -55.22
N GLU F 231 17.76 25.85 -54.68
CA GLU F 231 18.49 24.82 -55.47
C GLU F 231 17.53 23.88 -56.22
N LEU F 232 16.31 23.62 -55.70
CA LEU F 232 15.34 22.62 -56.27
C LEU F 232 14.47 23.24 -57.37
N ALA F 233 14.47 24.57 -57.50
CA ALA F 233 13.51 25.33 -58.35
C ALA F 233 13.54 24.73 -59.75
N GLU F 234 14.75 24.50 -60.26
CA GLU F 234 15.03 24.04 -61.63
C GLU F 234 14.55 22.58 -61.85
N SER F 235 14.87 21.69 -60.91
CA SER F 235 14.47 20.26 -61.03
C SER F 235 12.95 20.15 -60.89
N ALA F 236 12.38 20.95 -59.99
CA ALA F 236 10.92 21.03 -59.71
C ALA F 236 10.19 21.37 -61.00
N ALA F 237 10.74 22.31 -61.80
CA ALA F 237 10.20 22.66 -63.14
C ALA F 237 10.16 21.43 -64.05
N GLN F 238 11.18 20.57 -63.99
CA GLN F 238 11.36 19.51 -65.01
C GLN F 238 10.56 18.26 -64.66
N PHE F 239 10.31 18.01 -63.38
CA PHE F 239 9.66 16.75 -62.90
C PHE F 239 8.58 17.12 -61.89
N PRO F 240 7.28 16.88 -62.20
CA PRO F 240 6.20 17.23 -61.27
C PRO F 240 6.35 16.50 -59.92
N GLU F 241 7.06 15.36 -59.89
CA GLU F 241 7.35 14.62 -58.63
C GLU F 241 8.25 15.46 -57.75
N VAL F 242 9.26 16.11 -58.32
CA VAL F 242 10.19 16.95 -57.48
C VAL F 242 9.43 18.18 -57.00
N ALA F 243 8.42 18.63 -57.76
CA ALA F 243 7.61 19.81 -57.35
C ALA F 243 6.82 19.45 -56.08
N VAL F 244 6.22 18.26 -56.05
CA VAL F 244 5.45 17.71 -54.88
C VAL F 244 6.38 17.69 -53.69
N PHE F 245 7.61 17.17 -53.88
CA PHE F 245 8.66 17.17 -52.84
C PHE F 245 8.91 18.62 -52.41
N ARG F 246 9.22 19.48 -53.37
CA ARG F 246 9.60 20.89 -53.05
C ARG F 246 8.44 21.56 -52.31
N ASP F 247 7.21 21.44 -52.86
CA ASP F 247 5.95 21.94 -52.24
C ASP F 247 5.90 21.50 -50.77
N SER F 248 6.13 20.21 -50.47
CA SER F 248 6.01 19.69 -49.07
C SER F 248 7.06 20.34 -48.14
N ILE F 249 8.28 20.60 -48.61
CA ILE F 249 9.29 21.33 -47.79
C ILE F 249 8.87 22.80 -47.65
N GLN F 250 8.40 23.42 -48.72
CA GLN F 250 7.93 24.83 -48.66
C GLN F 250 6.78 24.99 -47.66
N SER F 251 5.87 24.01 -47.56
CA SER F 251 4.61 24.12 -46.76
C SER F 251 4.76 23.58 -45.32
N ALA F 252 6.00 23.37 -44.89
CA ALA F 252 6.29 22.78 -43.56
C ALA F 252 6.28 23.86 -42.48
N THR F 253 5.18 23.91 -41.76
CA THR F 253 4.91 24.87 -40.66
C THR F 253 5.82 24.65 -39.45
N ARG F 254 6.18 23.41 -39.15
CA ARG F 254 6.96 23.18 -37.91
C ARG F 254 8.39 22.72 -38.20
N GLY F 255 8.98 22.96 -39.39
CA GLY F 255 10.27 22.34 -39.79
C GLY F 255 10.06 20.93 -40.36
N ILE F 256 11.07 20.31 -40.98
CA ILE F 256 10.92 18.94 -41.56
C ILE F 256 11.57 17.94 -40.61
N THR F 257 11.16 16.67 -40.71
CA THR F 257 11.77 15.56 -39.95
C THR F 257 13.19 15.42 -40.50
N ARG F 258 14.21 15.43 -39.65
CA ARG F 258 15.65 15.33 -40.06
C ARG F 258 16.17 13.91 -39.77
C1 GOL G . 21.87 -6.96 23.48
O1 GOL G . 20.86 -7.94 23.36
C2 GOL G . 22.68 -7.10 24.76
O2 GOL G . 23.18 -8.43 24.87
C3 GOL G . 23.82 -6.12 24.86
O3 GOL G . 24.77 -6.51 25.84
O01 F9H H . 15.36 2.17 23.47
C02 F9H H . 15.12 1.25 22.78
C03 F9H H . 13.68 1.06 22.44
C04 F9H H . 12.73 2.03 22.29
C05 F9H H . 11.39 1.68 22.24
C06 F9H H . 10.93 0.42 22.47
C07 F9H H . 11.85 -0.56 22.68
C08 F9H H . 11.33 -1.98 22.89
F09 F9H H . 11.13 -2.57 21.66
F10 F9H H . 10.13 -1.86 23.54
F11 F9H H . 12.19 -2.75 23.64
C12 F9H H . 13.20 -0.24 22.75
N13 F9H H . 16.13 0.29 22.60
C14 F9H H . 17.44 0.20 23.26
C15 F9H H . 18.03 -1.02 22.95
C16 F9H H . 19.24 -1.42 23.52
C17 F9H H . 19.76 -0.64 24.54
C18 F9H H . 19.11 0.49 24.97
C19 F9H H . 17.94 0.89 24.37
C20 F9H H . 17.25 -1.49 21.79
C21 F9H H . 16.69 -2.79 22.40
N22 F9H H . 17.61 -3.91 22.39
C23 F9H H . 17.23 -5.08 23.01
N24 F9H H . 16.34 -5.11 23.98
N25 F9H H . 16.22 -6.42 24.39
N26 F9H H . 17.07 -7.15 23.66
N27 F9H H . 17.72 -6.31 22.83
O28 F9H H . 15.52 -2.88 22.80
N29 F9H H . 18.03 -1.85 20.64
C30 F9H H . 19.36 -1.45 20.33
C31 F9H H . 19.64 -1.82 18.88
C32 F9H H . 20.00 -0.67 17.93
C33 F9H H . 20.79 -2.86 18.73
O34 F9H H . 18.40 -2.33 18.39
C35 F9H H . 17.47 -2.45 19.45
O36 F9H H . 16.39 -2.86 19.37
C37 F9H H . 15.93 -0.85 21.79
C TRS I . 9.10 -25.67 13.01
C1 TRS I . 10.00 -24.77 13.86
C2 TRS I . 8.24 -24.81 12.08
C3 TRS I . 8.27 -26.68 13.82
N TRS I . 10.03 -26.52 12.14
O1 TRS I . 10.83 -23.92 13.06
O2 TRS I . 7.32 -23.94 12.75
O3 TRS I . 7.81 -26.24 15.09
C1 GOL J . 2.77 -25.78 6.69
O1 GOL J . 3.95 -26.56 6.61
C2 GOL J . 2.27 -25.67 8.11
O2 GOL J . 3.31 -25.83 9.06
C3 GOL J . 1.52 -24.39 8.37
O3 GOL J . 0.42 -24.30 7.48
O01 F9H K . 1.49 -3.36 42.61
C02 F9H K . 2.62 -3.76 42.50
C03 F9H K . 3.49 -3.10 41.48
C04 F9H K . 3.57 -1.75 41.21
C05 F9H K . 4.23 -1.31 40.09
C06 F9H K . 4.78 -2.19 39.16
C07 F9H K . 4.63 -3.55 39.34
C08 F9H K . 5.24 -4.46 38.27
F09 F9H K . 6.59 -4.56 38.38
F10 F9H K . 4.89 -3.99 37.06
F11 F9H K . 4.82 -5.74 38.36
C12 F9H K . 3.94 -4.00 40.46
N13 F9H K . 2.97 -5.00 43.16
C14 F9H K . 1.98 -5.91 43.81
C15 F9H K . 2.59 -7.15 44.03
C16 F9H K . 1.87 -8.24 44.54
C17 F9H K . 0.47 -8.13 44.63
C18 F9H K . -0.18 -6.95 44.28
C19 F9H K . 0.56 -5.87 43.82
C20 F9H K . 4.02 -6.84 43.85
C21 F9H K . 4.28 -7.86 42.71
N22 F9H K . 4.51 -9.28 43.04
C23 F9H K . 4.60 -10.26 41.99
N24 F9H K . 5.42 -11.36 41.86
N25 F9H K . 5.10 -12.01 40.68
N26 F9H K . 4.10 -11.33 40.11
N27 F9H K . 3.76 -10.25 40.93
O28 F9H K . 4.22 -7.47 41.53
N29 F9H K . 4.86 -7.15 44.88
C30 F9H K . 4.42 -7.25 46.21
C31 F9H K . 5.64 -7.39 47.05
C32 F9H K . 5.62 -6.39 48.24
C33 F9H K . 5.79 -8.82 47.58
O34 F9H K . 6.76 -7.20 46.16
C35 F9H K . 6.33 -7.12 44.80
O36 F9H K . 7.00 -6.95 43.82
C37 F9H K . 4.25 -5.65 43.08
O01 F9H L . 0.92 -6.20 47.31
C02 F9H L . 0.05 -6.90 47.74
C03 F9H L . 0.42 -8.40 48.03
C04 F9H L . 1.71 -8.65 48.54
C05 F9H L . 2.12 -9.95 48.76
C06 F9H L . 1.28 -11.02 48.45
C07 F9H L . -0.02 -10.81 47.93
C08 F9H L . -0.92 -12.05 47.59
F09 F9H L . -0.13 -13.18 47.44
F10 F9H L . -1.61 -11.79 46.44
F11 F9H L . -1.93 -12.33 48.48
C12 F9H L . -0.43 -9.47 47.72
N13 F9H L . -1.26 -6.27 47.78
C14 F9H L . -1.51 -4.81 47.47
C15 F9H L . -2.50 -4.36 48.36
C16 F9H L . -2.93 -3.02 48.40
C17 F9H L . -2.40 -2.16 47.45
C18 F9H L . -1.44 -2.60 46.50
C19 F9H L . -0.98 -3.92 46.50
C20 F9H L . -2.65 -5.59 49.16
C21 F9H L . -4.16 -5.71 49.60
N22 F9H L . -4.60 -5.16 50.90
C23 F9H L . -5.97 -5.33 51.33
N24 F9H L . -6.89 -4.38 51.43
N25 F9H L . -8.01 -5.00 51.89
N26 F9H L . -7.77 -6.28 52.06
N27 F9H L . -6.49 -6.50 51.73
O28 F9H L . -5.00 -6.26 48.95
N29 F9H L . -1.99 -5.44 50.41
C30 F9H L . -1.45 -4.24 51.03
C31 F9H L . -0.17 -4.69 51.68
C32 F9H L . 0.04 -3.97 53.03
C33 F9H L . 1.06 -4.52 50.74
O34 F9H L . -0.36 -6.07 51.96
C35 F9H L . -1.55 -6.56 51.26
O36 F9H L . -2.06 -7.65 51.31
C37 F9H L . -2.54 -6.75 48.29
O01 F9H M . -7.24 -5.60 20.18
C02 F9H M . -7.46 -6.44 20.99
C03 F9H M . -7.24 -6.05 22.39
C04 F9H M . -7.72 -4.93 22.95
C05 F9H M . -7.27 -4.61 24.22
C06 F9H M . -6.26 -5.33 24.86
C07 F9H M . -5.73 -6.42 24.23
C08 F9H M . -4.59 -7.13 24.99
F09 F9H M . -3.97 -8.20 24.36
F10 F9H M . -3.73 -6.08 25.19
F11 F9H M . -4.99 -7.53 26.22
C12 F9H M . -6.16 -6.75 22.99
N13 F9H M . -7.62 -7.79 20.54
C14 F9H M . -7.51 -8.19 19.10
C15 F9H M . -7.45 -9.56 19.03
C16 F9H M . -7.31 -10.22 17.78
C17 F9H M . -7.04 -9.49 16.62
C18 F9H M . -6.97 -8.10 16.70
C19 F9H M . -7.17 -7.47 17.93
C20 F9H M . -7.81 -9.97 20.41
C21 F9H M . -6.41 -10.53 20.80
N22 F9H M . -6.19 -11.93 20.49
C23 F9H M . -4.98 -12.62 20.75
N24 F9H M . -4.85 -13.96 20.89
N25 F9H M . -3.53 -14.25 21.10
N26 F9H M . -2.88 -13.08 21.07
N27 F9H M . -3.78 -12.07 20.86
O28 F9H M . -5.57 -9.81 21.28
N29 F9H M . -8.78 -10.98 20.52
C30 F9H M . -9.66 -11.30 19.44
C31 F9H M . -10.78 -12.11 20.00
C32 F9H M . -10.69 -13.53 19.41
C33 F9H M . -12.18 -11.48 19.72
O34 F9H M . -10.57 -12.20 21.41
C35 F9H M . -9.26 -11.66 21.74
O36 F9H M . -8.73 -11.69 22.82
C37 F9H M . -7.83 -8.91 21.44
O01 F9H N . -4.71 14.66 -26.56
C02 F9H N . -3.96 14.83 -27.47
C03 F9H N . -4.05 13.76 -28.49
C04 F9H N . -5.20 13.13 -28.96
C05 F9H N . -5.01 12.01 -29.74
C06 F9H N . -3.78 11.43 -30.00
C07 F9H N . -2.64 12.01 -29.49
C08 F9H N . -1.27 11.39 -29.77
F09 F9H N . -0.32 11.69 -28.80
F10 F9H N . -1.49 10.05 -29.76
F11 F9H N . -0.83 11.66 -31.04
C12 F9H N . -2.80 13.11 -28.69
N13 F9H N . -2.89 15.83 -27.33
C14 F9H N . -2.59 16.62 -26.10
C15 F9H N . -1.35 17.20 -26.24
C16 F9H N . -0.78 17.92 -25.19
C17 F9H N . -1.37 17.90 -23.93
C18 F9H N . -2.53 17.16 -23.73
C19 F9H N . -3.10 16.47 -24.79
C20 F9H N . -1.10 17.08 -27.67
C21 F9H N . 0.16 16.20 -27.64
N22 F9H N . 1.41 16.79 -27.24
C23 F9H N . 2.64 16.03 -27.15
N24 F9H N . 2.72 14.76 -26.81
N25 F9H N . 4.02 14.42 -26.80
N26 F9H N . 4.75 15.44 -27.17
N27 F9H N . 3.88 16.44 -27.37
O28 F9H N . 0.14 15.02 -27.97
N29 F9H N . -0.81 18.28 -28.37
C30 F9H N . -1.16 19.59 -27.92
C31 F9H N . -0.65 20.58 -28.93
C32 F9H N . 0.57 21.41 -28.43
C33 F9H N . -1.78 21.56 -29.28
O34 F9H N . -0.22 19.78 -30.08
C35 F9H N . -0.29 18.35 -29.76
O36 F9H N . 0.01 17.38 -30.45
C37 F9H N . -1.92 16.11 -28.32
O01 F9H O . 0.59 -7.44 -18.21
C02 F9H O . 1.06 -6.44 -17.80
C03 F9H O . 0.38 -5.11 -18.14
C04 F9H O . -0.96 -4.80 -18.09
C05 F9H O . -1.36 -3.56 -18.60
C06 F9H O . -0.52 -2.70 -19.27
C07 F9H O . 0.78 -3.06 -19.41
C08 F9H O . 1.74 -2.12 -20.16
F09 F9H O . 2.96 -2.70 -20.51
F10 F9H O . 1.07 -1.73 -21.32
F11 F9H O . 1.99 -1.06 -19.32
C12 F9H O . 1.22 -4.27 -18.88
N13 F9H O . 2.38 -6.50 -17.24
C14 F9H O . 3.22 -7.73 -17.28
C15 F9H O . 4.53 -7.42 -16.91
C16 F9H O . 5.61 -8.37 -16.94
C17 F9H O . 5.37 -9.59 -17.57
C18 F9H O . 4.08 -9.90 -18.06
C19 F9H O . 3.01 -8.96 -17.96
C20 F9H O . 4.34 -6.06 -16.35
C21 F9H O . 5.26 -5.40 -17.42
N22 F9H O . 6.72 -5.47 -17.26
C23 F9H O . 7.66 -4.93 -18.23
N24 F9H O . 7.47 -4.89 -19.57
N25 F9H O . 8.58 -4.38 -20.16
N26 F9H O . 9.46 -4.09 -19.20
N27 F9H O . 8.90 -4.44 -18.00
O28 F9H O . 4.77 -4.83 -18.39
N29 F9H O . 5.01 -5.75 -15.17
C30 F9H O . 5.53 -6.77 -14.35
C31 F9H O . 5.66 -6.19 -13.00
C32 F9H O . 7.08 -6.55 -12.48
C33 F9H O . 4.54 -6.65 -12.05
O34 F9H O . 5.51 -4.80 -13.15
C35 F9H O . 5.18 -4.46 -14.53
O36 F9H O . 5.03 -3.38 -15.02
C37 F9H O . 3.14 -5.37 -16.80
O01 F9H P . 3.92 -10.09 -14.87
C02 F9H P . 4.53 -11.14 -14.97
C03 F9H P . 6.06 -11.17 -14.81
C04 F9H P . 6.66 -10.45 -13.77
C05 F9H P . 8.05 -10.42 -13.62
C06 F9H P . 8.84 -11.11 -14.56
C07 F9H P . 8.25 -11.84 -15.60
C08 F9H P . 9.14 -12.61 -16.59
F09 F9H P . 8.82 -13.97 -16.62
F10 F9H P . 8.95 -12.11 -17.83
F11 F9H P . 10.46 -12.44 -16.23
C12 F9H P . 6.86 -11.85 -15.74
N13 F9H P . 3.77 -12.31 -15.40
C14 F9H P . 2.27 -12.39 -15.63
C15 F9H P . 1.87 -13.67 -15.25
C16 F9H P . 0.49 -14.00 -15.32
C17 F9H P . -0.42 -13.06 -15.86
C18 F9H P . 0.00 -11.77 -16.27
C19 F9H P . 1.35 -11.44 -16.17
C20 F9H P . 3.14 -14.22 -14.73
C21 F9H P . 3.15 -15.71 -15.17
N22 F9H P . 2.94 -16.74 -14.17
C23 F9H P . 2.94 -18.14 -14.47
N24 F9H P . 3.98 -18.83 -14.93
N25 F9H P . 3.54 -20.10 -15.06
N26 F9H P . 2.26 -20.18 -14.63
N27 F9H P . 1.88 -18.95 -14.27
O28 F9H P . 3.33 -16.05 -16.31
N29 F9H P . 2.99 -14.18 -13.30
C30 F9H P . 3.99 -13.96 -12.30
C31 F9H P . 3.29 -13.20 -11.18
C32 F9H P . 3.59 -13.77 -9.78
C33 F9H P . 3.56 -11.69 -11.25
O34 F9H P . 1.88 -13.29 -11.35
C35 F9H P . 1.70 -14.16 -12.51
O36 F9H P . 0.67 -14.73 -12.71
C37 F9H P . 4.23 -13.69 -15.54
O01 F9H Q . -0.30 -3.18 -41.87
C02 F9H Q . 0.47 -3.97 -41.43
C03 F9H Q . 0.11 -4.49 -40.06
C04 F9H Q . -1.03 -5.14 -39.68
C05 F9H Q . -1.20 -5.43 -38.32
C06 F9H Q . -0.31 -5.00 -37.33
C07 F9H Q . 0.80 -4.29 -37.75
C08 F9H Q . 1.73 -3.80 -36.67
F09 F9H Q . 0.85 -3.07 -35.92
F10 F9H Q . 2.74 -2.97 -37.14
F11 F9H Q . 2.25 -4.89 -36.04
C12 F9H Q . 1.00 -4.01 -39.09
N13 F9H Q . 1.69 -4.14 -42.16
C14 F9H Q . 1.88 -3.26 -43.34
C15 F9H Q . 3.24 -3.21 -43.57
C16 F9H Q . 3.80 -2.41 -44.61
C17 F9H Q . 2.97 -1.56 -45.30
C18 F9H Q . 1.58 -1.51 -45.01
C19 F9H Q . 1.04 -2.32 -44.04
C20 F9H Q . 3.74 -4.26 -42.68
C21 F9H Q . 4.58 -3.37 -41.72
N22 F9H Q . 5.90 -2.94 -42.18
C23 F9H Q . 6.76 -2.12 -41.38
N24 F9H Q . 8.09 -2.17 -41.36
N25 F9H Q . 8.56 -1.20 -40.51
N26 F9H Q . 7.48 -0.57 -40.02
N27 F9H Q . 6.36 -1.14 -40.58
O28 F9H Q . 4.20 -3.04 -40.64
N29 F9H Q . 4.66 -5.19 -43.23
C30 F9H Q . 4.73 -5.35 -44.64
C31 F9H Q . 5.52 -6.58 -44.89
C32 F9H Q . 4.73 -7.60 -45.74
C33 F9H Q . 6.82 -6.15 -45.57
O34 F9H Q . 5.82 -7.19 -43.61
C35 F9H Q . 5.47 -6.22 -42.56
O36 F9H Q . 5.73 -6.34 -41.38
C37 F9H Q . 2.87 -5.00 -41.84
#